data_5VJQ
#
_entry.id   5VJQ
#
_cell.length_a   88.650
_cell.length_b   132.660
_cell.length_c   199.110
_cell.angle_alpha   90.000
_cell.angle_beta   90.000
_cell.angle_gamma   90.000
#
_symmetry.space_group_name_H-M   'P 21 21 21'
#
loop_
_entity.id
_entity.type
_entity.pdbx_description
1 polymer 'HyHEL10 heavy chain Fab fragment carrying three mutations; I29F, S52T, Y53F'
2 polymer 'HyHEL10 light chain Fab fragment'
3 polymer Lysozyme
4 non-polymer 'CHLORIDE ION'
5 non-polymer GLYCEROL
6 water water
#
loop_
_entity_poly.entity_id
_entity_poly.type
_entity_poly.pdbx_seq_one_letter_code
_entity_poly.pdbx_strand_id
1 'polypeptide(L)'
;DVQLQESGPSLVKPSQTLSLTCSVTGDSFTSDYWSWIRKFPGNRLEYMGYVTFSGSTYYNPSLKSRISITRDTSKNQYYL
DLNSVTTEDTATYYCANWDGDYWGQGTLVTVSAAKTTPPSVYPLAPGSAAQTNSMVTLGCLVKGYFPEPVTVTWNSGSLS
SGVHTFPAVLQSDLYTLSSSVTVPSSTWPSETVTCNVAHPASSTKVDKKIVPR
;
A,C,E,G
2 'polypeptide(L)'
;DIVLTQSPATLSVTPGNSVSLSCRASQSIGNNLHWYQQKSHESPRLLIKYASQSISGIPSRFSGSGSGTDFTLSINSVET
EDFGMYFCQQSNSWPYTFGGGTKLEIKRADAAPTVSIFPPSSEQLTSGGASVVCFLNNFYPKDINVKWKIDGSERQNGVL
NSWTDQDSKDSTYSMSSTLTLTKDEYERHNSYTCEATHKTSTSPIVKSFNRNE
;
B,D,F,H
3 'polypeptide(L)'
;KVYSRCELAAAMKRLGLDNYRGYSLGNWVCAANYESSFNTQATNRNTDGSTDYGILQINSRWWCDDGKTPGSKNACGIPC
SVLLRSDITEAVRCAKRIVSDGNGMNAWVAWRNRCRGTDVSKWIRGCRL
;
I,J,K,L
#
loop_
_chem_comp.id
_chem_comp.type
_chem_comp.name
_chem_comp.formula
CL non-polymer 'CHLORIDE ION' 'Cl -1'
GOL non-polymer GLYCEROL 'C3 H8 O3'
#
# COMPACT_ATOMS: atom_id res chain seq x y z
N ASP A 1 3.82 23.68 -12.37
CA ASP A 1 2.60 23.37 -13.14
C ASP A 1 2.45 21.87 -13.36
N VAL A 2 1.22 21.47 -13.66
CA VAL A 2 0.90 20.09 -14.01
C VAL A 2 0.68 20.01 -15.51
N GLN A 3 1.56 19.28 -16.20
CA GLN A 3 1.45 19.08 -17.66
C GLN A 3 1.37 17.60 -17.95
N LEU A 4 0.52 17.26 -18.91
CA LEU A 4 0.26 15.89 -19.30
C LEU A 4 0.66 15.70 -20.76
N GLN A 5 1.21 14.52 -21.05
CA GLN A 5 1.47 14.11 -22.43
C GLN A 5 1.20 12.61 -22.64
N GLU A 6 0.34 12.31 -23.62
CA GLU A 6 0.01 10.97 -24.05
C GLU A 6 1.08 10.41 -24.94
N SER A 7 1.26 9.09 -24.91
CA SER A 7 2.08 8.42 -25.93
C SER A 7 1.60 7.01 -26.11
N GLY A 8 1.99 6.44 -27.24
CA GLY A 8 1.55 5.12 -27.66
C GLY A 8 1.39 5.08 -29.16
N PRO A 9 0.96 3.93 -29.69
CA PRO A 9 0.93 3.71 -31.15
C PRO A 9 -0.20 4.47 -31.84
N SER A 10 0.00 4.85 -33.10
CA SER A 10 -1.08 5.46 -33.83
C SER A 10 -1.88 4.42 -34.63
N LEU A 11 -1.38 3.18 -34.72
CA LEU A 11 -2.09 2.11 -35.43
C LEU A 11 -2.03 0.78 -34.67
N VAL A 12 -3.20 0.18 -34.42
CA VAL A 12 -3.35 -1.09 -33.72
C VAL A 12 -4.24 -1.96 -34.59
N LYS A 13 -4.01 -3.27 -34.62
CA LYS A 13 -4.87 -4.16 -35.41
C LYS A 13 -6.05 -4.64 -34.57
N PRO A 14 -7.20 -4.92 -35.23
CA PRO A 14 -8.31 -5.51 -34.53
C PRO A 14 -7.88 -6.75 -33.74
N SER A 15 -8.45 -6.87 -32.53
CA SER A 15 -8.18 -7.94 -31.57
C SER A 15 -6.91 -7.76 -30.70
N GLN A 16 -6.02 -6.81 -31.06
CA GLN A 16 -4.85 -6.50 -30.23
C GLN A 16 -5.26 -5.60 -29.05
N THR A 17 -4.30 -5.37 -28.15
CA THR A 17 -4.51 -4.53 -26.98
C THR A 17 -3.99 -3.16 -27.35
N LEU A 18 -4.78 -2.12 -27.08
CA LEU A 18 -4.34 -0.73 -27.19
C LEU A 18 -3.73 -0.27 -25.88
N SER A 19 -2.47 0.15 -25.93
CA SER A 19 -1.74 0.53 -24.73
C SER A 19 -1.23 1.98 -24.86
N LEU A 20 -1.77 2.86 -24.03
CA LEU A 20 -1.37 4.26 -24.00
C LEU A 20 -0.78 4.59 -22.65
N THR A 21 0.01 5.64 -22.65
CA THR A 21 0.61 6.14 -21.44
C THR A 21 0.36 7.65 -21.35
N CYS A 22 0.21 8.13 -20.12
CA CYS A 22 0.06 9.55 -19.84
C CYS A 22 1.15 9.86 -18.84
N SER A 23 2.08 10.73 -19.23
CA SER A 23 3.21 11.15 -18.41
C SER A 23 2.90 12.54 -17.82
N VAL A 24 3.07 12.66 -16.51
CA VAL A 24 2.68 13.82 -15.75
C VAL A 24 3.88 14.52 -15.12
N THR A 25 3.94 15.84 -15.24
CA THR A 25 4.95 16.65 -14.53
C THR A 25 4.39 17.09 -13.18
N GLY A 26 5.31 17.55 -12.34
CA GLY A 26 4.95 18.06 -11.04
C GLY A 26 4.85 17.02 -9.95
N ASP A 27 4.37 17.48 -8.80
CA ASP A 27 4.32 16.70 -7.58
C ASP A 27 2.90 16.36 -7.11
N SER A 28 1.89 16.65 -7.94
CA SER A 28 0.47 16.36 -7.63
C SER A 28 0.04 14.89 -7.87
N PHE A 29 0.83 14.14 -8.62
CA PHE A 29 0.37 12.88 -9.22
C PHE A 29 -0.26 11.88 -8.24
N THR A 30 0.39 11.66 -7.10
CA THR A 30 -0.08 10.67 -6.15
C THR A 30 -1.21 11.21 -5.29
N SER A 31 -1.63 12.45 -5.53
CA SER A 31 -2.72 13.09 -4.79
C SER A 31 -4.02 13.21 -5.62
N ASP A 32 -3.94 13.04 -6.93
CA ASP A 32 -5.08 13.29 -7.82
C ASP A 32 -5.72 11.99 -8.33
N TYR A 33 -6.82 12.14 -9.05
CA TYR A 33 -7.43 11.03 -9.75
C TYR A 33 -7.20 11.31 -11.23
N TRP A 34 -7.02 10.26 -12.00
CA TRP A 34 -6.48 10.35 -13.35
C TRP A 34 -7.37 9.63 -14.34
N SER A 35 -7.71 10.32 -15.45
CA SER A 35 -8.80 9.89 -16.32
C SER A 35 -8.34 9.72 -17.74
N TRP A 36 -9.15 8.96 -18.49
CA TRP A 36 -9.05 8.87 -19.94
C TRP A 36 -10.39 9.19 -20.53
N ILE A 37 -10.33 9.97 -21.62
CA ILE A 37 -11.50 10.37 -22.37
C ILE A 37 -11.16 10.17 -23.85
N ARG A 38 -12.13 9.79 -24.66
CA ARG A 38 -11.87 9.67 -26.08
C ARG A 38 -12.96 10.38 -26.89
N LYS A 39 -12.56 10.83 -28.08
CA LYS A 39 -13.42 11.56 -28.99
C LYS A 39 -13.55 10.83 -30.30
N PHE A 40 -14.79 10.54 -30.66
CA PHE A 40 -15.10 9.91 -31.96
C PHE A 40 -15.49 10.96 -32.98
N PRO A 41 -15.49 10.58 -34.27
CA PRO A 41 -15.98 11.57 -35.26
C PRO A 41 -17.43 11.95 -35.00
N GLY A 42 -17.81 13.15 -35.39
CA GLY A 42 -19.13 13.69 -35.05
C GLY A 42 -19.18 14.29 -33.65
N ASN A 43 -18.01 14.61 -33.09
CA ASN A 43 -17.92 15.34 -31.83
C ASN A 43 -18.59 14.57 -30.69
N ARG A 44 -18.38 13.26 -30.68
CA ARG A 44 -18.96 12.37 -29.70
C ARG A 44 -17.85 12.07 -28.69
N LEU A 45 -17.99 12.62 -27.49
CA LEU A 45 -17.03 12.42 -26.40
C LEU A 45 -17.52 11.31 -25.47
N GLU A 46 -16.58 10.45 -25.10
CA GLU A 46 -16.86 9.34 -24.16
C GLU A 46 -15.90 9.34 -22.97
N TYR A 47 -16.43 9.39 -21.75
CA TYR A 47 -15.59 9.36 -20.57
C TYR A 47 -15.27 7.88 -20.38
N MET A 48 -14.00 7.47 -20.44
CA MET A 48 -13.67 6.04 -20.37
C MET A 48 -13.59 5.54 -18.94
N GLY A 49 -13.03 6.34 -18.06
CA GLY A 49 -12.77 5.91 -16.72
C GLY A 49 -11.75 6.75 -16.00
N TYR A 50 -11.60 6.42 -14.72
CA TYR A 50 -10.57 7.02 -13.88
C TYR A 50 -10.08 6.08 -12.77
N VAL A 51 -8.87 6.40 -12.31
CA VAL A 51 -8.18 5.68 -11.25
C VAL A 51 -7.85 6.73 -10.19
N THR A 52 -8.00 6.32 -8.94
CA THR A 52 -7.78 7.18 -7.79
C THR A 52 -6.46 6.80 -7.17
N PHE A 53 -5.93 7.67 -6.34
CA PHE A 53 -4.67 7.39 -5.62
C PHE A 53 -4.72 6.23 -4.63
N SER A 54 -5.90 5.80 -4.21
CA SER A 54 -6.09 4.58 -3.40
C SER A 54 -6.09 3.29 -4.23
N GLY A 55 -6.07 3.38 -5.56
CA GLY A 55 -6.19 2.25 -6.46
C GLY A 55 -7.57 1.94 -7.00
N SER A 56 -8.61 2.64 -6.58
CA SER A 56 -9.96 2.39 -7.06
C SER A 56 -10.02 2.81 -8.51
N THR A 57 -10.94 2.18 -9.22
CA THR A 57 -11.23 2.51 -10.63
C THR A 57 -12.72 2.56 -10.85
N TYR A 58 -13.13 3.42 -11.78
CA TYR A 58 -14.44 3.44 -12.36
C TYR A 58 -14.24 3.41 -13.87
N TYR A 59 -15.03 2.57 -14.51
CA TYR A 59 -14.96 2.30 -15.95
C TYR A 59 -16.35 2.46 -16.56
N ASN A 60 -16.41 3.06 -17.75
CA ASN A 60 -17.65 3.17 -18.50
C ASN A 60 -18.15 1.77 -18.86
N PRO A 61 -19.43 1.46 -18.51
CA PRO A 61 -20.04 0.16 -18.89
C PRO A 61 -19.99 -0.13 -20.40
N SER A 62 -19.90 0.89 -21.25
CA SER A 62 -19.75 0.69 -22.70
C SER A 62 -18.51 -0.14 -23.09
N LEU A 63 -17.48 -0.15 -22.23
CA LEU A 63 -16.22 -0.83 -22.52
C LEU A 63 -16.20 -2.25 -21.99
N LYS A 64 -17.30 -2.65 -21.34
CA LYS A 64 -17.48 -3.97 -20.78
C LYS A 64 -16.33 -4.29 -19.83
N SER A 65 -15.59 -5.36 -20.07
CA SER A 65 -14.49 -5.68 -19.18
C SER A 65 -13.15 -5.53 -19.91
N ARG A 66 -13.09 -4.72 -20.96
CA ARG A 66 -11.87 -4.59 -21.77
C ARG A 66 -10.84 -3.58 -21.30
N ILE A 67 -11.22 -2.72 -20.35
CA ILE A 67 -10.44 -1.56 -20.00
C ILE A 67 -9.75 -1.78 -18.66
N SER A 68 -8.49 -1.40 -18.60
CA SER A 68 -7.84 -1.19 -17.34
C SER A 68 -7.08 0.15 -17.37
N ILE A 69 -7.16 0.87 -16.26
CA ILE A 69 -6.42 2.09 -16.04
C ILE A 69 -5.62 1.85 -14.76
N THR A 70 -4.30 2.01 -14.88
CA THR A 70 -3.36 1.76 -13.80
C THR A 70 -2.37 2.88 -13.66
N ARG A 71 -1.73 2.94 -12.49
CA ARG A 71 -0.71 3.93 -12.21
C ARG A 71 0.61 3.28 -11.90
N ASP A 72 1.67 4.01 -12.20
CA ASP A 72 2.95 3.79 -11.55
C ASP A 72 3.33 5.04 -10.72
N THR A 73 3.03 5.01 -9.42
CA THR A 73 3.41 6.06 -8.43
C THR A 73 4.86 6.51 -8.57
N SER A 74 5.75 5.52 -8.74
CA SER A 74 7.19 5.74 -8.81
C SER A 74 7.69 6.40 -10.09
N LYS A 75 6.83 6.59 -11.11
CA LYS A 75 7.22 7.30 -12.31
C LYS A 75 6.33 8.47 -12.73
N ASN A 76 5.36 8.88 -11.92
CA ASN A 76 4.38 9.92 -12.34
C ASN A 76 3.87 9.69 -13.78
N GLN A 77 3.41 8.44 -13.99
CA GLN A 77 2.81 7.97 -15.23
C GLN A 77 1.52 7.22 -14.89
N TYR A 78 0.55 7.26 -15.79
CA TYR A 78 -0.53 6.29 -15.75
C TYR A 78 -0.86 5.73 -17.10
N TYR A 79 -1.65 4.66 -17.13
CA TYR A 79 -1.76 3.80 -18.31
C TYR A 79 -3.21 3.53 -18.66
N LEU A 80 -3.45 3.37 -19.95
CA LEU A 80 -4.70 2.82 -20.44
C LEU A 80 -4.30 1.56 -21.18
N ASP A 81 -5.03 0.48 -20.89
CA ASP A 81 -4.92 -0.75 -21.66
C ASP A 81 -6.33 -1.20 -22.01
N LEU A 82 -6.62 -1.23 -23.30
CA LEU A 82 -7.92 -1.60 -23.83
C LEU A 82 -7.73 -2.82 -24.70
N ASN A 83 -8.26 -3.94 -24.21
CA ASN A 83 -8.18 -5.23 -24.87
C ASN A 83 -9.15 -5.41 -26.02
N SER A 84 -8.80 -6.35 -26.90
CA SER A 84 -9.68 -6.81 -27.99
C SER A 84 -10.31 -5.66 -28.78
N VAL A 85 -9.47 -4.77 -29.29
CA VAL A 85 -9.98 -3.61 -29.92
C VAL A 85 -10.62 -4.00 -31.27
N THR A 86 -11.53 -3.16 -31.74
CA THR A 86 -12.16 -3.30 -33.07
C THR A 86 -12.11 -1.91 -33.69
N THR A 87 -12.52 -1.82 -34.97
CA THR A 87 -12.55 -0.54 -35.66
C THR A 87 -13.34 0.53 -34.94
N GLU A 88 -14.32 0.14 -34.11
CA GLU A 88 -15.08 1.08 -33.27
C GLU A 88 -14.27 1.74 -32.14
N ASP A 89 -13.07 1.26 -31.85
CA ASP A 89 -12.17 1.95 -30.91
C ASP A 89 -11.27 3.02 -31.55
N THR A 90 -11.40 3.22 -32.87
CA THR A 90 -10.76 4.32 -33.56
C THR A 90 -11.29 5.65 -33.03
N ALA A 91 -10.38 6.47 -32.50
CA ALA A 91 -10.72 7.71 -31.80
C ALA A 91 -9.49 8.50 -31.45
N THR A 92 -9.69 9.74 -30.99
CA THR A 92 -8.64 10.54 -30.38
C THR A 92 -8.76 10.34 -28.86
N TYR A 93 -7.67 9.91 -28.25
CA TYR A 93 -7.59 9.57 -26.83
C TYR A 93 -6.92 10.68 -26.09
N TYR A 94 -7.55 11.11 -24.99
CA TYR A 94 -7.01 12.18 -24.15
C TYR A 94 -6.83 11.66 -22.74
N CYS A 95 -5.75 12.07 -22.09
CA CYS A 95 -5.66 11.96 -20.64
C CYS A 95 -5.95 13.30 -19.99
N ALA A 96 -6.58 13.24 -18.80
CA ALA A 96 -6.94 14.42 -18.05
C ALA A 96 -7.02 14.05 -16.59
N ASN A 97 -6.83 15.02 -15.71
CA ASN A 97 -7.13 14.79 -14.31
C ASN A 97 -8.66 14.86 -14.13
N TRP A 98 -9.07 14.37 -12.99
CA TRP A 98 -10.51 14.12 -12.75
C TRP A 98 -11.36 15.39 -12.75
N ASP A 99 -10.88 16.48 -12.16
CA ASP A 99 -11.61 17.73 -12.12
C ASP A 99 -11.51 18.54 -13.42
N GLY A 100 -10.69 18.10 -14.36
CA GLY A 100 -10.67 18.67 -15.69
C GLY A 100 -9.73 19.88 -15.85
N ASP A 101 -8.93 20.20 -14.84
CA ASP A 101 -8.01 21.32 -14.97
C ASP A 101 -6.89 21.08 -16.01
N TYR A 102 -6.43 19.82 -16.13
CA TYR A 102 -5.20 19.49 -16.88
C TYR A 102 -5.52 18.44 -17.89
N TRP A 103 -5.17 18.69 -19.15
CA TRP A 103 -5.43 17.78 -20.24
C TRP A 103 -4.13 17.57 -21.03
N GLY A 104 -3.94 16.38 -21.58
CA GLY A 104 -2.92 16.11 -22.56
C GLY A 104 -3.31 16.69 -23.89
N GLN A 105 -2.59 16.34 -24.94
CA GLN A 105 -2.80 16.92 -26.27
C GLN A 105 -3.81 16.12 -27.08
N GLY A 106 -4.06 14.87 -26.67
CA GLY A 106 -4.83 13.99 -27.51
C GLY A 106 -3.91 13.24 -28.43
N THR A 107 -4.21 11.96 -28.63
CA THR A 107 -3.40 11.12 -29.50
C THR A 107 -4.40 10.30 -30.37
N LEU A 108 -4.29 10.45 -31.70
CA LEU A 108 -5.13 9.71 -32.62
C LEU A 108 -4.71 8.24 -32.67
N VAL A 109 -5.64 7.33 -32.47
CA VAL A 109 -5.39 5.89 -32.60
C VAL A 109 -6.34 5.33 -33.65
N THR A 110 -5.77 4.74 -34.70
CA THR A 110 -6.58 4.04 -35.68
C THR A 110 -6.54 2.55 -35.42
N VAL A 111 -7.69 1.90 -35.39
CA VAL A 111 -7.78 0.45 -35.30
C VAL A 111 -8.22 -0.05 -36.67
N SER A 112 -7.32 -0.79 -37.31
CA SER A 112 -7.51 -1.24 -38.69
C SER A 112 -6.53 -2.35 -39.03
N ALA A 113 -7.01 -3.27 -39.87
CA ALA A 113 -6.20 -4.34 -40.44
C ALA A 113 -5.49 -3.88 -41.71
N ALA A 114 -5.73 -2.66 -42.20
CA ALA A 114 -5.10 -2.22 -43.44
C ALA A 114 -3.58 -2.08 -43.33
N LYS A 115 -2.92 -2.27 -44.48
CA LYS A 115 -1.46 -2.25 -44.57
C LYS A 115 -0.97 -0.80 -44.51
N THR A 116 0.08 -0.60 -43.73
CA THR A 116 0.81 0.65 -43.75
C THR A 116 1.41 0.83 -45.13
N THR A 117 1.20 2.01 -45.72
CA THR A 117 1.63 2.32 -47.08
C THR A 117 2.12 3.77 -47.13
N PRO A 118 3.27 4.02 -47.77
CA PRO A 118 3.79 5.38 -47.82
C PRO A 118 3.03 6.24 -48.86
N PRO A 119 3.05 7.57 -48.72
CA PRO A 119 2.39 8.47 -49.67
C PRO A 119 3.18 8.68 -50.96
N SER A 120 2.46 8.92 -52.06
CA SER A 120 3.04 9.58 -53.23
C SER A 120 2.72 11.07 -53.10
N VAL A 121 3.68 11.95 -53.34
CA VAL A 121 3.46 13.41 -53.25
C VAL A 121 3.57 14.02 -54.65
N TYR A 122 2.54 14.75 -55.06
CA TYR A 122 2.49 15.29 -56.39
C TYR A 122 2.36 16.80 -56.33
N PRO A 123 3.13 17.50 -57.14
CA PRO A 123 3.05 18.95 -57.18
C PRO A 123 1.84 19.46 -57.92
N LEU A 124 1.25 20.55 -57.41
CA LEU A 124 0.13 21.21 -58.07
C LEU A 124 0.54 22.58 -58.52
N ALA A 125 0.76 22.72 -59.83
CA ALA A 125 1.18 23.95 -60.45
C ALA A 125 0.11 24.34 -61.45
N PRO A 126 -0.17 25.65 -61.62
CA PRO A 126 -1.23 26.07 -62.53
C PRO A 126 -0.99 25.60 -63.99
N GLY A 127 -2.07 25.26 -64.71
CA GLY A 127 -2.03 25.01 -66.18
C GLY A 127 -2.03 26.28 -67.03
N ASN A 133 -3.19 38.05 -61.64
CA ASN A 133 -3.51 38.32 -60.24
C ASN A 133 -2.23 38.61 -59.45
N SER A 134 -2.34 39.45 -58.42
CA SER A 134 -1.18 39.76 -57.57
C SER A 134 -0.76 38.53 -56.73
N MET A 135 -1.69 37.61 -56.44
CA MET A 135 -1.42 36.36 -55.70
C MET A 135 -1.63 35.11 -56.59
N VAL A 136 -0.88 34.04 -56.33
CA VAL A 136 -0.96 32.80 -57.10
C VAL A 136 -1.14 31.66 -56.11
N THR A 137 -1.96 30.68 -56.45
CA THR A 137 -2.14 29.52 -55.61
C THR A 137 -1.45 28.30 -56.18
N LEU A 138 -0.72 27.59 -55.32
CA LEU A 138 0.00 26.39 -55.66
C LEU A 138 -0.47 25.29 -54.72
N GLY A 139 -0.04 24.08 -54.95
CA GLY A 139 -0.42 23.06 -54.00
C GLY A 139 0.32 21.78 -54.08
N CYS A 140 0.01 20.89 -53.15
N CYS A 140 -0.10 20.85 -53.23
CA CYS A 140 0.55 19.54 -53.17
CA CYS A 140 0.59 19.59 -53.00
C CYS A 140 -0.56 18.59 -52.91
C CYS A 140 -0.48 18.53 -52.79
N LEU A 141 -0.45 17.44 -53.56
CA LEU A 141 -1.41 16.37 -53.45
C LEU A 141 -0.67 15.15 -52.88
N VAL A 142 -1.17 14.64 -51.77
CA VAL A 142 -0.52 13.56 -51.01
C VAL A 142 -1.46 12.36 -51.05
N LYS A 143 -1.09 11.32 -51.79
CA LYS A 143 -2.00 10.22 -52.10
C LYS A 143 -1.46 8.90 -51.73
N GLY A 144 -2.38 7.98 -51.46
CA GLY A 144 -2.13 6.54 -51.42
C GLY A 144 -1.45 6.06 -50.17
N TYR A 145 -1.67 6.75 -49.05
CA TYR A 145 -0.98 6.39 -47.80
C TYR A 145 -1.93 5.86 -46.73
N PHE A 146 -1.34 5.15 -45.78
CA PHE A 146 -2.06 4.69 -44.60
C PHE A 146 -1.07 4.34 -43.50
N PRO A 147 -1.36 4.56 -42.23
CA PRO A 147 -2.51 5.26 -41.68
C PRO A 147 -2.23 6.77 -41.61
N GLU A 148 -3.19 7.51 -41.09
CA GLU A 148 -2.93 8.87 -40.59
C GLU A 148 -1.95 8.79 -39.39
N PRO A 149 -1.14 9.82 -39.16
CA PRO A 149 -1.13 11.10 -39.87
C PRO A 149 0.04 11.29 -40.84
N VAL A 150 -0.07 12.36 -41.64
CA VAL A 150 1.06 12.97 -42.34
C VAL A 150 1.18 14.43 -41.87
N THR A 151 2.38 14.97 -41.99
CA THR A 151 2.61 16.37 -41.68
C THR A 151 2.97 16.98 -43.01
N VAL A 152 2.39 18.15 -43.31
CA VAL A 152 2.73 18.93 -44.50
C VAL A 152 3.19 20.31 -44.07
N THR A 153 4.33 20.76 -44.57
CA THR A 153 4.79 22.15 -44.42
C THR A 153 5.19 22.66 -45.79
N TRP A 154 5.39 23.97 -45.89
CA TRP A 154 5.83 24.60 -47.10
C TRP A 154 7.15 25.35 -46.81
N ASN A 155 8.16 25.12 -47.64
CA ASN A 155 9.51 25.71 -47.46
C ASN A 155 10.01 25.49 -46.01
N SER A 156 9.82 24.27 -45.53
CA SER A 156 10.21 23.81 -44.18
C SER A 156 9.59 24.62 -43.03
N GLY A 157 8.36 25.08 -43.23
CA GLY A 157 7.68 25.93 -42.25
C GLY A 157 7.93 27.42 -42.38
N SER A 158 8.82 27.85 -43.29
CA SER A 158 9.04 29.29 -43.55
C SER A 158 7.86 29.96 -44.19
N LEU A 159 7.03 29.18 -44.85
CA LEU A 159 5.86 29.64 -45.55
C LEU A 159 4.67 29.08 -44.79
N SER A 160 4.17 29.86 -43.83
CA SER A 160 3.07 29.45 -42.94
C SER A 160 1.77 30.16 -43.24
N SER A 161 1.81 31.43 -43.64
CA SER A 161 0.57 32.18 -43.90
C SER A 161 -0.01 31.78 -45.26
N GLY A 162 -1.33 31.90 -45.38
CA GLY A 162 -2.00 31.56 -46.64
C GLY A 162 -1.97 30.09 -47.03
N VAL A 163 -1.76 29.22 -46.04
CA VAL A 163 -1.75 27.77 -46.22
C VAL A 163 -3.09 27.17 -45.81
N HIS A 164 -3.63 26.25 -46.63
CA HIS A 164 -4.76 25.40 -46.22
C HIS A 164 -4.38 23.94 -46.43
N THR A 165 -4.22 23.21 -45.33
CA THR A 165 -3.98 21.79 -45.42
C THR A 165 -5.27 21.13 -45.02
N PHE A 166 -5.84 20.37 -45.94
CA PHE A 166 -7.20 19.83 -45.79
C PHE A 166 -7.19 18.50 -45.03
N PRO A 167 -8.25 18.22 -44.25
CA PRO A 167 -8.34 16.92 -43.57
C PRO A 167 -8.29 15.76 -44.56
N ALA A 168 -7.52 14.73 -44.20
CA ALA A 168 -7.37 13.55 -45.01
C ALA A 168 -8.69 12.79 -45.16
N VAL A 169 -8.90 12.25 -46.37
CA VAL A 169 -10.10 11.49 -46.68
C VAL A 169 -9.70 10.07 -47.06
N LEU A 170 -10.38 9.10 -46.47
CA LEU A 170 -10.14 7.67 -46.69
C LEU A 170 -11.03 7.11 -47.79
N GLN A 171 -10.41 6.42 -48.76
CA GLN A 171 -11.12 5.67 -49.79
C GLN A 171 -10.31 4.39 -50.02
N SER A 172 -10.98 3.24 -49.95
CA SER A 172 -10.35 1.93 -50.18
C SER A 172 -9.08 1.71 -49.34
N ASP A 173 -9.15 2.08 -48.07
CA ASP A 173 -8.04 1.95 -47.10
C ASP A 173 -6.76 2.73 -47.42
N LEU A 174 -6.92 3.79 -48.21
CA LEU A 174 -5.83 4.70 -48.50
C LEU A 174 -6.33 6.12 -48.35
N TYR A 175 -5.50 6.97 -47.76
CA TYR A 175 -5.82 8.37 -47.60
C TYR A 175 -5.35 9.27 -48.72
N THR A 176 -6.12 10.34 -48.92
N THR A 176 -6.13 10.33 -48.95
CA THR A 176 -5.74 11.44 -49.77
CA THR A 176 -5.76 11.45 -49.83
C THR A 176 -5.81 12.69 -48.94
C THR A 176 -5.83 12.69 -48.98
N LEU A 177 -4.80 13.52 -49.06
CA LEU A 177 -4.75 14.80 -48.42
C LEU A 177 -4.27 15.83 -49.45
N SER A 178 -4.76 17.05 -49.40
CA SER A 178 -4.14 18.11 -50.20
C SER A 178 -3.81 19.32 -49.36
N SER A 179 -2.87 20.10 -49.87
CA SER A 179 -2.53 21.38 -49.26
C SER A 179 -2.38 22.46 -50.28
N SER A 180 -2.97 23.63 -50.03
CA SER A 180 -2.77 24.78 -50.90
C SER A 180 -1.98 25.84 -50.17
N VAL A 181 -1.22 26.60 -50.95
CA VAL A 181 -0.51 27.77 -50.50
C VAL A 181 -0.63 28.87 -51.54
N THR A 182 -0.81 30.08 -51.05
CA THR A 182 -0.94 31.26 -51.83
C THR A 182 0.20 32.20 -51.54
N VAL A 183 0.94 32.56 -52.59
CA VAL A 183 2.10 33.45 -52.48
C VAL A 183 1.96 34.57 -53.50
N PRO A 184 2.75 35.65 -53.33
CA PRO A 184 2.68 36.69 -54.32
C PRO A 184 3.20 36.18 -55.67
N SER A 185 2.53 36.58 -56.75
CA SER A 185 2.95 36.22 -58.12
C SER A 185 4.37 36.65 -58.49
N SER A 186 4.84 37.73 -57.89
CA SER A 186 6.22 38.18 -58.05
C SER A 186 7.24 37.26 -57.37
N THR A 187 6.81 36.47 -56.39
CA THR A 187 7.66 35.50 -55.69
C THR A 187 7.77 34.12 -56.34
N TRP A 188 6.86 33.78 -57.25
CA TRP A 188 6.91 32.47 -57.90
C TRP A 188 6.54 32.68 -59.35
N PRO A 189 7.28 32.14 -60.31
CA PRO A 189 8.30 31.08 -60.10
C PRO A 189 9.73 31.47 -59.72
N SER A 190 10.00 32.75 -59.50
CA SER A 190 11.38 33.22 -59.28
C SER A 190 11.97 32.76 -57.96
N GLU A 191 11.14 32.57 -56.93
CA GLU A 191 11.60 31.94 -55.70
C GLU A 191 11.01 30.56 -55.61
N THR A 192 11.75 29.64 -55.01
CA THR A 192 11.34 28.25 -54.96
C THR A 192 10.23 28.05 -53.89
N VAL A 193 9.24 27.23 -54.23
CA VAL A 193 8.18 26.81 -53.31
C VAL A 193 8.20 25.28 -53.33
N THR A 194 8.33 24.70 -52.16
CA THR A 194 8.47 23.26 -51.96
C THR A 194 7.55 22.82 -50.83
N CYS A 195 6.79 21.73 -51.01
N CYS A 195 6.81 21.72 -51.04
CA CYS A 195 6.04 21.20 -49.88
CA CYS A 195 6.02 21.13 -49.95
C CYS A 195 6.79 19.98 -49.35
C CYS A 195 6.81 19.97 -49.36
N ASN A 196 6.79 19.87 -48.03
CA ASN A 196 7.55 18.86 -47.27
C ASN A 196 6.53 17.97 -46.60
N VAL A 197 6.56 16.70 -46.94
CA VAL A 197 5.57 15.76 -46.47
C VAL A 197 6.33 14.68 -45.75
N ALA A 198 5.88 14.39 -44.55
CA ALA A 198 6.39 13.28 -43.77
C ALA A 198 5.26 12.33 -43.40
N HIS A 199 5.54 11.02 -43.45
CA HIS A 199 4.64 9.97 -42.99
C HIS A 199 5.42 9.08 -42.00
N PRO A 200 5.34 9.39 -40.70
CA PRO A 200 6.08 8.59 -39.68
C PRO A 200 5.87 7.07 -39.79
N ALA A 201 4.62 6.64 -39.89
CA ALA A 201 4.27 5.22 -39.98
C ALA A 201 5.11 4.43 -40.99
N SER A 202 5.42 5.04 -42.13
CA SER A 202 6.29 4.42 -43.13
C SER A 202 7.71 4.98 -43.13
N SER A 203 8.06 5.80 -42.13
CA SER A 203 9.34 6.54 -42.09
C SER A 203 9.72 7.20 -43.41
N THR A 204 8.78 7.91 -44.04
CA THR A 204 9.09 8.61 -45.30
C THR A 204 8.97 10.13 -45.16
N LYS A 205 9.90 10.81 -45.83
CA LYS A 205 10.02 12.27 -45.88
C LYS A 205 10.28 12.60 -47.34
N VAL A 206 9.41 13.38 -47.96
CA VAL A 206 9.67 13.84 -49.32
C VAL A 206 9.48 15.36 -49.40
N ASP A 207 10.32 15.96 -50.22
CA ASP A 207 10.19 17.36 -50.58
C ASP A 207 9.84 17.39 -52.05
N LYS A 208 8.78 18.14 -52.39
CA LYS A 208 8.39 18.29 -53.76
C LYS A 208 8.37 19.77 -54.13
N LYS A 209 9.30 20.14 -55.01
CA LYS A 209 9.43 21.50 -55.52
C LYS A 209 8.29 21.76 -56.50
N ILE A 210 7.61 22.90 -56.38
CA ILE A 210 6.56 23.24 -57.33
C ILE A 210 7.19 23.98 -58.50
N VAL A 211 7.22 23.33 -59.64
CA VAL A 211 7.92 23.85 -60.80
C VAL A 211 6.86 24.29 -61.83
N PRO A 212 7.08 25.44 -62.51
CA PRO A 212 6.11 25.84 -63.54
C PRO A 212 6.09 24.83 -64.65
N ARG A 213 4.91 24.62 -65.22
CA ARG A 213 4.74 23.67 -66.30
C ARG A 213 4.64 24.39 -67.65
N ASP B 1 -27.87 5.63 -18.68
CA ASP B 1 -26.90 6.73 -18.40
C ASP B 1 -27.61 8.05 -18.54
N ILE B 2 -27.08 9.09 -17.87
CA ILE B 2 -27.64 10.44 -18.04
C ILE B 2 -27.31 10.96 -19.45
N VAL B 3 -28.36 11.35 -20.19
CA VAL B 3 -28.22 11.94 -21.49
C VAL B 3 -28.30 13.46 -21.31
N LEU B 4 -27.32 14.11 -21.93
CA LEU B 4 -27.23 15.56 -21.98
C LEU B 4 -27.50 16.04 -23.41
N THR B 5 -28.48 16.92 -23.55
CA THR B 5 -28.91 17.44 -24.83
C THR B 5 -28.55 18.91 -24.93
N GLN B 6 -27.65 19.26 -25.85
CA GLN B 6 -27.28 20.65 -26.03
C GLN B 6 -28.07 21.32 -27.15
N SER B 7 -28.35 22.61 -27.00
CA SER B 7 -28.98 23.35 -28.07
C SER B 7 -28.56 24.84 -28.02
N PRO B 8 -28.64 25.51 -29.18
CA PRO B 8 -28.79 24.84 -30.49
C PRO B 8 -27.53 24.03 -30.89
N ALA B 9 -27.58 23.34 -32.03
CA ALA B 9 -26.40 22.61 -32.51
C ALA B 9 -25.30 23.59 -32.96
N THR B 10 -25.69 24.73 -33.53
CA THR B 10 -24.78 25.73 -34.04
C THR B 10 -25.25 27.14 -33.71
N LEU B 11 -24.31 27.99 -33.32
CA LEU B 11 -24.58 29.41 -33.05
C LEU B 11 -23.66 30.19 -33.99
N SER B 12 -24.20 31.24 -34.62
CA SER B 12 -23.39 32.10 -35.44
C SER B 12 -23.44 33.48 -34.81
N VAL B 13 -22.28 34.01 -34.41
CA VAL B 13 -22.21 35.22 -33.60
C VAL B 13 -21.27 36.25 -34.18
N THR B 14 -21.72 37.51 -34.27
CA THR B 14 -20.85 38.65 -34.60
C THR B 14 -19.99 39.01 -33.39
N PRO B 15 -18.66 39.10 -33.57
CA PRO B 15 -17.82 39.51 -32.43
C PRO B 15 -18.31 40.79 -31.80
N GLY B 16 -18.33 40.83 -30.49
CA GLY B 16 -18.89 41.94 -29.74
C GLY B 16 -20.27 41.66 -29.18
N ASN B 17 -21.01 40.76 -29.84
CA ASN B 17 -22.32 40.38 -29.36
C ASN B 17 -22.21 39.29 -28.30
N SER B 18 -23.31 39.06 -27.58
CA SER B 18 -23.34 38.04 -26.53
C SER B 18 -24.16 36.84 -27.00
N VAL B 19 -23.97 35.71 -26.36
CA VAL B 19 -24.75 34.52 -26.68
C VAL B 19 -24.84 33.63 -25.49
N SER B 20 -25.84 32.75 -25.53
CA SER B 20 -25.98 31.72 -24.51
C SER B 20 -26.28 30.37 -25.18
N LEU B 21 -25.87 29.33 -24.48
CA LEU B 21 -25.88 27.93 -24.94
C LEU B 21 -26.62 27.09 -23.88
N SER B 22 -27.46 26.14 -24.30
CA SER B 22 -28.28 25.34 -23.37
C SER B 22 -27.74 23.90 -23.30
N CYS B 23 -27.86 23.34 -22.10
CA CYS B 23 -27.62 21.92 -21.80
C CYS B 23 -28.73 21.44 -20.91
N ARG B 24 -29.44 20.40 -21.35
CA ARG B 24 -30.51 19.79 -20.58
C ARG B 24 -30.21 18.33 -20.24
N ALA B 25 -30.36 17.98 -18.97
CA ALA B 25 -30.10 16.62 -18.52
C ALA B 25 -31.39 15.82 -18.45
N SER B 26 -31.28 14.54 -18.77
CA SER B 26 -32.40 13.62 -18.73
C SER B 26 -32.92 13.31 -17.35
N GLN B 27 -32.11 13.53 -16.31
CA GLN B 27 -32.55 13.49 -14.90
C GLN B 27 -31.92 14.66 -14.21
N SER B 28 -32.39 14.94 -13.01
CA SER B 28 -31.85 16.00 -12.22
C SER B 28 -30.38 15.66 -11.86
N ILE B 29 -29.49 16.63 -12.02
CA ILE B 29 -28.05 16.47 -11.65
C ILE B 29 -27.57 17.54 -10.71
N GLY B 30 -28.51 18.21 -10.00
CA GLY B 30 -28.12 19.20 -8.99
C GLY B 30 -27.38 20.39 -9.58
N ASN B 31 -26.15 20.60 -9.14
CA ASN B 31 -25.23 21.54 -9.75
C ASN B 31 -24.07 20.84 -10.50
N ASN B 32 -24.18 19.52 -10.74
CA ASN B 32 -23.00 18.71 -11.10
C ASN B 32 -22.79 18.68 -12.61
N LEU B 33 -22.55 19.89 -13.13
CA LEU B 33 -22.51 20.14 -14.58
C LEU B 33 -21.34 21.06 -14.87
N HIS B 34 -20.55 20.73 -15.87
CA HIS B 34 -19.27 21.38 -16.12
C HIS B 34 -19.23 21.72 -17.61
N TRP B 35 -18.69 22.88 -17.97
CA TRP B 35 -18.64 23.32 -19.36
C TRP B 35 -17.19 23.35 -19.86
N TYR B 36 -17.00 22.86 -21.09
CA TYR B 36 -15.70 22.82 -21.75
C TYR B 36 -15.81 23.50 -23.10
N GLN B 37 -14.71 24.12 -23.50
CA GLN B 37 -14.50 24.61 -24.82
C GLN B 37 -13.50 23.68 -25.47
N GLN B 38 -13.68 23.37 -26.75
CA GLN B 38 -12.64 22.68 -27.48
C GLN B 38 -12.45 23.37 -28.82
N LYS B 39 -11.30 24.03 -28.96
CA LYS B 39 -10.91 24.71 -30.19
C LYS B 39 -10.31 23.68 -31.14
N SER B 40 -10.28 24.05 -32.42
CA SER B 40 -9.79 23.17 -33.48
C SER B 40 -8.36 22.76 -33.16
N HIS B 41 -8.09 21.46 -33.26
CA HIS B 41 -6.75 20.88 -32.98
C HIS B 41 -6.21 21.12 -31.56
N GLU B 42 -7.11 21.23 -30.59
CA GLU B 42 -6.72 21.35 -29.19
C GLU B 42 -7.60 20.46 -28.31
N SER B 43 -7.16 20.31 -27.08
CA SER B 43 -7.84 19.50 -26.13
C SER B 43 -8.95 20.34 -25.50
N PRO B 44 -9.94 19.65 -24.92
CA PRO B 44 -10.92 20.42 -24.15
C PRO B 44 -10.29 21.26 -23.03
N ARG B 45 -10.89 22.43 -22.78
CA ARG B 45 -10.49 23.36 -21.73
C ARG B 45 -11.71 23.62 -20.84
N LEU B 46 -11.55 23.41 -19.54
CA LEU B 46 -12.65 23.65 -18.59
C LEU B 46 -12.94 25.15 -18.44
N LEU B 47 -14.18 25.56 -18.66
CA LEU B 47 -14.58 26.95 -18.50
C LEU B 47 -15.34 27.27 -17.23
N ILE B 48 -16.22 26.38 -16.82
CA ILE B 48 -17.09 26.60 -15.66
C ILE B 48 -17.27 25.25 -15.02
N LYS B 49 -17.18 25.18 -13.70
CA LYS B 49 -17.45 23.94 -13.00
C LYS B 49 -18.64 24.10 -12.02
N TYR B 50 -19.30 23.00 -11.75
CA TYR B 50 -20.42 22.94 -10.81
C TYR B 50 -21.45 24.03 -11.12
N ALA B 51 -21.83 24.05 -12.39
CA ALA B 51 -22.87 24.88 -12.97
C ALA B 51 -22.49 26.35 -13.10
N SER B 52 -21.89 26.93 -12.06
CA SER B 52 -21.70 28.37 -12.01
C SER B 52 -20.39 28.81 -11.39
N GLN B 53 -19.47 27.90 -11.05
CA GLN B 53 -18.26 28.27 -10.35
C GLN B 53 -17.21 28.62 -11.39
N SER B 54 -16.60 29.79 -11.18
CA SER B 54 -15.62 30.31 -12.09
C SER B 54 -14.28 29.59 -11.88
N ILE B 55 -13.45 29.65 -12.90
CA ILE B 55 -12.20 28.90 -13.03
C ILE B 55 -11.11 29.95 -13.16
N SER B 56 -10.00 29.79 -12.44
CA SER B 56 -8.88 30.73 -12.52
C SER B 56 -8.37 30.85 -13.91
N GLY B 57 -8.18 32.10 -14.36
CA GLY B 57 -7.66 32.33 -15.68
C GLY B 57 -8.64 32.33 -16.82
N ILE B 58 -9.89 31.97 -16.58
CA ILE B 58 -10.91 32.03 -17.66
C ILE B 58 -11.53 33.44 -17.60
N PRO B 59 -11.66 34.11 -18.76
CA PRO B 59 -12.25 35.49 -18.75
C PRO B 59 -13.63 35.54 -18.09
N SER B 60 -13.92 36.64 -17.39
CA SER B 60 -15.15 36.83 -16.65
C SER B 60 -16.37 36.89 -17.57
N ARG B 61 -16.15 37.12 -18.85
CA ARG B 61 -17.26 37.11 -19.80
C ARG B 61 -17.96 35.74 -19.99
N PHE B 62 -17.31 34.67 -19.55
CA PHE B 62 -17.93 33.35 -19.48
C PHE B 62 -18.57 33.21 -18.11
N SER B 63 -19.84 32.85 -18.11
CA SER B 63 -20.54 32.51 -16.88
C SER B 63 -21.51 31.36 -17.12
N GLY B 64 -21.90 30.73 -16.03
CA GLY B 64 -22.76 29.59 -16.09
C GLY B 64 -23.88 29.73 -15.07
N SER B 65 -25.05 29.21 -15.41
N SER B 65 -25.04 29.19 -15.41
CA SER B 65 -26.19 29.21 -14.51
CA SER B 65 -26.16 29.20 -14.49
C SER B 65 -26.97 27.93 -14.67
C SER B 65 -26.99 27.95 -14.69
N GLY B 66 -27.88 27.70 -13.72
CA GLY B 66 -28.82 26.61 -13.81
C GLY B 66 -28.64 25.63 -12.70
N SER B 67 -29.60 24.73 -12.63
CA SER B 67 -29.61 23.69 -11.60
C SER B 67 -30.64 22.63 -12.01
N GLY B 68 -30.56 21.45 -11.43
CA GLY B 68 -31.51 20.37 -11.69
C GLY B 68 -31.31 19.77 -13.08
N THR B 69 -32.18 20.14 -14.00
CA THR B 69 -32.14 19.59 -15.38
C THR B 69 -31.71 20.60 -16.44
N ASP B 70 -31.61 21.89 -16.10
CA ASP B 70 -31.49 22.93 -17.10
C ASP B 70 -30.36 23.89 -16.79
N PHE B 71 -29.42 23.99 -17.73
CA PHE B 71 -28.19 24.74 -17.52
C PHE B 71 -27.87 25.58 -18.72
N THR B 72 -27.23 26.72 -18.45
CA THR B 72 -26.97 27.73 -19.46
C THR B 72 -25.50 28.23 -19.29
N LEU B 73 -24.75 28.19 -20.38
CA LEU B 73 -23.45 28.87 -20.49
C LEU B 73 -23.64 30.19 -21.22
N SER B 74 -23.21 31.29 -20.64
CA SER B 74 -23.33 32.62 -21.30
C SER B 74 -21.96 33.13 -21.64
N ILE B 75 -21.82 33.68 -22.84
CA ILE B 75 -20.61 34.38 -23.25
C ILE B 75 -20.97 35.84 -23.62
N ASN B 76 -20.61 36.77 -22.76
CA ASN B 76 -20.74 38.18 -23.06
C ASN B 76 -19.56 38.61 -23.99
N SER B 77 -19.81 39.56 -24.86
CA SER B 77 -18.76 40.15 -25.73
C SER B 77 -17.88 39.11 -26.39
N VAL B 78 -18.52 38.24 -27.19
CA VAL B 78 -17.84 37.16 -27.91
C VAL B 78 -16.72 37.76 -28.73
N GLU B 79 -15.60 37.05 -28.70
CA GLU B 79 -14.41 37.38 -29.47
C GLU B 79 -14.15 36.28 -30.49
N THR B 80 -13.43 36.63 -31.54
CA THR B 80 -13.09 35.68 -32.56
C THR B 80 -12.42 34.42 -32.00
N GLU B 81 -11.57 34.59 -31.00
CA GLU B 81 -10.89 33.49 -30.32
C GLU B 81 -11.82 32.47 -29.61
N ASP B 82 -13.09 32.84 -29.39
CA ASP B 82 -14.07 31.91 -28.80
C ASP B 82 -14.65 30.87 -29.76
N PHE B 83 -14.32 30.92 -31.06
CA PHE B 83 -14.88 29.94 -31.98
C PHE B 83 -14.40 28.51 -31.65
N GLY B 84 -15.28 27.54 -31.88
CA GLY B 84 -15.01 26.14 -31.58
C GLY B 84 -16.20 25.43 -30.99
N MET B 85 -15.93 24.28 -30.38
CA MET B 85 -17.01 23.45 -29.82
C MET B 85 -17.15 23.71 -28.35
N TYR B 86 -18.39 23.70 -27.85
CA TYR B 86 -18.67 23.78 -26.42
C TYR B 86 -19.42 22.52 -26.00
N PHE B 87 -19.01 21.89 -24.89
CA PHE B 87 -19.60 20.67 -24.42
C PHE B 87 -19.93 20.83 -22.94
N CYS B 88 -21.07 20.27 -22.53
CA CYS B 88 -21.35 20.13 -21.11
C CYS B 88 -21.02 18.71 -20.72
N GLN B 89 -20.71 18.52 -19.45
CA GLN B 89 -20.40 17.19 -18.90
C GLN B 89 -20.99 17.09 -17.50
N GLN B 90 -21.69 15.99 -17.21
CA GLN B 90 -22.24 15.80 -15.84
C GLN B 90 -21.33 14.88 -15.03
N SER B 91 -21.21 15.14 -13.74
CA SER B 91 -20.47 14.33 -12.83
C SER B 91 -21.33 13.80 -11.67
N ASN B 92 -22.66 13.85 -11.84
CA ASN B 92 -23.60 13.40 -10.83
C ASN B 92 -23.61 11.89 -10.68
N SER B 93 -23.60 11.20 -11.80
CA SER B 93 -23.74 9.77 -11.88
C SER B 93 -22.68 9.17 -12.78
N TRP B 94 -22.16 8.02 -12.33
CA TRP B 94 -21.28 7.21 -13.12
C TRP B 94 -22.12 6.37 -14.10
N PRO B 95 -21.84 6.34 -15.39
CA PRO B 95 -20.66 6.95 -16.04
C PRO B 95 -20.89 8.40 -16.32
N TYR B 96 -19.85 9.20 -16.16
CA TYR B 96 -19.85 10.59 -16.65
C TYR B 96 -20.19 10.62 -18.12
N THR B 97 -20.96 11.60 -18.51
CA THR B 97 -21.40 11.76 -19.88
C THR B 97 -21.33 13.22 -20.31
N PHE B 98 -21.16 13.40 -21.62
CA PHE B 98 -21.05 14.67 -22.30
C PHE B 98 -22.26 14.91 -23.18
N GLY B 99 -22.64 16.18 -23.35
CA GLY B 99 -23.59 16.54 -24.39
C GLY B 99 -22.95 16.40 -25.76
N GLY B 100 -23.76 16.50 -26.80
CA GLY B 100 -23.29 16.34 -28.16
C GLY B 100 -22.57 17.56 -28.71
N GLY B 101 -22.53 18.67 -27.96
CA GLY B 101 -21.76 19.84 -28.36
C GLY B 101 -22.53 20.90 -29.16
N THR B 102 -22.17 22.14 -28.95
CA THR B 102 -22.70 23.25 -29.71
C THR B 102 -21.50 23.88 -30.41
N LYS B 103 -21.58 24.05 -31.72
CA LYS B 103 -20.51 24.77 -32.43
C LYS B 103 -20.77 26.27 -32.45
N LEU B 104 -19.81 27.05 -31.96
CA LEU B 104 -19.84 28.49 -32.06
C LEU B 104 -19.03 28.92 -33.33
N GLU B 105 -19.75 29.49 -34.29
CA GLU B 105 -19.19 30.06 -35.51
C GLU B 105 -19.11 31.59 -35.40
N ILE B 106 -18.05 32.19 -35.92
CA ILE B 106 -17.93 33.64 -36.01
C ILE B 106 -18.60 34.08 -37.31
N LYS B 107 -19.48 35.05 -37.18
CA LYS B 107 -20.13 35.65 -38.33
C LYS B 107 -19.23 36.73 -38.91
N ARG B 108 -19.21 36.79 -40.24
CA ARG B 108 -18.49 37.81 -40.96
C ARG B 108 -19.23 38.07 -42.28
N ALA B 109 -18.71 39.01 -43.07
CA ALA B 109 -19.29 39.32 -44.39
C ALA B 109 -19.18 38.12 -45.31
N ASP B 110 -20.18 37.98 -46.18
CA ASP B 110 -20.15 36.95 -47.21
C ASP B 110 -18.93 37.16 -48.06
N ALA B 111 -18.33 36.06 -48.52
CA ALA B 111 -17.17 36.11 -49.43
C ALA B 111 -17.24 34.96 -50.37
N ALA B 112 -17.02 35.26 -51.64
CA ALA B 112 -17.04 34.24 -52.70
C ALA B 112 -15.74 33.44 -52.66
N PRO B 113 -15.79 32.16 -53.01
CA PRO B 113 -14.59 31.37 -52.94
C PRO B 113 -13.61 31.83 -53.99
N THR B 114 -12.34 31.73 -53.66
CA THR B 114 -11.29 31.83 -54.66
C THR B 114 -10.97 30.44 -55.19
N VAL B 115 -11.27 30.20 -56.46
CA VAL B 115 -11.24 28.86 -57.03
C VAL B 115 -10.00 28.68 -57.93
N SER B 116 -9.27 27.59 -57.76
CA SER B 116 -8.08 27.31 -58.56
C SER B 116 -8.12 25.86 -58.96
N ILE B 117 -7.76 25.56 -60.21
CA ILE B 117 -7.78 24.19 -60.74
C ILE B 117 -6.36 23.81 -61.15
N PHE B 118 -6.02 22.55 -60.94
CA PHE B 118 -4.68 22.04 -61.25
C PHE B 118 -4.76 20.70 -61.96
N PRO B 119 -3.99 20.53 -63.06
CA PRO B 119 -3.99 19.27 -63.76
C PRO B 119 -3.14 18.21 -63.07
N PRO B 120 -3.25 16.96 -63.52
CA PRO B 120 -2.33 15.96 -63.00
C PRO B 120 -0.87 16.28 -63.27
N SER B 121 -0.03 15.96 -62.31
CA SER B 121 1.41 16.15 -62.44
C SER B 121 2.01 15.10 -63.39
N SER B 122 3.17 15.43 -63.98
CA SER B 122 3.97 14.48 -64.81
C SER B 122 4.27 13.23 -63.98
N GLU B 123 4.53 13.43 -62.69
CA GLU B 123 4.89 12.34 -61.80
C GLU B 123 3.76 11.32 -61.61
N GLN B 124 2.55 11.81 -61.39
CA GLN B 124 1.40 10.92 -61.25
C GLN B 124 1.07 10.20 -62.57
N LEU B 125 1.07 10.92 -63.69
CA LEU B 125 0.79 10.31 -64.99
C LEU B 125 1.71 9.14 -65.29
N THR B 126 3.00 9.31 -64.97
CA THR B 126 4.00 8.22 -65.08
C THR B 126 3.65 6.96 -64.28
N SER B 127 3.05 7.09 -63.09
CA SER B 127 2.57 5.93 -62.35
C SER B 127 1.23 5.34 -62.83
N GLY B 128 0.55 5.99 -63.79
CA GLY B 128 -0.69 5.45 -64.36
C GLY B 128 -1.97 6.11 -63.90
N GLY B 129 -1.87 7.11 -63.04
CA GLY B 129 -3.04 7.82 -62.59
C GLY B 129 -3.10 9.28 -63.00
N ALA B 130 -4.23 9.90 -62.65
CA ALA B 130 -4.52 11.28 -63.05
C ALA B 130 -5.55 11.90 -62.13
N SER B 131 -5.08 12.76 -61.22
CA SER B 131 -5.94 13.53 -60.34
C SER B 131 -5.96 14.98 -60.81
N VAL B 132 -7.16 15.52 -60.89
CA VAL B 132 -7.39 16.92 -61.09
C VAL B 132 -7.87 17.46 -59.73
N VAL B 133 -7.35 18.62 -59.32
CA VAL B 133 -7.62 19.17 -57.99
C VAL B 133 -8.18 20.55 -58.16
N CYS B 134 -9.19 20.85 -57.35
N CYS B 134 -9.27 20.85 -57.44
CA CYS B 134 -9.80 22.16 -57.31
CA CYS B 134 -9.75 22.22 -57.28
C CYS B 134 -9.89 22.68 -55.86
C CYS B 134 -9.72 22.62 -55.82
N PHE B 135 -9.24 23.83 -55.57
CA PHE B 135 -9.33 24.47 -54.24
C PHE B 135 -10.37 25.55 -54.35
N LEU B 136 -11.32 25.56 -53.43
CA LEU B 136 -12.31 26.61 -53.31
C LEU B 136 -12.02 27.25 -51.97
N ASN B 137 -11.31 28.38 -51.98
CA ASN B 137 -10.69 28.89 -50.78
C ASN B 137 -11.29 30.16 -50.21
N ASN B 138 -11.32 30.24 -48.89
CA ASN B 138 -11.63 31.48 -48.16
C ASN B 138 -12.97 32.10 -48.54
N PHE B 139 -14.02 31.30 -48.39
CA PHE B 139 -15.38 31.71 -48.61
C PHE B 139 -16.17 31.75 -47.30
N TYR B 140 -17.32 32.41 -47.37
CA TYR B 140 -18.23 32.48 -46.23
C TYR B 140 -19.61 32.87 -46.78
N PRO B 141 -20.68 32.23 -46.36
CA PRO B 141 -20.77 31.22 -45.29
C PRO B 141 -20.35 29.84 -45.74
N LYS B 142 -20.44 28.86 -44.84
CA LYS B 142 -19.79 27.58 -45.04
C LYS B 142 -20.35 26.69 -46.15
N ASP B 143 -21.62 26.86 -46.53
CA ASP B 143 -22.22 25.90 -47.45
C ASP B 143 -21.74 26.16 -48.86
N ILE B 144 -21.39 25.10 -49.56
CA ILE B 144 -20.88 25.20 -50.91
C ILE B 144 -21.07 23.88 -51.60
N ASN B 145 -21.13 23.93 -52.93
N ASN B 145 -21.13 23.90 -52.93
CA ASN B 145 -21.25 22.76 -53.81
CA ASN B 145 -21.20 22.68 -53.71
C ASN B 145 -20.19 22.84 -54.89
C ASN B 145 -20.24 22.81 -54.89
N VAL B 146 -19.60 21.69 -55.23
CA VAL B 146 -18.67 21.59 -56.36
C VAL B 146 -19.26 20.55 -57.30
N LYS B 147 -19.20 20.86 -58.58
CA LYS B 147 -19.56 19.93 -59.63
C LYS B 147 -18.40 19.94 -60.64
N TRP B 148 -18.06 18.74 -61.12
CA TRP B 148 -16.99 18.51 -62.06
C TRP B 148 -17.60 18.18 -63.40
N LYS B 149 -16.95 18.67 -64.48
CA LYS B 149 -17.37 18.27 -65.82
C LYS B 149 -16.15 17.86 -66.61
N ILE B 150 -16.33 16.85 -67.45
CA ILE B 150 -15.32 16.44 -68.38
C ILE B 150 -15.94 16.62 -69.76
N ASP B 151 -15.27 17.39 -70.63
CA ASP B 151 -15.77 17.74 -71.93
C ASP B 151 -17.21 18.24 -71.89
N GLY B 152 -17.52 19.04 -70.87
CA GLY B 152 -18.83 19.64 -70.66
C GLY B 152 -19.90 18.75 -70.03
N SER B 153 -19.62 17.45 -69.79
CA SER B 153 -20.62 16.60 -69.14
C SER B 153 -20.25 16.34 -67.67
N GLU B 154 -21.26 16.38 -66.82
CA GLU B 154 -21.08 16.23 -65.39
C GLU B 154 -20.49 14.87 -65.06
N ARG B 155 -19.53 14.87 -64.15
CA ARG B 155 -18.82 13.69 -63.75
C ARG B 155 -19.00 13.55 -62.27
N GLN B 156 -19.59 12.43 -61.85
CA GLN B 156 -19.87 12.22 -60.44
C GLN B 156 -19.04 11.20 -59.73
N ASN B 157 -18.37 10.32 -60.46
CA ASN B 157 -17.54 9.28 -59.87
C ASN B 157 -16.06 9.68 -59.82
N GLY B 158 -15.36 9.21 -58.79
CA GLY B 158 -13.94 9.48 -58.57
C GLY B 158 -13.66 10.81 -57.87
N VAL B 159 -14.67 11.41 -57.24
CA VAL B 159 -14.53 12.72 -56.60
C VAL B 159 -14.33 12.52 -55.10
N LEU B 160 -13.31 13.15 -54.54
CA LEU B 160 -13.13 13.14 -53.09
C LEU B 160 -13.03 14.57 -52.58
N ASN B 161 -13.90 14.94 -51.63
CA ASN B 161 -13.98 16.29 -51.10
C ASN B 161 -13.51 16.37 -49.67
N SER B 162 -12.93 17.50 -49.32
CA SER B 162 -12.52 17.76 -47.94
C SER B 162 -12.68 19.23 -47.60
N TRP B 163 -13.00 19.52 -46.32
CA TRP B 163 -13.39 20.86 -45.91
C TRP B 163 -12.63 21.26 -44.63
N THR B 164 -12.16 22.51 -44.57
CA THR B 164 -11.51 22.98 -43.36
C THR B 164 -12.57 23.43 -42.35
N ASP B 165 -12.13 23.50 -41.09
CA ASP B 165 -12.82 24.22 -40.03
C ASP B 165 -12.66 25.72 -40.30
N GLN B 166 -13.45 26.52 -39.59
CA GLN B 166 -13.41 27.98 -39.73
C GLN B 166 -12.02 28.51 -39.47
N ASP B 167 -11.55 29.41 -40.32
CA ASP B 167 -10.20 29.95 -40.21
C ASP B 167 -10.09 30.86 -38.98
N SER B 168 -9.04 30.66 -38.19
CA SER B 168 -8.86 31.47 -36.98
C SER B 168 -8.52 32.95 -37.27
N LYS B 169 -8.00 33.28 -38.45
CA LYS B 169 -7.61 34.66 -38.76
C LYS B 169 -8.66 35.47 -39.55
N ASP B 170 -9.40 34.85 -40.46
CA ASP B 170 -10.37 35.63 -41.25
C ASP B 170 -11.79 35.08 -41.22
N SER B 171 -12.01 33.99 -40.50
CA SER B 171 -13.33 33.45 -40.22
C SER B 171 -13.98 32.85 -41.46
N THR B 172 -13.18 32.53 -42.49
CA THR B 172 -13.69 31.92 -43.69
C THR B 172 -13.53 30.44 -43.64
N TYR B 173 -14.05 29.78 -44.65
CA TYR B 173 -13.99 28.33 -44.84
C TYR B 173 -13.29 28.02 -46.19
N SER B 174 -12.74 26.82 -46.33
CA SER B 174 -12.16 26.35 -47.61
C SER B 174 -12.51 24.89 -47.88
N MET B 175 -12.38 24.49 -49.13
CA MET B 175 -12.69 23.15 -49.57
C MET B 175 -11.73 22.72 -50.67
N SER B 176 -11.38 21.43 -50.69
CA SER B 176 -10.57 20.83 -51.74
C SER B 176 -11.43 19.74 -52.34
N SER B 177 -11.41 19.64 -53.65
CA SER B 177 -12.07 18.56 -54.35
C SER B 177 -11.07 17.99 -55.35
N THR B 178 -10.93 16.64 -55.35
CA THR B 178 -10.02 15.93 -56.22
C THR B 178 -10.79 14.90 -57.04
N LEU B 179 -10.67 15.04 -58.35
CA LEU B 179 -11.21 14.08 -59.31
C LEU B 179 -10.07 13.19 -59.76
N THR B 180 -10.19 11.90 -59.45
CA THR B 180 -9.16 10.94 -59.84
C THR B 180 -9.67 9.99 -60.92
N LEU B 181 -8.91 9.93 -62.01
CA LEU B 181 -9.15 9.10 -63.17
C LEU B 181 -7.94 8.21 -63.39
N THR B 182 -8.09 7.23 -64.27
CA THR B 182 -6.94 6.53 -64.82
C THR B 182 -6.28 7.43 -65.85
N LYS B 183 -4.97 7.27 -66.05
CA LYS B 183 -4.25 8.03 -67.08
C LYS B 183 -4.88 7.79 -68.44
N ASP B 184 -5.20 6.54 -68.76
CA ASP B 184 -5.90 6.27 -70.02
C ASP B 184 -7.20 7.01 -70.14
N GLU B 185 -8.00 7.11 -69.08
CA GLU B 185 -9.22 7.86 -69.25
C GLU B 185 -8.94 9.35 -69.35
N TYR B 186 -8.04 9.86 -68.51
CA TYR B 186 -7.67 11.27 -68.59
C TYR B 186 -7.27 11.69 -70.01
N GLU B 187 -6.48 10.86 -70.68
CA GLU B 187 -5.95 11.19 -72.02
C GLU B 187 -6.99 10.98 -73.13
N ARG B 188 -8.16 10.44 -72.80
CA ARG B 188 -9.29 10.38 -73.76
C ARG B 188 -10.14 11.66 -73.81
N HIS B 189 -9.92 12.61 -72.90
CA HIS B 189 -10.76 13.82 -72.83
C HIS B 189 -9.90 15.08 -72.89
N ASN B 190 -10.51 16.21 -73.20
CA ASN B 190 -9.78 17.47 -73.39
C ASN B 190 -9.96 18.50 -72.28
N SER B 191 -11.17 18.71 -71.78
CA SER B 191 -11.37 19.77 -70.79
C SER B 191 -11.94 19.24 -69.49
N TYR B 192 -11.45 19.86 -68.43
CA TYR B 192 -11.72 19.45 -67.07
C TYR B 192 -12.12 20.72 -66.41
N THR B 193 -13.30 20.71 -65.80
CA THR B 193 -13.86 21.88 -65.19
C THR B 193 -14.41 21.60 -63.77
N CYS B 194 -14.09 22.45 -62.80
N CYS B 194 -14.14 22.49 -62.83
CA CYS B 194 -14.78 22.45 -61.49
CA CYS B 194 -14.84 22.46 -61.56
C CYS B 194 -15.59 23.75 -61.37
C CYS B 194 -15.62 23.75 -61.41
N GLU B 195 -16.82 23.63 -60.85
CA GLU B 195 -17.75 24.73 -60.71
C GLU B 195 -18.19 24.82 -59.27
N ALA B 196 -17.99 25.97 -58.65
CA ALA B 196 -18.42 26.22 -57.27
C ALA B 196 -19.72 27.02 -57.21
N THR B 197 -20.73 26.43 -56.61
CA THR B 197 -21.97 27.10 -56.33
C THR B 197 -22.02 27.52 -54.85
N HIS B 198 -22.15 28.81 -54.62
CA HIS B 198 -22.12 29.40 -53.30
C HIS B 198 -23.17 30.52 -53.27
N LYS B 199 -23.67 30.79 -52.07
CA LYS B 199 -24.67 31.82 -51.78
C LYS B 199 -24.39 33.15 -52.45
N THR B 200 -23.11 33.48 -52.63
CA THR B 200 -22.68 34.77 -53.12
C THR B 200 -23.07 35.07 -54.58
N SER B 201 -23.47 34.07 -55.36
CA SER B 201 -24.01 34.28 -56.72
C SER B 201 -24.90 33.15 -57.19
N THR B 202 -25.91 33.48 -58.01
CA THR B 202 -26.73 32.48 -58.72
C THR B 202 -25.89 31.71 -59.75
N SER B 203 -24.89 32.35 -60.34
CA SER B 203 -23.99 31.66 -61.31
C SER B 203 -22.76 30.99 -60.63
N PRO B 204 -22.44 29.75 -60.97
CA PRO B 204 -21.28 29.21 -60.29
C PRO B 204 -19.98 29.82 -60.83
N ILE B 205 -18.94 29.80 -60.00
CA ILE B 205 -17.59 30.15 -60.44
C ILE B 205 -17.02 28.91 -61.09
N VAL B 206 -16.57 29.06 -62.33
CA VAL B 206 -16.04 27.97 -63.13
C VAL B 206 -14.55 28.16 -63.44
N LYS B 207 -13.77 27.11 -63.22
CA LYS B 207 -12.36 27.09 -63.63
C LYS B 207 -12.13 25.84 -64.44
N SER B 208 -11.32 25.98 -65.49
CA SER B 208 -11.11 24.90 -66.41
C SER B 208 -9.67 24.80 -66.79
N PHE B 209 -9.26 23.62 -67.17
CA PHE B 209 -8.09 23.58 -67.98
C PHE B 209 -8.27 22.57 -69.09
N ASN B 210 -7.42 22.75 -70.06
CA ASN B 210 -7.45 21.99 -71.26
C ASN B 210 -6.20 21.14 -71.29
N ARG B 211 -6.38 19.85 -71.52
CA ARG B 211 -5.28 18.87 -71.42
C ARG B 211 -4.15 19.21 -72.37
N ASN B 212 -2.95 19.30 -71.76
CA ASN B 212 -1.60 19.47 -72.37
C ASN B 212 -1.49 20.33 -73.61
N LYS C 1 -20.33 27.90 12.55
CA LYS C 1 -21.81 27.93 12.44
C LYS C 1 -22.35 26.55 12.74
N VAL C 2 -23.44 26.49 13.48
CA VAL C 2 -24.15 25.22 13.72
C VAL C 2 -25.44 25.27 12.93
N TYR C 3 -25.55 24.41 11.91
CA TYR C 3 -26.77 24.38 11.09
C TYR C 3 -27.90 23.65 11.81
N SER C 4 -29.13 24.05 11.53
CA SER C 4 -30.27 23.18 11.84
C SER C 4 -30.32 22.10 10.75
N ARG C 5 -30.99 21.00 11.08
CA ARG C 5 -31.18 19.89 10.16
C ARG C 5 -31.65 20.33 8.77
N CYS C 6 -32.78 21.06 8.73
CA CYS C 6 -33.42 21.47 7.46
C CYS C 6 -32.65 22.54 6.68
N GLU C 7 -32.01 23.43 7.43
CA GLU C 7 -31.15 24.46 6.88
C GLU C 7 -30.01 23.80 6.14
N LEU C 8 -29.39 22.82 6.79
CA LEU C 8 -28.32 22.07 6.21
C LEU C 8 -28.81 21.28 4.99
N ALA C 9 -29.96 20.61 5.11
CA ALA C 9 -30.50 19.84 3.99
C ALA C 9 -30.72 20.71 2.74
N ALA C 10 -31.25 21.90 2.95
CA ALA C 10 -31.46 22.87 1.90
C ALA C 10 -30.16 23.32 1.23
N ALA C 11 -29.13 23.58 2.04
CA ALA C 11 -27.83 23.99 1.49
C ALA C 11 -27.17 22.85 0.73
N MET C 12 -27.20 21.64 1.30
CA MET C 12 -26.68 20.46 0.61
C MET C 12 -27.39 20.20 -0.73
N LYS C 13 -28.71 20.36 -0.72
CA LYS C 13 -29.46 20.22 -1.95
C LYS C 13 -29.07 21.26 -3.01
N ARG C 14 -28.89 22.53 -2.61
CA ARG C 14 -28.47 23.59 -3.52
C ARG C 14 -27.08 23.30 -4.07
N LEU C 15 -26.26 22.62 -3.26
CA LEU C 15 -24.90 22.28 -3.66
C LEU C 15 -24.74 20.88 -4.32
N GLY C 16 -25.85 20.29 -4.73
CA GLY C 16 -25.83 19.11 -5.63
C GLY C 16 -25.56 17.78 -4.99
N LEU C 17 -25.90 17.62 -3.70
CA LEU C 17 -25.65 16.33 -3.01
C LEU C 17 -26.84 15.37 -3.04
N ASP C 18 -28.04 15.85 -3.40
CA ASP C 18 -29.16 14.90 -3.55
C ASP C 18 -28.92 13.94 -4.69
N ASN C 19 -28.69 12.68 -4.36
CA ASN C 19 -28.43 11.64 -5.35
C ASN C 19 -27.10 11.86 -6.12
N TYR C 20 -26.12 12.42 -5.44
CA TYR C 20 -24.78 12.47 -5.96
C TYR C 20 -24.13 11.07 -5.81
N ARG C 21 -23.71 10.51 -6.94
CA ARG C 21 -23.12 9.20 -7.01
C ARG C 21 -23.89 8.12 -6.22
N GLY C 22 -25.21 8.17 -6.37
CA GLY C 22 -26.12 7.19 -5.79
C GLY C 22 -26.57 7.46 -4.35
N TYR C 23 -26.09 8.52 -3.71
CA TYR C 23 -26.39 8.75 -2.27
C TYR C 23 -27.44 9.83 -2.10
N SER C 24 -28.59 9.44 -1.56
CA SER C 24 -29.68 10.37 -1.34
C SER C 24 -29.30 11.48 -0.31
N LEU C 25 -29.97 12.62 -0.38
CA LEU C 25 -29.69 13.79 0.46
C LEU C 25 -29.66 13.43 1.95
N GLY C 26 -30.60 12.60 2.40
CA GLY C 26 -30.62 12.13 3.77
C GLY C 26 -29.30 11.52 4.27
N ASN C 27 -28.61 10.78 3.41
CA ASN C 27 -27.29 10.24 3.76
C ASN C 27 -26.29 11.32 4.17
N TRP C 28 -26.31 12.45 3.47
CA TRP C 28 -25.35 13.48 3.73
C TRP C 28 -25.73 14.25 5.02
N VAL C 29 -27.03 14.40 5.27
CA VAL C 29 -27.49 15.07 6.49
C VAL C 29 -27.21 14.20 7.71
N CYS C 30 -27.52 12.91 7.59
CA CYS C 30 -27.21 11.94 8.63
C CYS C 30 -25.70 11.90 8.94
N ALA C 31 -24.87 11.87 7.90
CA ALA C 31 -23.43 11.84 8.10
C ALA C 31 -22.95 13.11 8.80
N ALA C 32 -23.45 14.25 8.39
CA ALA C 32 -23.09 15.50 9.03
C ALA C 32 -23.53 15.48 10.50
N ASN C 33 -24.68 14.89 10.80
CA ASN C 33 -25.11 14.78 12.20
C ASN C 33 -24.10 14.07 13.12
N TYR C 34 -23.78 12.84 12.75
CA TYR C 34 -22.91 12.01 13.56
C TYR C 34 -21.42 12.38 13.45
N GLU C 35 -21.02 13.03 12.36
CA GLU C 35 -19.64 13.53 12.30
C GLU C 35 -19.41 14.78 13.15
N SER C 36 -20.31 15.76 13.06
CA SER C 36 -20.07 17.08 13.62
C SER C 36 -21.19 17.70 14.45
N SER C 37 -22.34 17.03 14.58
CA SER C 37 -23.57 17.67 15.07
C SER C 37 -23.88 18.99 14.33
N PHE C 38 -23.66 18.99 13.01
CA PHE C 38 -23.97 20.13 12.13
C PHE C 38 -23.10 21.35 12.35
N ASN C 39 -21.89 21.16 12.88
CA ASN C 39 -21.04 22.28 13.31
C ASN C 39 -19.85 22.43 12.36
N THR C 40 -19.79 23.56 11.67
CA THR C 40 -18.74 23.77 10.65
C THR C 40 -17.37 24.01 11.25
N GLN C 41 -17.31 24.37 12.54
CA GLN C 41 -16.06 24.65 13.19
C GLN C 41 -15.50 23.47 13.98
N ALA C 42 -16.15 22.29 13.87
CA ALA C 42 -15.69 21.13 14.64
C ALA C 42 -14.33 20.63 14.12
N THR C 43 -13.46 20.28 15.05
CA THR C 43 -12.19 19.62 14.75
C THR C 43 -11.94 18.50 15.74
N ASN C 44 -11.24 17.48 15.27
CA ASN C 44 -10.83 16.36 16.10
C ASN C 44 -9.42 15.98 15.64
N ARG C 45 -8.46 16.01 16.57
CA ARG C 45 -7.10 15.52 16.30
C ARG C 45 -7.07 13.97 16.42
N ASN C 46 -6.68 13.29 15.33
CA ASN C 46 -6.46 11.81 15.36
C ASN C 46 -5.06 11.45 15.85
N THR C 47 -4.82 10.16 16.12
CA THR C 47 -3.57 9.73 16.76
C THR C 47 -2.31 9.88 15.91
N ASP C 48 -2.48 9.89 14.59
CA ASP C 48 -1.36 9.97 13.62
C ASP C 48 -0.88 11.41 13.27
N GLY C 49 -1.35 12.41 14.02
CA GLY C 49 -1.00 13.83 13.78
C GLY C 49 -1.90 14.59 12.81
N SER C 50 -2.89 13.89 12.25
CA SER C 50 -3.88 14.49 11.36
C SER C 50 -5.03 15.05 12.17
N THR C 51 -5.85 15.84 11.51
CA THR C 51 -7.02 16.44 12.16
C THR C 51 -8.20 16.35 11.22
N ASP C 52 -9.38 16.06 11.75
CA ASP C 52 -10.63 16.07 10.95
C ASP C 52 -11.28 17.44 11.09
N TYR C 53 -11.73 18.02 9.99
CA TYR C 53 -12.18 19.40 9.94
C TYR C 53 -13.60 19.57 9.44
N GLY C 54 -14.38 20.33 10.19
CA GLY C 54 -15.62 20.85 9.69
C GLY C 54 -16.78 19.92 9.82
N ILE C 55 -17.82 20.25 9.06
CA ILE C 55 -19.15 19.63 9.20
C ILE C 55 -19.19 18.17 8.77
N LEU C 56 -18.32 17.80 7.83
CA LEU C 56 -18.12 16.40 7.44
C LEU C 56 -16.77 15.80 7.93
N GLN C 57 -16.06 16.50 8.80
CA GLN C 57 -14.88 15.91 9.47
C GLN C 57 -13.88 15.27 8.46
N ILE C 58 -13.49 16.11 7.51
CA ILE C 58 -12.57 15.73 6.45
C ILE C 58 -11.15 15.72 6.99
N ASN C 59 -10.48 14.60 6.82
CA ASN C 59 -9.18 14.37 7.41
C ASN C 59 -8.01 14.97 6.62
N SER C 60 -7.12 15.64 7.35
CA SER C 60 -5.98 16.32 6.76
C SER C 60 -4.85 15.40 6.29
N ARG C 61 -4.92 14.11 6.55
CA ARG C 61 -3.89 13.22 6.06
C ARG C 61 -3.91 13.18 4.52
N TRP C 62 -5.08 12.98 3.94
N TRP C 62 -5.09 12.98 3.96
CA TRP C 62 -5.22 12.85 2.49
CA TRP C 62 -5.26 12.82 2.52
C TRP C 62 -5.78 14.08 1.77
C TRP C 62 -5.79 14.06 1.79
N TRP C 63 -6.69 14.81 2.41
CA TRP C 63 -7.63 15.66 1.67
C TRP C 63 -7.38 17.16 1.68
N CYS C 64 -6.79 17.68 2.74
CA CYS C 64 -6.58 19.12 2.85
C CYS C 64 -5.27 19.36 3.56
N ASP C 65 -4.71 20.55 3.35
CA ASP C 65 -3.43 20.92 3.94
C ASP C 65 -3.67 21.77 5.19
N ASP C 66 -3.22 21.30 6.34
CA ASP C 66 -3.21 22.14 7.53
C ASP C 66 -1.79 22.56 7.91
N GLY C 67 -0.80 22.19 7.09
CA GLY C 67 0.61 22.49 7.39
C GLY C 67 1.19 21.83 8.64
N LYS C 68 0.48 20.90 9.26
CA LYS C 68 0.97 20.25 10.46
C LYS C 68 0.66 18.75 10.57
N THR C 69 0.37 18.10 9.44
CA THR C 69 0.11 16.68 9.42
C THR C 69 1.25 15.99 8.68
N PRO C 70 1.94 15.03 9.33
CA PRO C 70 3.11 14.42 8.68
C PRO C 70 2.76 13.52 7.51
N GLY C 71 3.64 13.51 6.51
CA GLY C 71 3.59 12.62 5.35
C GLY C 71 2.22 12.59 4.75
N SER C 72 1.68 13.77 4.47
CA SER C 72 0.30 13.95 4.11
C SER C 72 0.10 14.41 2.67
N LYS C 73 -1.13 14.30 2.22
CA LYS C 73 -1.54 14.76 0.92
C LYS C 73 -2.57 15.85 1.09
N ASN C 74 -2.83 16.52 -0.03
CA ASN C 74 -3.80 17.57 -0.11
C ASN C 74 -4.58 17.31 -1.40
N ALA C 75 -5.35 16.23 -1.40
CA ALA C 75 -6.06 15.81 -2.61
C ALA C 75 -7.11 16.83 -3.09
N CYS C 76 -7.76 17.50 -2.14
CA CYS C 76 -8.76 18.49 -2.47
C CYS C 76 -8.18 19.82 -2.90
N GLY C 77 -6.88 20.00 -2.72
CA GLY C 77 -6.16 21.22 -3.14
C GLY C 77 -6.58 22.47 -2.41
N ILE C 78 -6.78 22.38 -1.09
CA ILE C 78 -7.29 23.46 -0.27
C ILE C 78 -6.63 23.48 1.10
N PRO C 79 -6.49 24.68 1.69
CA PRO C 79 -6.20 24.70 3.15
C PRO C 79 -7.36 24.11 3.95
N CYS C 80 -7.06 23.40 5.04
CA CYS C 80 -8.10 22.86 5.90
C CYS C 80 -8.98 23.94 6.53
N SER C 81 -8.44 25.15 6.68
CA SER C 81 -9.22 26.29 7.19
C SER C 81 -10.47 26.61 6.34
N VAL C 82 -10.46 26.27 5.04
CA VAL C 82 -11.65 26.53 4.21
C VAL C 82 -12.82 25.61 4.58
N LEU C 83 -12.52 24.48 5.22
CA LEU C 83 -13.53 23.54 5.71
C LEU C 83 -14.09 23.93 7.07
N LEU C 84 -13.64 25.06 7.60
CA LEU C 84 -14.17 25.65 8.84
C LEU C 84 -15.07 26.86 8.59
N ARG C 85 -15.42 27.11 7.33
CA ARG C 85 -16.28 28.24 6.96
C ARG C 85 -17.73 27.89 7.19
N SER C 86 -18.51 28.92 7.49
CA SER C 86 -19.95 28.79 7.61
C SER C 86 -20.63 28.40 6.30
N ASP C 87 -20.12 28.92 5.19
CA ASP C 87 -20.54 28.50 3.86
C ASP C 87 -19.89 27.15 3.59
N ILE C 88 -20.72 26.15 3.29
CA ILE C 88 -20.26 24.79 3.11
C ILE C 88 -19.85 24.46 1.68
N THR C 89 -19.78 25.45 0.79
CA THR C 89 -19.48 25.17 -0.63
C THR C 89 -18.17 24.37 -0.75
N GLU C 90 -17.13 24.81 -0.06
CA GLU C 90 -15.82 24.16 -0.24
C GLU C 90 -15.80 22.75 0.37
N ALA C 91 -16.43 22.58 1.53
CA ALA C 91 -16.63 21.23 2.12
C ALA C 91 -17.36 20.26 1.19
N VAL C 92 -18.44 20.74 0.57
CA VAL C 92 -19.21 19.91 -0.34
C VAL C 92 -18.34 19.53 -1.56
N ARG C 93 -17.62 20.50 -2.11
CA ARG C 93 -16.73 20.22 -3.24
C ARG C 93 -15.67 19.16 -2.91
N CYS C 94 -15.09 19.26 -1.72
CA CYS C 94 -14.11 18.29 -1.27
C CYS C 94 -14.77 16.94 -0.98
N ALA C 95 -15.93 16.95 -0.34
CA ALA C 95 -16.69 15.70 -0.09
C ALA C 95 -17.06 14.93 -1.35
N LYS C 96 -17.37 15.64 -2.42
CA LYS C 96 -17.64 15.02 -3.72
C LYS C 96 -16.42 14.29 -4.27
N ARG C 97 -15.23 14.90 -4.14
CA ARG C 97 -13.98 14.20 -4.49
C ARG C 97 -13.82 12.93 -3.66
N ILE C 98 -14.01 13.07 -2.36
CA ILE C 98 -13.83 11.96 -1.47
C ILE C 98 -14.78 10.82 -1.85
N VAL C 99 -16.04 11.13 -2.01
CA VAL C 99 -17.05 10.12 -2.26
C VAL C 99 -16.91 9.47 -3.66
N SER C 100 -16.22 10.16 -4.57
CA SER C 100 -15.92 9.66 -5.92
C SER C 100 -14.73 8.69 -5.94
N ASP C 101 -14.06 8.56 -4.81
CA ASP C 101 -13.17 7.42 -4.59
C ASP C 101 -13.96 6.11 -4.55
N GLY C 102 -13.28 4.97 -4.68
CA GLY C 102 -13.92 3.64 -4.67
C GLY C 102 -14.74 3.35 -3.44
N ASN C 103 -14.29 3.94 -2.34
CA ASN C 103 -14.89 3.76 -1.03
C ASN C 103 -16.26 4.39 -0.83
N GLY C 104 -16.65 5.32 -1.69
CA GLY C 104 -17.89 6.04 -1.50
C GLY C 104 -18.02 6.67 -0.10
N MET C 105 -19.22 6.60 0.43
CA MET C 105 -19.53 7.20 1.74
C MET C 105 -19.00 6.36 2.88
N ASN C 106 -18.59 5.13 2.56
CA ASN C 106 -17.86 4.27 3.49
C ASN C 106 -16.53 4.92 3.95
N ALA C 107 -16.09 6.01 3.32
CA ALA C 107 -15.06 6.87 3.92
C ALA C 107 -15.45 7.41 5.30
N TRP C 108 -16.73 7.69 5.51
CA TRP C 108 -17.18 8.25 6.77
C TRP C 108 -17.62 7.15 7.72
N VAL C 109 -16.75 6.85 8.69
CA VAL C 109 -17.01 5.73 9.60
C VAL C 109 -18.32 5.92 10.39
N ALA C 110 -18.58 7.16 10.80
CA ALA C 110 -19.85 7.48 11.48
C ALA C 110 -21.06 7.24 10.56
N TRP C 111 -20.95 7.59 9.29
CA TRP C 111 -21.99 7.26 8.31
C TRP C 111 -22.17 5.73 8.25
N ARG C 112 -21.08 4.98 8.11
CA ARG C 112 -21.21 3.53 8.02
C ARG C 112 -21.89 2.96 9.29
N ASN C 113 -21.46 3.42 10.47
CA ASN C 113 -21.99 2.88 11.74
C ASN C 113 -23.45 3.25 12.03
N ARG C 114 -23.83 4.48 11.70
CA ARG C 114 -25.12 5.03 12.13
C ARG C 114 -26.15 5.32 11.02
N CYS C 115 -25.70 5.41 9.77
CA CYS C 115 -26.56 5.85 8.67
C CYS C 115 -26.82 4.76 7.65
N ARG C 116 -25.74 4.11 7.20
CA ARG C 116 -25.77 3.07 6.15
C ARG C 116 -26.84 2.02 6.46
N GLY C 117 -27.70 1.73 5.50
CA GLY C 117 -28.75 0.70 5.67
C GLY C 117 -29.96 1.06 6.51
N THR C 118 -30.02 2.30 7.02
CA THR C 118 -31.14 2.81 7.84
C THR C 118 -31.99 3.68 6.92
N ASP C 119 -33.20 4.00 7.33
CA ASP C 119 -34.07 4.86 6.52
C ASP C 119 -33.59 6.29 6.68
N VAL C 120 -32.71 6.72 5.79
CA VAL C 120 -32.12 8.05 5.91
C VAL C 120 -33.05 9.18 5.49
N SER C 121 -34.15 8.85 4.83
CA SER C 121 -35.14 9.85 4.46
C SER C 121 -35.72 10.58 5.68
N LYS C 122 -35.70 9.97 6.88
CA LYS C 122 -36.09 10.67 8.12
C LYS C 122 -35.33 11.98 8.34
N TRP C 123 -34.07 12.03 7.92
CA TRP C 123 -33.23 13.22 8.11
C TRP C 123 -33.65 14.46 7.32
N ILE C 124 -34.50 14.29 6.30
CA ILE C 124 -35.05 15.40 5.51
C ILE C 124 -36.58 15.55 5.63
N ARG C 125 -37.22 14.72 6.46
CA ARG C 125 -38.66 14.84 6.76
C ARG C 125 -38.99 16.26 7.25
N GLY C 126 -40.06 16.85 6.69
CA GLY C 126 -40.55 18.15 7.09
C GLY C 126 -39.81 19.40 6.60
N CYS C 127 -38.77 19.23 5.78
CA CYS C 127 -37.91 20.33 5.38
C CYS C 127 -38.43 20.99 4.10
N ARG C 128 -38.15 22.29 3.92
CA ARG C 128 -38.54 23.01 2.71
C ARG C 128 -37.42 22.90 1.69
N LEU C 129 -37.49 21.86 0.86
CA LEU C 129 -36.50 21.58 -0.17
C LEU C 129 -37.05 21.95 -1.57
N ASP D 1 -7.83 -20.58 12.06
CA ASP D 1 -8.46 -20.84 10.73
C ASP D 1 -9.12 -19.56 10.25
N VAL D 2 -9.41 -19.47 8.96
CA VAL D 2 -10.13 -18.31 8.47
C VAL D 2 -11.59 -18.64 8.37
N GLN D 3 -12.43 -17.87 9.06
CA GLN D 3 -13.89 -18.02 8.98
C GLN D 3 -14.55 -16.71 8.61
N LEU D 4 -15.63 -16.81 7.84
CA LEU D 4 -16.32 -15.67 7.29
C LEU D 4 -17.76 -15.74 7.71
N GLN D 5 -18.38 -14.57 7.89
CA GLN D 5 -19.81 -14.56 8.14
C GLN D 5 -20.42 -13.27 7.69
N GLU D 6 -21.53 -13.43 6.97
CA GLU D 6 -22.33 -12.38 6.38
C GLU D 6 -23.26 -11.85 7.43
N SER D 7 -23.56 -10.57 7.34
CA SER D 7 -24.67 -10.02 8.09
C SER D 7 -25.26 -8.86 7.31
N GLY D 8 -26.49 -8.54 7.67
CA GLY D 8 -27.23 -7.44 7.04
C GLY D 8 -28.70 -7.83 6.97
N PRO D 9 -29.53 -6.94 6.44
CA PRO D 9 -30.97 -7.14 6.41
C PRO D 9 -31.43 -8.30 5.49
N SER D 10 -32.51 -8.97 5.90
CA SER D 10 -33.15 -10.03 5.12
C SER D 10 -34.13 -9.48 4.06
N LEU D 11 -34.59 -8.23 4.25
CA LEU D 11 -35.62 -7.61 3.38
C LEU D 11 -35.25 -6.17 3.06
N VAL D 12 -35.22 -5.83 1.76
CA VAL D 12 -34.92 -4.49 1.28
C VAL D 12 -35.99 -4.14 0.28
N LYS D 13 -36.37 -2.88 0.27
CA LYS D 13 -37.43 -2.42 -0.65
C LYS D 13 -36.86 -2.06 -1.99
N PRO D 14 -37.63 -2.26 -3.07
CA PRO D 14 -37.16 -1.84 -4.41
C PRO D 14 -36.73 -0.38 -4.45
N SER D 15 -35.65 -0.09 -5.18
CA SER D 15 -35.03 1.24 -5.30
C SER D 15 -34.06 1.62 -4.17
N GLN D 16 -34.04 0.86 -3.07
CA GLN D 16 -33.14 1.15 -1.95
C GLN D 16 -31.80 0.46 -2.14
N THR D 17 -30.87 0.69 -1.23
CA THR D 17 -29.53 0.14 -1.35
C THR D 17 -29.43 -1.07 -0.43
N LEU D 18 -28.94 -2.20 -0.97
CA LEU D 18 -28.68 -3.39 -0.18
C LEU D 18 -27.29 -3.26 0.40
N SER D 19 -27.19 -3.32 1.75
CA SER D 19 -25.92 -3.18 2.45
C SER D 19 -25.63 -4.40 3.31
N LEU D 20 -24.61 -5.18 2.92
CA LEU D 20 -24.20 -6.38 3.66
C LEU D 20 -22.78 -6.19 4.16
N THR D 21 -22.45 -6.96 5.19
CA THR D 21 -21.14 -6.99 5.77
C THR D 21 -20.66 -8.45 5.83
N CYS D 22 -19.36 -8.63 5.69
CA CYS D 22 -18.69 -9.92 5.90
C CYS D 22 -17.62 -9.71 6.94
N SER D 23 -17.71 -10.45 8.05
CA SER D 23 -16.74 -10.37 9.09
C SER D 23 -15.81 -11.57 9.00
N VAL D 24 -14.53 -11.29 9.12
CA VAL D 24 -13.47 -12.27 8.91
C VAL D 24 -12.63 -12.52 10.15
N THR D 25 -12.35 -13.79 10.48
CA THR D 25 -11.50 -14.11 11.63
C THR D 25 -10.07 -14.31 11.15
N GLY D 26 -9.14 -14.33 12.09
CA GLY D 26 -7.71 -14.57 11.80
C GLY D 26 -6.97 -13.30 11.40
N ASP D 27 -5.75 -13.49 10.88
CA ASP D 27 -4.83 -12.39 10.59
C ASP D 27 -4.52 -12.23 9.09
N SER D 28 -5.32 -12.84 8.23
CA SER D 28 -5.07 -12.83 6.79
C SER D 28 -5.77 -11.69 6.05
N PHE D 29 -6.62 -10.91 6.74
CA PHE D 29 -7.51 -9.96 6.05
C PHE D 29 -6.77 -9.05 5.05
N THR D 30 -5.62 -8.48 5.47
CA THR D 30 -4.93 -7.54 4.59
C THR D 30 -4.00 -8.22 3.60
N SER D 31 -3.99 -9.55 3.60
CA SER D 31 -3.19 -10.34 2.65
C SER D 31 -4.00 -10.89 1.46
N ASP D 32 -5.31 -10.95 1.59
CA ASP D 32 -6.13 -11.68 0.62
C ASP D 32 -6.93 -10.73 -0.26
N TYR D 33 -7.59 -11.30 -1.27
CA TYR D 33 -8.63 -10.61 -1.99
C TYR D 33 -9.98 -11.20 -1.55
N TRP D 34 -10.98 -10.35 -1.53
CA TRP D 34 -12.27 -10.67 -0.88
C TRP D 34 -13.44 -10.42 -1.80
N SER D 35 -14.32 -11.42 -1.88
CA SER D 35 -15.30 -11.47 -2.96
C SER D 35 -16.73 -11.54 -2.43
N TRP D 36 -17.66 -11.22 -3.33
CA TRP D 36 -19.09 -11.50 -3.09
C TRP D 36 -19.63 -12.26 -4.30
N ILE D 37 -20.42 -13.29 -3.99
CA ILE D 37 -21.03 -14.19 -4.97
C ILE D 37 -22.48 -14.31 -4.51
N ARG D 38 -23.41 -14.34 -5.44
CA ARG D 38 -24.81 -14.53 -5.09
C ARG D 38 -25.39 -15.69 -5.87
N LYS D 39 -26.40 -16.33 -5.27
CA LYS D 39 -27.05 -17.49 -5.88
C LYS D 39 -28.53 -17.22 -6.01
N PHE D 40 -29.02 -17.29 -7.23
CA PHE D 40 -30.43 -17.10 -7.54
C PHE D 40 -31.16 -18.42 -7.50
N PRO D 41 -32.50 -18.38 -7.38
CA PRO D 41 -33.28 -19.60 -7.58
C PRO D 41 -32.93 -20.30 -8.90
N GLY D 42 -32.92 -21.63 -8.95
CA GLY D 42 -32.55 -22.39 -10.15
C GLY D 42 -31.05 -22.61 -10.30
N ASN D 43 -30.34 -22.54 -9.17
CA ASN D 43 -28.92 -22.82 -9.06
C ASN D 43 -28.06 -21.95 -9.97
N ARG D 44 -28.43 -20.67 -10.08
CA ARG D 44 -27.68 -19.77 -10.90
C ARG D 44 -26.79 -18.95 -9.98
N LEU D 45 -25.49 -19.21 -10.06
CA LEU D 45 -24.48 -18.43 -9.34
C LEU D 45 -23.91 -17.30 -10.19
N GLU D 46 -23.76 -16.14 -9.56
CA GLU D 46 -23.17 -14.96 -10.21
C GLU D 46 -22.03 -14.46 -9.35
N TYR D 47 -20.85 -14.34 -9.93
CA TYR D 47 -19.71 -13.73 -9.24
C TYR D 47 -19.88 -12.19 -9.30
N MET D 48 -20.03 -11.53 -8.17
CA MET D 48 -20.36 -10.10 -8.18
C MET D 48 -19.14 -9.21 -8.28
N GLY D 49 -18.06 -9.60 -7.61
CA GLY D 49 -16.84 -8.82 -7.63
C GLY D 49 -15.88 -9.17 -6.54
N TYR D 50 -14.70 -8.58 -6.60
CA TYR D 50 -13.75 -8.66 -5.51
C TYR D 50 -12.95 -7.38 -5.34
N VAL D 51 -12.38 -7.25 -4.15
CA VAL D 51 -11.55 -6.10 -3.76
C VAL D 51 -10.20 -6.69 -3.28
N THR D 52 -9.12 -6.05 -3.64
CA THR D 52 -7.83 -6.54 -3.28
C THR D 52 -7.27 -5.74 -2.13
N PHE D 53 -6.15 -6.20 -1.57
CA PHE D 53 -5.58 -5.49 -0.39
C PHE D 53 -4.94 -4.15 -0.76
N SER D 54 -4.63 -3.94 -2.03
CA SER D 54 -4.07 -2.67 -2.51
C SER D 54 -5.20 -1.67 -2.90
N GLY D 55 -6.46 -2.03 -2.67
CA GLY D 55 -7.57 -1.13 -2.94
C GLY D 55 -8.16 -1.23 -4.35
N SER D 56 -7.74 -2.20 -5.15
CA SER D 56 -8.36 -2.38 -6.49
C SER D 56 -9.66 -3.10 -6.34
N THR D 57 -10.53 -2.91 -7.33
CA THR D 57 -11.80 -3.64 -7.38
C THR D 57 -12.02 -4.14 -8.80
N TYR D 58 -12.73 -5.27 -8.89
CA TYR D 58 -13.29 -5.77 -10.13
C TYR D 58 -14.72 -6.08 -9.85
N TYR D 59 -15.60 -5.54 -10.68
CA TYR D 59 -17.04 -5.66 -10.55
C TYR D 59 -17.59 -6.25 -11.84
N ASN D 60 -18.62 -7.10 -11.67
CA ASN D 60 -19.28 -7.75 -12.79
C ASN D 60 -20.04 -6.68 -13.60
N PRO D 61 -19.78 -6.56 -14.91
CA PRO D 61 -20.60 -5.61 -15.70
C PRO D 61 -22.11 -5.80 -15.62
N SER D 62 -22.57 -7.00 -15.27
CA SER D 62 -24.00 -7.25 -15.11
C SER D 62 -24.67 -6.34 -14.09
N LEU D 63 -23.88 -5.85 -13.13
CA LEU D 63 -24.37 -5.01 -12.06
C LEU D 63 -24.31 -3.55 -12.43
N LYS D 64 -23.85 -3.26 -13.65
CA LYS D 64 -23.74 -1.93 -14.18
C LYS D 64 -22.87 -1.05 -13.26
N SER D 65 -23.38 0.04 -12.75
CA SER D 65 -22.57 0.84 -11.86
C SER D 65 -23.15 0.84 -10.43
N ARG D 66 -23.87 -0.22 -10.07
CA ARG D 66 -24.63 -0.26 -8.81
C ARG D 66 -23.87 -0.80 -7.63
N ILE D 67 -22.71 -1.41 -7.87
CA ILE D 67 -22.02 -2.16 -6.83
C ILE D 67 -20.76 -1.45 -6.38
N SER D 68 -20.55 -1.44 -5.06
CA SER D 68 -19.25 -1.20 -4.49
C SER D 68 -18.95 -2.26 -3.41
N ILE D 69 -17.66 -2.59 -3.35
CA ILE D 69 -17.10 -3.48 -2.34
C ILE D 69 -15.96 -2.73 -1.70
N THR D 70 -16.04 -2.57 -0.38
CA THR D 70 -15.11 -1.75 0.38
C THR D 70 -14.66 -2.54 1.62
N ARG D 71 -13.52 -2.15 2.17
N ARG D 71 -13.52 -2.16 2.19
CA ARG D 71 -12.89 -2.81 3.31
CA ARG D 71 -12.95 -2.85 3.35
C ARG D 71 -12.85 -1.86 4.49
C ARG D 71 -12.77 -1.89 4.49
N ASP D 72 -12.92 -2.39 5.72
CA ASP D 72 -12.43 -1.65 6.89
C ASP D 72 -11.33 -2.57 7.42
N THR D 73 -10.08 -2.27 7.11
CA THR D 73 -8.96 -3.12 7.62
C THR D 73 -8.84 -3.10 9.16
N SER D 74 -9.18 -1.96 9.78
CA SER D 74 -9.22 -1.88 11.25
C SER D 74 -10.27 -2.80 11.94
N LYS D 75 -11.30 -3.22 11.20
CA LYS D 75 -12.37 -4.09 11.75
C LYS D 75 -12.35 -5.54 11.26
N ASN D 76 -11.42 -5.88 10.36
CA ASN D 76 -11.42 -7.17 9.66
C ASN D 76 -12.79 -7.50 9.02
N GLN D 77 -13.37 -6.49 8.39
CA GLN D 77 -14.71 -6.57 7.81
C GLN D 77 -14.59 -6.02 6.41
N TYR D 78 -15.38 -6.56 5.49
CA TYR D 78 -15.62 -5.90 4.19
C TYR D 78 -17.10 -5.80 3.87
N TYR D 79 -17.43 -5.03 2.84
CA TYR D 79 -18.80 -4.57 2.65
C TYR D 79 -19.23 -4.76 1.23
N LEU D 80 -20.53 -4.99 1.05
CA LEU D 80 -21.18 -4.93 -0.25
C LEU D 80 -22.26 -3.92 -0.13
N ASP D 81 -22.31 -3.00 -1.10
CA ASP D 81 -23.39 -2.05 -1.24
C ASP D 81 -23.85 -2.12 -2.68
N LEU D 82 -25.13 -2.40 -2.89
CA LEU D 82 -25.73 -2.56 -4.21
C LEU D 82 -26.90 -1.57 -4.29
N ASN D 83 -26.74 -0.54 -5.11
CA ASN D 83 -27.73 0.51 -5.25
C ASN D 83 -28.91 0.10 -6.06
N SER D 84 -30.00 0.84 -5.86
CA SER D 84 -31.18 0.78 -6.75
C SER D 84 -31.63 -0.64 -7.03
N VAL D 85 -31.89 -1.40 -5.97
CA VAL D 85 -32.21 -2.81 -6.19
C VAL D 85 -33.61 -2.98 -6.77
N THR D 86 -33.86 -4.13 -7.37
CA THR D 86 -35.18 -4.52 -7.85
C THR D 86 -35.43 -5.93 -7.36
N THR D 87 -36.62 -6.44 -7.62
CA THR D 87 -36.92 -7.82 -7.21
C THR D 87 -35.93 -8.84 -7.79
N GLU D 88 -35.34 -8.54 -8.94
CA GLU D 88 -34.28 -9.37 -9.57
C GLU D 88 -32.96 -9.51 -8.77
N ASP D 89 -32.77 -8.67 -7.75
CA ASP D 89 -31.65 -8.82 -6.80
C ASP D 89 -31.95 -9.75 -5.63
N THR D 90 -33.16 -10.35 -5.59
CA THR D 90 -33.46 -11.36 -4.58
C THR D 90 -32.59 -12.57 -4.82
N ALA D 91 -31.85 -12.96 -3.81
CA ALA D 91 -30.80 -13.95 -3.93
C ALA D 91 -30.18 -14.29 -2.59
N THR D 92 -29.40 -15.39 -2.54
CA THR D 92 -28.59 -15.71 -1.38
C THR D 92 -27.20 -15.16 -1.65
N TYR D 93 -26.73 -14.31 -0.76
CA TYR D 93 -25.46 -13.62 -0.94
C TYR D 93 -24.41 -14.29 -0.09
N TYR D 94 -23.27 -14.63 -0.69
CA TYR D 94 -22.13 -15.22 0.01
C TYR D 94 -20.92 -14.31 -0.09
N CYS D 95 -20.20 -14.20 1.02
CA CYS D 95 -18.83 -13.74 0.95
C CYS D 95 -17.89 -14.94 0.85
N ALA D 96 -16.81 -14.74 0.12
CA ALA D 96 -15.76 -15.72 0.00
C ALA D 96 -14.43 -15.06 -0.28
N ASN D 97 -13.33 -15.75 0.02
CA ASN D 97 -12.02 -15.25 -0.44
C ASN D 97 -11.85 -15.58 -1.92
N TRP D 98 -10.92 -14.89 -2.54
CA TRP D 98 -10.75 -14.94 -4.00
C TRP D 98 -10.45 -16.35 -4.50
N ASP D 99 -9.60 -17.08 -3.76
CA ASP D 99 -9.23 -18.43 -4.22
C ASP D 99 -10.24 -19.53 -3.87
N GLY D 100 -11.34 -19.16 -3.19
CA GLY D 100 -12.43 -20.06 -2.87
C GLY D 100 -12.22 -21.03 -1.74
N ASP D 101 -11.16 -20.89 -0.94
CA ASP D 101 -10.93 -21.72 0.23
C ASP D 101 -11.94 -21.46 1.34
N TYR D 102 -12.36 -20.21 1.53
CA TYR D 102 -13.18 -19.84 2.67
C TYR D 102 -14.43 -19.17 2.20
N TRP D 103 -15.57 -19.64 2.72
CA TRP D 103 -16.89 -19.14 2.38
C TRP D 103 -17.69 -18.88 3.64
N GLY D 104 -18.48 -17.79 3.62
CA GLY D 104 -19.46 -17.61 4.67
C GLY D 104 -20.61 -18.58 4.50
N GLN D 105 -21.65 -18.40 5.29
CA GLN D 105 -22.79 -19.30 5.34
C GLN D 105 -23.79 -18.95 4.27
N GLY D 106 -23.73 -17.72 3.80
CA GLY D 106 -24.72 -17.21 2.86
C GLY D 106 -25.87 -16.56 3.63
N THR D 107 -26.41 -15.49 3.05
CA THR D 107 -27.53 -14.81 3.67
C THR D 107 -28.59 -14.48 2.61
N LEU D 108 -29.82 -14.95 2.85
CA LEU D 108 -30.94 -14.66 1.96
C LEU D 108 -31.37 -13.20 2.10
N VAL D 109 -31.44 -12.56 0.96
CA VAL D 109 -31.95 -11.22 0.89
C VAL D 109 -33.10 -11.24 -0.09
N THR D 110 -34.25 -10.78 0.39
CA THR D 110 -35.44 -10.66 -0.43
C THR D 110 -35.61 -9.19 -0.75
N VAL D 111 -35.80 -8.86 -2.02
CA VAL D 111 -36.09 -7.49 -2.45
C VAL D 111 -37.59 -7.45 -2.80
N SER D 112 -38.37 -6.74 -1.99
CA SER D 112 -39.81 -6.69 -2.17
C SER D 112 -40.40 -5.52 -1.41
N ALA D 113 -41.49 -5.00 -1.99
CA ALA D 113 -42.31 -3.96 -1.40
C ALA D 113 -43.35 -4.54 -0.42
N ALA D 114 -43.51 -5.86 -0.37
CA ALA D 114 -44.53 -6.52 0.48
C ALA D 114 -44.30 -6.31 1.99
N LYS D 115 -45.41 -6.23 2.73
CA LYS D 115 -45.39 -5.95 4.17
C LYS D 115 -45.00 -7.18 4.95
N THR D 116 -44.11 -6.98 5.92
CA THR D 116 -43.77 -8.00 6.88
C THR D 116 -45.03 -8.41 7.64
N THR D 117 -45.28 -9.72 7.72
CA THR D 117 -46.53 -10.29 8.21
C THR D 117 -46.23 -11.56 9.01
N PRO D 118 -46.82 -11.71 10.21
CA PRO D 118 -46.50 -12.87 11.05
C PRO D 118 -47.25 -14.11 10.54
N PRO D 119 -46.71 -15.31 10.80
CA PRO D 119 -47.42 -16.50 10.36
C PRO D 119 -48.61 -16.85 11.25
N SER D 120 -49.58 -17.55 10.68
CA SER D 120 -50.56 -18.29 11.46
C SER D 120 -50.10 -19.73 11.44
N VAL D 121 -50.18 -20.41 12.58
CA VAL D 121 -49.71 -21.79 12.68
C VAL D 121 -50.87 -22.71 13.05
N TYR D 122 -51.07 -23.76 12.24
CA TYR D 122 -52.19 -24.67 12.42
C TYR D 122 -51.70 -26.11 12.57
N PRO D 123 -52.31 -26.85 13.48
CA PRO D 123 -51.90 -28.22 13.74
C PRO D 123 -52.53 -29.12 12.73
N LEU D 124 -51.82 -30.16 12.33
CA LEU D 124 -52.32 -31.15 11.41
C LEU D 124 -52.35 -32.48 12.17
N ALA D 125 -53.55 -32.85 12.65
CA ALA D 125 -53.77 -34.09 13.41
C ALA D 125 -54.53 -35.04 12.50
N PRO D 126 -54.24 -36.36 12.53
CA PRO D 126 -54.90 -37.33 11.63
C PRO D 126 -56.41 -37.39 11.78
N ASN D 133 -51.06 -48.27 11.77
CA ASN D 133 -49.67 -48.70 11.66
C ASN D 133 -48.89 -48.49 12.98
N SER D 134 -47.63 -48.93 13.00
CA SER D 134 -46.74 -48.68 14.15
C SER D 134 -46.34 -47.20 14.28
N MET D 135 -46.45 -46.44 13.19
CA MET D 135 -46.08 -45.04 13.16
C MET D 135 -47.25 -44.17 12.71
N VAL D 136 -47.28 -42.91 13.17
CA VAL D 136 -48.35 -41.97 12.80
C VAL D 136 -47.66 -40.67 12.39
N THR D 137 -48.20 -40.01 11.37
CA THR D 137 -47.64 -38.78 10.85
C THR D 137 -48.51 -37.62 11.31
N LEU D 138 -47.87 -36.59 11.87
CA LEU D 138 -48.52 -35.39 12.31
C LEU D 138 -47.87 -34.26 11.55
N GLY D 139 -48.48 -33.08 11.63
CA GLY D 139 -47.80 -31.93 11.05
C GLY D 139 -48.23 -30.59 11.56
N CYS D 140 -47.49 -29.56 11.13
N CYS D 140 -47.68 -29.60 10.89
CA CYS D 140 -47.88 -28.16 11.32
CA CYS D 140 -47.70 -28.21 11.28
C CYS D 140 -47.86 -27.44 9.98
C CYS D 140 -47.81 -27.40 9.97
N LEU D 141 -48.83 -26.53 9.85
CA LEU D 141 -49.00 -25.71 8.66
C LEU D 141 -48.76 -24.28 9.09
N VAL D 142 -47.80 -23.66 8.43
CA VAL D 142 -47.35 -22.30 8.73
C VAL D 142 -47.63 -21.43 7.52
N LYS D 143 -48.58 -20.52 7.70
CA LYS D 143 -49.23 -19.86 6.61
C LYS D 143 -49.29 -18.36 6.83
N GLY D 144 -49.20 -17.61 5.73
CA GLY D 144 -49.58 -16.22 5.71
C GLY D 144 -48.50 -15.25 6.17
N TYR D 145 -47.24 -15.65 6.07
CA TYR D 145 -46.15 -14.84 6.59
C TYR D 145 -45.25 -14.28 5.49
N PHE D 146 -44.56 -13.19 5.85
CA PHE D 146 -43.58 -12.56 4.98
C PHE D 146 -42.62 -11.75 5.85
N PRO D 147 -41.32 -11.74 5.58
CA PRO D 147 -40.64 -12.52 4.56
C PRO D 147 -40.13 -13.82 5.20
N GLU D 148 -39.47 -14.63 4.39
CA GLU D 148 -38.61 -15.73 4.88
C GLU D 148 -37.50 -15.13 5.77
N PRO D 149 -36.96 -15.89 6.71
CA PRO D 149 -37.27 -17.28 6.96
C PRO D 149 -38.17 -17.47 8.15
N VAL D 150 -38.64 -18.70 8.33
CA VAL D 150 -39.16 -19.18 9.59
C VAL D 150 -38.30 -20.37 9.99
N THR D 151 -38.28 -20.67 11.27
CA THR D 151 -37.64 -21.90 11.71
C THR D 151 -38.71 -22.72 12.40
N VAL D 152 -38.65 -24.02 12.20
CA VAL D 152 -39.60 -24.96 12.75
C VAL D 152 -38.83 -26.09 13.44
N THR D 153 -39.22 -26.35 14.68
CA THR D 153 -38.75 -27.53 15.39
C THR D 153 -39.93 -28.23 16.03
N TRP D 154 -39.68 -29.44 16.51
CA TRP D 154 -40.67 -30.27 17.11
C TRP D 154 -40.18 -30.64 18.51
N ASN D 155 -41.04 -30.46 19.50
CA ASN D 155 -40.69 -30.57 20.94
C ASN D 155 -39.36 -29.94 21.27
N SER D 156 -39.19 -28.71 20.78
CA SER D 156 -38.02 -27.88 21.05
C SER D 156 -36.70 -28.51 20.59
N GLY D 157 -36.76 -29.32 19.53
CA GLY D 157 -35.59 -30.05 19.06
C GLY D 157 -35.44 -31.45 19.61
N SER D 158 -36.20 -31.83 20.64
CA SER D 158 -36.15 -33.21 21.15
C SER D 158 -36.56 -34.24 20.11
N LEU D 159 -37.47 -33.85 19.20
CA LEU D 159 -37.95 -34.73 18.16
C LEU D 159 -37.27 -34.25 16.88
N SER D 160 -36.25 -34.99 16.47
CA SER D 160 -35.37 -34.62 15.36
C SER D 160 -35.53 -35.56 14.16
N SER D 161 -35.54 -36.86 14.44
CA SER D 161 -35.66 -37.85 13.38
C SER D 161 -37.13 -37.96 12.93
N GLY D 162 -37.34 -38.41 11.70
CA GLY D 162 -38.70 -38.52 11.16
C GLY D 162 -39.37 -37.17 10.91
N VAL D 163 -38.59 -36.08 10.89
CA VAL D 163 -39.12 -34.74 10.57
C VAL D 163 -38.84 -34.42 9.10
N HIS D 164 -39.84 -33.88 8.39
CA HIS D 164 -39.59 -33.26 7.07
C HIS D 164 -40.15 -31.86 7.13
N THR D 165 -39.28 -30.86 7.01
CA THR D 165 -39.74 -29.49 6.94
C THR D 165 -39.50 -29.05 5.49
N PHE D 166 -40.60 -28.65 4.84
CA PHE D 166 -40.67 -28.41 3.42
C PHE D 166 -40.31 -26.96 3.08
N PRO D 167 -39.67 -26.73 1.91
CA PRO D 167 -39.39 -25.37 1.51
C PRO D 167 -40.65 -24.56 1.42
N ALA D 168 -40.60 -23.31 1.84
CA ALA D 168 -41.74 -22.43 1.72
C ALA D 168 -42.09 -22.13 0.26
N VAL D 169 -43.39 -21.88 0.01
CA VAL D 169 -43.86 -21.42 -1.30
C VAL D 169 -44.64 -20.12 -1.17
N LEU D 170 -44.31 -19.20 -2.08
CA LEU D 170 -44.81 -17.85 -2.08
C LEU D 170 -46.06 -17.84 -2.95
N GLN D 171 -47.15 -17.32 -2.39
CA GLN D 171 -48.40 -17.12 -3.12
C GLN D 171 -48.96 -15.77 -2.71
N SER D 172 -49.11 -14.86 -3.67
CA SER D 172 -49.72 -13.53 -3.41
C SER D 172 -48.98 -12.82 -2.30
N ASP D 173 -47.65 -12.79 -2.40
CA ASP D 173 -46.79 -12.16 -1.38
C ASP D 173 -46.87 -12.69 0.04
N LEU D 174 -47.38 -13.92 0.21
CA LEU D 174 -47.34 -14.61 1.49
C LEU D 174 -46.82 -16.02 1.30
N TYR D 175 -46.11 -16.48 2.32
CA TYR D 175 -45.51 -17.79 2.28
C TYR D 175 -46.36 -18.81 3.01
N THR D 176 -46.38 -20.01 2.47
CA THR D 176 -46.86 -21.19 3.19
C THR D 176 -45.73 -22.20 3.29
N LEU D 177 -45.57 -22.77 4.46
CA LEU D 177 -44.64 -23.83 4.70
C LEU D 177 -45.36 -24.89 5.54
N SER D 178 -44.94 -26.14 5.39
CA SER D 178 -45.41 -27.19 6.25
C SER D 178 -44.25 -28.06 6.74
N SER D 179 -44.53 -28.72 7.84
CA SER D 179 -43.58 -29.67 8.41
C SER D 179 -44.33 -30.89 8.90
N SER D 180 -43.79 -32.06 8.61
CA SER D 180 -44.36 -33.31 9.03
C SER D 180 -43.40 -33.96 10.02
N VAL D 181 -43.97 -34.70 10.95
CA VAL D 181 -43.18 -35.54 11.86
C VAL D 181 -43.88 -36.89 11.99
N THR D 182 -43.07 -37.96 11.97
CA THR D 182 -43.57 -39.32 12.10
C THR D 182 -43.12 -39.86 13.45
N VAL D 183 -44.06 -40.27 14.28
CA VAL D 183 -43.72 -40.77 15.64
C VAL D 183 -44.40 -42.12 15.87
N PRO D 184 -43.90 -42.92 16.84
CA PRO D 184 -44.61 -44.18 17.16
C PRO D 184 -46.06 -43.92 17.63
N SER D 185 -47.02 -44.68 17.10
CA SER D 185 -48.44 -44.49 17.43
C SER D 185 -48.78 -44.70 18.91
N SER D 186 -47.97 -45.47 19.62
CA SER D 186 -48.08 -45.58 21.08
C SER D 186 -47.29 -44.48 21.83
N THR D 187 -46.84 -43.46 21.11
CA THR D 187 -46.21 -42.25 21.68
C THR D 187 -47.23 -41.07 21.68
N TRP D 188 -48.20 -41.10 20.77
CA TRP D 188 -49.16 -40.01 20.59
C TRP D 188 -50.56 -40.61 20.47
N PRO D 189 -51.57 -40.07 21.17
CA PRO D 189 -51.55 -38.79 21.90
C PRO D 189 -51.06 -38.85 23.35
N SER D 190 -50.50 -39.99 23.77
CA SER D 190 -50.10 -40.20 25.16
C SER D 190 -48.95 -39.30 25.61
N GLU D 191 -47.93 -39.10 24.77
CA GLU D 191 -46.95 -38.05 25.00
C GLU D 191 -47.29 -36.87 24.07
N THR D 192 -46.91 -35.67 24.48
CA THR D 192 -47.25 -34.47 23.75
C THR D 192 -46.31 -34.29 22.55
N VAL D 193 -46.85 -33.71 21.49
CA VAL D 193 -46.08 -33.37 20.29
C VAL D 193 -46.51 -31.94 19.94
N THR D 194 -45.52 -31.07 19.82
CA THR D 194 -45.73 -29.63 19.66
C THR D 194 -44.74 -29.12 18.59
N CYS D 195 -45.23 -28.34 17.63
N CYS D 195 -45.23 -28.37 17.59
CA CYS D 195 -44.33 -27.68 16.68
CA CYS D 195 -44.31 -27.70 16.64
C CYS D 195 -44.06 -26.29 17.22
C CYS D 195 -44.07 -26.27 17.13
N ASN D 196 -42.79 -25.88 17.17
CA ASN D 196 -42.36 -24.55 17.57
C ASN D 196 -41.97 -23.76 16.33
N VAL D 197 -42.65 -22.64 16.11
CA VAL D 197 -42.44 -21.86 14.90
C VAL D 197 -41.96 -20.49 15.29
N ALA D 198 -40.86 -20.05 14.69
CA ALA D 198 -40.32 -18.71 14.91
C ALA D 198 -40.21 -17.96 13.61
N HIS D 199 -40.70 -16.74 13.60
CA HIS D 199 -40.60 -15.85 12.44
C HIS D 199 -39.87 -14.60 12.93
N PRO D 200 -38.54 -14.56 12.75
CA PRO D 200 -37.73 -13.47 13.34
C PRO D 200 -38.16 -12.07 12.89
N ALA D 201 -38.43 -11.90 11.60
CA ALA D 201 -38.84 -10.60 11.05
C ALA D 201 -40.05 -9.94 11.76
N SER D 202 -40.96 -10.72 12.35
CA SER D 202 -42.11 -10.15 13.07
C SER D 202 -42.02 -10.42 14.57
N SER D 203 -40.84 -10.86 15.03
CA SER D 203 -40.66 -11.32 16.42
C SER D 203 -41.79 -12.18 16.96
N THR D 204 -42.28 -13.13 16.17
CA THR D 204 -43.28 -14.04 16.70
C THR D 204 -42.67 -15.41 16.94
N LYS D 205 -43.09 -16.03 18.03
CA LYS D 205 -42.75 -17.41 18.37
C LYS D 205 -44.04 -18.05 18.82
N VAL D 206 -44.38 -19.21 18.25
CA VAL D 206 -45.63 -19.85 18.60
C VAL D 206 -45.38 -21.35 18.73
N ASP D 207 -46.03 -21.93 19.73
CA ASP D 207 -45.98 -23.34 20.00
C ASP D 207 -47.39 -23.86 19.75
N LYS D 208 -47.52 -24.91 18.96
CA LYS D 208 -48.82 -25.45 18.63
C LYS D 208 -48.81 -26.94 18.91
N LYS D 209 -49.59 -27.31 19.93
CA LYS D 209 -49.72 -28.68 20.34
C LYS D 209 -50.62 -29.41 19.35
N ILE D 210 -50.25 -30.63 18.99
CA ILE D 210 -51.05 -31.46 18.11
C ILE D 210 -51.98 -32.31 18.98
N VAL D 211 -53.26 -32.00 18.95
CA VAL D 211 -54.30 -32.67 19.75
C VAL D 211 -55.10 -33.55 18.80
N PRO D 212 -55.61 -34.71 19.26
CA PRO D 212 -56.55 -35.47 18.41
C PRO D 212 -57.82 -34.70 18.10
N ARG D 213 -58.45 -34.97 16.96
CA ARG D 213 -59.60 -34.18 16.49
C ARG D 213 -60.89 -34.52 17.24
N ASP E 1 -18.80 -12.44 -22.21
CA ASP E 1 -18.47 -13.27 -21.02
C ASP E 1 -18.32 -14.73 -21.42
N ILE E 2 -17.48 -15.45 -20.68
CA ILE E 2 -17.29 -16.87 -20.94
C ILE E 2 -18.50 -17.63 -20.39
N VAL E 3 -19.13 -18.47 -21.22
CA VAL E 3 -20.24 -19.30 -20.82
C VAL E 3 -19.71 -20.72 -20.58
N LEU E 4 -20.06 -21.27 -19.42
CA LEU E 4 -19.68 -22.63 -19.03
C LEU E 4 -20.93 -23.45 -19.05
N THR E 5 -20.89 -24.57 -19.74
CA THR E 5 -22.05 -25.42 -19.88
C THR E 5 -21.76 -26.77 -19.21
N GLN E 6 -22.62 -27.16 -18.26
CA GLN E 6 -22.54 -28.44 -17.58
C GLN E 6 -23.71 -29.30 -18.05
N SER E 7 -23.41 -30.45 -18.58
CA SER E 7 -24.48 -31.32 -19.14
C SER E 7 -23.93 -32.71 -19.07
N PRO E 8 -24.67 -33.71 -18.54
CA PRO E 8 -26.07 -33.58 -18.14
C PRO E 8 -26.20 -32.76 -16.89
N ALA E 9 -27.38 -32.17 -16.72
CA ALA E 9 -27.69 -31.33 -15.56
C ALA E 9 -28.03 -32.14 -14.31
N THR E 10 -28.35 -33.43 -14.49
CA THR E 10 -28.61 -34.32 -13.37
C THR E 10 -28.00 -35.70 -13.65
N LEU E 11 -27.50 -36.34 -12.62
CA LEU E 11 -26.90 -37.69 -12.66
C LEU E 11 -27.41 -38.47 -11.44
N SER E 12 -27.80 -39.72 -11.60
CA SER E 12 -28.08 -40.59 -10.46
C SER E 12 -27.00 -41.65 -10.43
N VAL E 13 -26.44 -41.93 -9.26
CA VAL E 13 -25.32 -42.84 -9.13
C VAL E 13 -25.58 -43.81 -7.98
N THR E 14 -25.38 -45.08 -8.23
CA THR E 14 -25.38 -46.09 -7.18
C THR E 14 -24.08 -45.97 -6.39
N PRO E 15 -24.19 -45.90 -5.07
CA PRO E 15 -22.96 -45.83 -4.24
C PRO E 15 -21.99 -46.94 -4.57
N GLY E 16 -20.74 -46.59 -4.77
CA GLY E 16 -19.71 -47.55 -5.17
C GLY E 16 -19.35 -47.41 -6.64
N ASN E 17 -20.27 -46.87 -7.44
CA ASN E 17 -19.98 -46.58 -8.86
C ASN E 17 -19.25 -45.27 -9.04
N SER E 18 -18.58 -45.14 -10.18
CA SER E 18 -17.86 -43.89 -10.49
C SER E 18 -18.76 -42.97 -11.28
N VAL E 19 -18.35 -41.72 -11.40
CA VAL E 19 -19.12 -40.73 -12.15
C VAL E 19 -18.14 -39.70 -12.67
N SER E 20 -18.48 -39.16 -13.84
CA SER E 20 -17.76 -38.09 -14.45
C SER E 20 -18.76 -36.97 -14.82
N LEU E 21 -18.35 -35.75 -14.55
CA LEU E 21 -19.20 -34.57 -14.74
C LEU E 21 -18.46 -33.68 -15.70
N SER E 22 -19.23 -33.06 -16.61
CA SER E 22 -18.67 -32.34 -17.73
C SER E 22 -18.84 -30.85 -17.56
N CYS E 23 -17.80 -30.11 -17.92
CA CYS E 23 -17.84 -28.64 -17.97
C CYS E 23 -17.19 -28.22 -19.24
N ARG E 24 -17.94 -27.54 -20.11
CA ARG E 24 -17.36 -26.97 -21.31
C ARG E 24 -17.49 -25.46 -21.40
N ALA E 25 -16.47 -24.83 -21.94
CA ALA E 25 -16.37 -23.40 -21.96
C ALA E 25 -16.56 -22.90 -23.39
N SER E 26 -17.18 -21.74 -23.53
CA SER E 26 -17.42 -21.15 -24.85
C SER E 26 -16.15 -20.64 -25.54
N GLN E 27 -15.07 -20.40 -24.77
CA GLN E 27 -13.75 -20.08 -25.33
C GLN E 27 -12.70 -20.78 -24.49
N SER E 28 -11.50 -20.88 -25.02
CA SER E 28 -10.42 -21.53 -24.31
C SER E 28 -10.15 -20.83 -22.97
N ILE E 29 -10.00 -21.61 -21.91
CA ILE E 29 -9.67 -21.07 -20.59
C ILE E 29 -8.42 -21.68 -19.97
N GLY E 30 -7.59 -22.34 -20.77
CA GLY E 30 -6.36 -22.90 -20.29
C GLY E 30 -6.59 -24.02 -19.26
N ASN E 31 -6.06 -23.82 -18.05
CA ASN E 31 -6.34 -24.73 -16.93
C ASN E 31 -7.19 -24.02 -15.86
N ASN E 32 -7.77 -22.86 -16.21
CA ASN E 32 -8.30 -21.94 -15.21
C ASN E 32 -9.75 -22.24 -14.90
N LEU E 33 -9.97 -23.45 -14.42
CA LEU E 33 -11.28 -24.02 -14.16
C LEU E 33 -11.24 -24.65 -12.79
N HIS E 34 -12.25 -24.35 -11.98
CA HIS E 34 -12.32 -24.79 -10.61
C HIS E 34 -13.66 -25.50 -10.36
N TRP E 35 -13.66 -26.54 -9.53
CA TRP E 35 -14.85 -27.31 -9.25
C TRP E 35 -15.26 -27.13 -7.79
N TYR E 36 -16.54 -26.85 -7.59
CA TYR E 36 -17.16 -26.72 -6.29
C TYR E 36 -18.28 -27.74 -6.10
N GLN E 37 -18.44 -28.19 -4.88
CA GLN E 37 -19.60 -28.95 -4.48
C GLN E 37 -20.43 -28.05 -3.59
N GLN E 38 -21.77 -28.09 -3.73
CA GLN E 38 -22.61 -27.42 -2.78
C GLN E 38 -23.69 -28.38 -2.29
N LYS E 39 -23.56 -28.79 -1.04
CA LYS E 39 -24.55 -29.68 -0.45
C LYS E 39 -25.71 -28.85 0.03
N SER E 40 -26.80 -29.56 0.30
CA SER E 40 -28.06 -28.99 0.76
C SER E 40 -27.78 -28.16 2.02
N HIS E 41 -28.24 -26.92 2.02
CA HIS E 41 -28.09 -25.99 3.16
C HIS E 41 -26.64 -25.74 3.58
N GLU E 42 -25.73 -25.79 2.62
CA GLU E 42 -24.34 -25.47 2.93
C GLU E 42 -23.80 -24.57 1.86
N SER E 43 -22.65 -23.99 2.17
CA SER E 43 -21.96 -23.16 1.21
C SER E 43 -21.16 -24.01 0.23
N PRO E 44 -20.83 -23.44 -0.95
CA PRO E 44 -19.94 -24.16 -1.88
C PRO E 44 -18.62 -24.49 -1.24
N ARG E 45 -18.05 -25.62 -1.60
CA ARG E 45 -16.77 -26.08 -1.14
C ARG E 45 -15.93 -26.39 -2.35
N LEU E 46 -14.73 -25.81 -2.39
CA LEU E 46 -13.80 -26.02 -3.47
C LEU E 46 -13.25 -27.46 -3.40
N LEU E 47 -13.33 -28.17 -4.51
CA LEU E 47 -12.84 -29.54 -4.61
C LEU E 47 -11.55 -29.71 -5.40
N ILE E 48 -11.43 -28.96 -6.46
CA ILE E 48 -10.29 -29.04 -7.37
C ILE E 48 -10.09 -27.63 -7.90
N LYS E 49 -8.83 -27.20 -7.99
CA LYS E 49 -8.49 -25.92 -8.54
C LYS E 49 -7.55 -26.13 -9.73
N TYR E 50 -7.60 -25.17 -10.64
CA TYR E 50 -6.77 -25.14 -11.80
C TYR E 50 -6.84 -26.48 -12.54
N ALA E 51 -8.08 -26.91 -12.79
CA ALA E 51 -8.46 -28.09 -13.62
C ALA E 51 -8.16 -29.44 -12.99
N SER E 52 -6.94 -29.58 -12.46
CA SER E 52 -6.50 -30.85 -11.92
C SER E 52 -5.79 -30.83 -10.54
N GLN E 53 -5.61 -29.65 -9.94
N GLN E 53 -5.60 -29.65 -9.95
CA GLN E 53 -4.81 -29.53 -8.70
CA GLN E 53 -4.80 -29.54 -8.71
C GLN E 53 -5.69 -29.93 -7.52
C GLN E 53 -5.67 -29.90 -7.51
N SER E 54 -5.18 -30.82 -6.68
CA SER E 54 -5.95 -31.30 -5.54
C SER E 54 -5.91 -30.28 -4.40
N ILE E 55 -6.88 -30.40 -3.52
CA ILE E 55 -7.08 -29.46 -2.43
C ILE E 55 -6.89 -30.25 -1.14
N SER E 56 -6.09 -29.71 -0.23
CA SER E 56 -5.85 -30.35 1.04
C SER E 56 -7.17 -30.66 1.79
N GLY E 57 -7.33 -31.91 2.21
CA GLY E 57 -8.52 -32.36 2.97
C GLY E 57 -9.66 -32.89 2.09
N ILE E 58 -9.53 -32.78 0.77
CA ILE E 58 -10.57 -33.31 -0.13
C ILE E 58 -10.19 -34.77 -0.42
N PRO E 59 -11.17 -35.70 -0.29
CA PRO E 59 -10.86 -37.12 -0.58
C PRO E 59 -10.21 -37.33 -1.94
N SER E 60 -9.28 -38.25 -2.01
CA SER E 60 -8.55 -38.51 -3.22
C SER E 60 -9.47 -39.12 -4.29
N ARG E 61 -10.68 -39.54 -3.92
CA ARG E 61 -11.67 -40.04 -4.91
C ARG E 61 -12.04 -39.00 -5.97
N PHE E 62 -11.92 -37.71 -5.61
CA PHE E 62 -12.20 -36.57 -6.52
C PHE E 62 -10.95 -36.21 -7.30
N SER E 63 -11.08 -36.15 -8.61
CA SER E 63 -9.97 -35.66 -9.45
C SER E 63 -10.54 -34.89 -10.62
N GLY E 64 -9.71 -34.02 -11.18
CA GLY E 64 -10.10 -33.21 -12.31
C GLY E 64 -9.16 -33.41 -13.47
N SER E 65 -9.69 -33.27 -14.69
CA SER E 65 -8.83 -33.32 -15.86
C SER E 65 -9.42 -32.42 -16.93
N GLY E 66 -8.64 -32.23 -17.98
CA GLY E 66 -9.04 -31.45 -19.15
C GLY E 66 -8.22 -30.18 -19.27
N SER E 67 -8.50 -29.42 -20.32
CA SER E 67 -7.81 -28.18 -20.67
C SER E 67 -8.54 -27.51 -21.82
N GLY E 68 -8.30 -26.21 -22.01
CA GLY E 68 -8.87 -25.51 -23.13
C GLY E 68 -10.32 -25.19 -22.90
N THR E 69 -11.20 -25.95 -23.57
CA THR E 69 -12.64 -25.77 -23.48
C THR E 69 -13.34 -26.97 -22.88
N ASP E 70 -12.62 -28.04 -22.54
CA ASP E 70 -13.26 -29.27 -22.13
C ASP E 70 -12.66 -29.83 -20.83
N PHE E 71 -13.50 -29.93 -19.80
CA PHE E 71 -13.07 -30.32 -18.48
C PHE E 71 -14.00 -31.35 -17.86
N THR E 72 -13.38 -32.19 -17.02
CA THR E 72 -14.07 -33.28 -16.34
C THR E 72 -13.66 -33.38 -14.87
N LEU E 73 -14.68 -33.46 -14.02
CA LEU E 73 -14.57 -33.88 -12.64
C LEU E 73 -14.97 -35.33 -12.52
N SER E 74 -14.09 -36.16 -12.01
CA SER E 74 -14.33 -37.58 -11.83
C SER E 74 -14.39 -37.90 -10.36
N ILE E 75 -15.38 -38.68 -9.98
CA ILE E 75 -15.50 -39.15 -8.62
C ILE E 75 -15.41 -40.68 -8.72
N ASN E 76 -14.35 -41.27 -8.20
CA ASN E 76 -14.29 -42.71 -8.09
C ASN E 76 -15.10 -43.09 -6.79
N SER E 77 -15.80 -44.21 -6.82
CA SER E 77 -16.50 -44.76 -5.67
C SER E 77 -17.35 -43.72 -4.97
N VAL E 78 -18.37 -43.26 -5.66
CA VAL E 78 -19.28 -42.31 -5.09
C VAL E 78 -19.84 -42.87 -3.79
N GLU E 79 -19.93 -42.01 -2.80
CA GLU E 79 -20.50 -42.34 -1.50
C GLU E 79 -21.78 -41.54 -1.33
N THR E 80 -22.68 -42.02 -0.47
CA THR E 80 -23.97 -41.37 -0.24
C THR E 80 -23.79 -39.90 0.08
N GLU E 81 -22.79 -39.60 0.91
CA GLU E 81 -22.48 -38.20 1.29
C GLU E 81 -22.14 -37.26 0.12
N ASP E 82 -21.92 -37.81 -1.08
CA ASP E 82 -21.53 -36.98 -2.21
C ASP E 82 -22.67 -36.30 -2.93
N PHE E 83 -23.92 -36.59 -2.55
CA PHE E 83 -25.04 -36.01 -3.26
C PHE E 83 -25.10 -34.50 -3.06
N GLY E 84 -25.59 -33.80 -4.05
CA GLY E 84 -25.65 -32.34 -4.05
C GLY E 84 -25.32 -31.76 -5.41
N MET E 85 -25.07 -30.45 -5.44
CA MET E 85 -24.78 -29.75 -6.67
C MET E 85 -23.28 -29.62 -6.88
N TYR E 86 -22.87 -29.71 -8.13
CA TYR E 86 -21.49 -29.54 -8.53
C TYR E 86 -21.45 -28.43 -9.60
N PHE E 87 -20.58 -27.43 -9.39
CA PHE E 87 -20.47 -26.29 -10.27
C PHE E 87 -19.04 -26.14 -10.72
N CYS E 88 -18.82 -25.73 -11.98
CA CYS E 88 -17.48 -25.32 -12.41
C CYS E 88 -17.46 -23.81 -12.46
N GLN E 89 -16.28 -23.24 -12.25
CA GLN E 89 -16.11 -21.80 -12.31
C GLN E 89 -14.82 -21.52 -13.05
N GLN E 90 -14.84 -20.60 -14.01
CA GLN E 90 -13.62 -20.16 -14.68
C GLN E 90 -13.06 -18.85 -14.09
N SER E 91 -11.74 -18.75 -14.04
CA SER E 91 -11.04 -17.58 -13.54
C SER E 91 -10.10 -17.01 -14.63
N ASN E 92 -10.20 -17.52 -15.84
CA ASN E 92 -9.43 -17.00 -16.97
C ASN E 92 -9.70 -15.53 -17.30
N SER E 93 -10.98 -15.15 -17.25
CA SER E 93 -11.45 -13.86 -17.78
C SER E 93 -12.43 -13.24 -16.81
N TRP E 94 -12.30 -11.93 -16.60
CA TRP E 94 -13.23 -11.18 -15.81
C TRP E 94 -14.38 -10.79 -16.76
N PRO E 95 -15.65 -11.02 -16.41
CA PRO E 95 -16.07 -11.52 -15.10
C PRO E 95 -15.95 -13.04 -14.98
N TYR E 96 -15.60 -13.51 -13.78
CA TYR E 96 -15.66 -14.92 -13.49
C TYR E 96 -17.10 -15.39 -13.67
N THR E 97 -17.23 -16.58 -14.21
CA THR E 97 -18.51 -17.17 -14.44
C THR E 97 -18.55 -18.62 -13.96
N PHE E 98 -19.77 -19.06 -13.61
CA PHE E 98 -20.09 -20.40 -13.18
C PHE E 98 -20.89 -21.16 -14.23
N GLY E 99 -20.69 -22.49 -14.31
CA GLY E 99 -21.59 -23.36 -15.05
C GLY E 99 -22.91 -23.41 -14.35
N GLY E 100 -23.93 -23.93 -15.04
CA GLY E 100 -25.29 -24.03 -14.44
C GLY E 100 -25.52 -25.12 -13.39
N GLY E 101 -24.52 -25.95 -13.16
CA GLY E 101 -24.58 -26.97 -12.12
C GLY E 101 -25.09 -28.33 -12.63
N THR E 102 -24.51 -29.39 -12.09
CA THR E 102 -24.99 -30.74 -12.30
C THR E 102 -25.40 -31.26 -10.89
N LYS E 103 -26.59 -31.84 -10.81
CA LYS E 103 -27.11 -32.39 -9.57
C LYS E 103 -26.76 -33.86 -9.51
N LEU E 104 -26.00 -34.28 -8.50
CA LEU E 104 -25.67 -35.70 -8.32
C LEU E 104 -26.68 -36.25 -7.32
N GLU E 105 -27.49 -37.19 -7.74
CA GLU E 105 -28.41 -37.85 -6.81
C GLU E 105 -27.96 -39.30 -6.60
N ILE E 106 -28.30 -39.81 -5.44
CA ILE E 106 -27.98 -41.17 -5.11
C ILE E 106 -29.13 -42.05 -5.63
N LYS E 107 -28.75 -43.07 -6.40
CA LYS E 107 -29.66 -44.12 -6.85
C LYS E 107 -29.86 -45.16 -5.74
N ARG E 108 -31.10 -45.49 -5.48
CA ARG E 108 -31.46 -46.50 -4.50
C ARG E 108 -32.69 -47.22 -5.02
N ALA E 109 -33.15 -48.22 -4.29
CA ALA E 109 -34.33 -49.00 -4.71
C ALA E 109 -35.58 -48.12 -4.68
N ASP E 110 -36.47 -48.38 -5.62
CA ASP E 110 -37.73 -47.66 -5.69
C ASP E 110 -38.48 -47.85 -4.38
N ALA E 111 -39.16 -46.80 -3.93
CA ALA E 111 -39.95 -46.80 -2.69
C ALA E 111 -41.21 -45.99 -2.92
N ALA E 112 -42.35 -46.57 -2.54
CA ALA E 112 -43.64 -45.87 -2.67
C ALA E 112 -43.78 -44.86 -1.54
N PRO E 113 -44.41 -43.72 -1.81
CA PRO E 113 -44.61 -42.73 -0.78
C PRO E 113 -45.56 -43.20 0.30
N THR E 114 -45.32 -42.75 1.52
CA THR E 114 -46.27 -42.86 2.58
C THR E 114 -47.11 -41.61 2.54
N VAL E 115 -48.40 -41.78 2.29
CA VAL E 115 -49.29 -40.66 1.97
C VAL E 115 -50.24 -40.41 3.15
N SER E 116 -50.32 -39.16 3.60
CA SER E 116 -51.16 -38.75 4.73
C SER E 116 -51.94 -37.51 4.33
N ILE E 117 -53.25 -37.51 4.58
CA ILE E 117 -54.11 -36.35 4.31
C ILE E 117 -54.64 -35.74 5.60
N PHE E 118 -54.74 -34.42 5.61
CA PHE E 118 -55.19 -33.66 6.79
C PHE E 118 -56.26 -32.66 6.44
N PRO E 119 -57.42 -32.75 7.12
CA PRO E 119 -58.44 -31.71 6.89
C PRO E 119 -58.02 -30.40 7.52
N PRO E 120 -58.73 -29.31 7.21
CA PRO E 120 -58.40 -28.04 7.85
C PRO E 120 -58.57 -28.14 9.36
N SER E 121 -57.74 -27.45 10.10
CA SER E 121 -57.87 -27.38 11.55
C SER E 121 -59.04 -26.50 11.97
N SER E 122 -59.53 -26.75 13.18
CA SER E 122 -60.61 -25.98 13.83
C SER E 122 -60.27 -24.50 13.87
N GLU E 123 -59.05 -24.21 14.28
CA GLU E 123 -58.58 -22.82 14.37
C GLU E 123 -58.45 -22.14 13.00
N GLN E 124 -58.04 -22.86 11.94
CA GLN E 124 -58.06 -22.22 10.61
C GLN E 124 -59.50 -21.88 10.19
N LEU E 125 -60.42 -22.83 10.33
CA LEU E 125 -61.84 -22.61 9.99
C LEU E 125 -62.44 -21.43 10.76
N THR E 126 -62.06 -21.27 12.02
CA THR E 126 -62.43 -20.10 12.82
C THR E 126 -62.05 -18.77 12.14
N SER E 127 -60.90 -18.71 11.46
CA SER E 127 -60.47 -17.49 10.77
C SER E 127 -60.96 -17.35 9.30
N GLY E 128 -61.78 -18.28 8.84
CA GLY E 128 -62.45 -18.17 7.54
C GLY E 128 -61.71 -18.82 6.40
N GLY E 129 -60.63 -19.54 6.74
CA GLY E 129 -59.80 -20.23 5.76
C GLY E 129 -59.94 -21.74 5.91
N ALA E 130 -59.53 -22.45 4.86
CA ALA E 130 -59.52 -23.91 4.90
C ALA E 130 -58.46 -24.49 3.94
N SER E 131 -57.38 -25.03 4.51
CA SER E 131 -56.32 -25.63 3.72
C SER E 131 -56.37 -27.12 3.99
N VAL E 132 -56.24 -27.89 2.93
CA VAL E 132 -56.16 -29.34 3.07
C VAL E 132 -54.72 -29.69 2.70
N VAL E 133 -54.09 -30.54 3.50
CA VAL E 133 -52.65 -30.87 3.31
C VAL E 133 -52.46 -32.36 3.05
N CYS E 134 -51.60 -32.66 2.09
CA CYS E 134 -51.20 -34.00 1.84
C CYS E 134 -49.68 -34.13 1.91
N PHE E 135 -49.16 -35.05 2.72
CA PHE E 135 -47.72 -35.32 2.76
C PHE E 135 -47.52 -36.62 2.01
N LEU E 136 -46.51 -36.63 1.15
CA LEU E 136 -46.12 -37.82 0.40
C LEU E 136 -44.65 -38.04 0.75
N ASN E 137 -44.42 -38.94 1.71
CA ASN E 137 -43.12 -39.02 2.40
C ASN E 137 -42.28 -40.24 2.02
N ASN E 138 -40.98 -39.99 1.85
CA ASN E 138 -39.98 -41.05 1.76
C ASN E 138 -40.15 -41.98 0.59
N PHE E 139 -40.20 -41.39 -0.60
CA PHE E 139 -40.37 -42.13 -1.85
C PHE E 139 -39.13 -42.01 -2.75
N TYR E 140 -38.99 -42.91 -3.71
CA TYR E 140 -37.90 -42.83 -4.70
C TYR E 140 -38.40 -43.59 -5.91
N PRO E 141 -38.17 -43.13 -7.14
CA PRO E 141 -37.51 -41.86 -7.47
C PRO E 141 -38.35 -40.60 -7.22
N LYS E 142 -37.73 -39.46 -7.50
CA LYS E 142 -38.28 -38.15 -7.20
C LYS E 142 -39.56 -37.81 -7.99
N ASP E 143 -39.70 -38.32 -9.21
CA ASP E 143 -40.84 -38.00 -10.07
C ASP E 143 -42.11 -38.59 -9.50
N ILE E 144 -43.09 -37.73 -9.32
CA ILE E 144 -44.38 -38.14 -8.77
C ILE E 144 -45.38 -37.08 -9.26
N ASN E 145 -46.64 -37.48 -9.43
CA ASN E 145 -47.69 -36.55 -9.84
C ASN E 145 -48.76 -36.65 -8.74
N VAL E 146 -49.12 -35.51 -8.18
CA VAL E 146 -50.22 -35.42 -7.22
C VAL E 146 -51.39 -34.69 -7.87
N LYS E 147 -52.59 -35.28 -7.78
CA LYS E 147 -53.82 -34.62 -8.23
C LYS E 147 -54.74 -34.47 -7.02
N TRP E 148 -55.32 -33.28 -6.83
CA TRP E 148 -56.40 -33.13 -5.85
C TRP E 148 -57.74 -33.30 -6.56
N LYS E 149 -58.68 -33.99 -5.88
CA LYS E 149 -60.05 -34.14 -6.35
C LYS E 149 -61.01 -33.73 -5.26
N ILE E 150 -61.95 -32.85 -5.61
CA ILE E 150 -62.97 -32.37 -4.69
C ILE E 150 -64.29 -32.87 -5.26
N ASP E 151 -65.02 -33.71 -4.51
CA ASP E 151 -66.25 -34.36 -5.02
C ASP E 151 -66.06 -34.92 -6.43
N GLY E 152 -64.90 -35.53 -6.67
CA GLY E 152 -64.64 -36.22 -7.94
C GLY E 152 -63.91 -35.45 -9.01
N SER E 153 -63.95 -34.10 -8.99
CA SER E 153 -63.34 -33.33 -10.07
C SER E 153 -61.96 -32.76 -9.70
N GLU E 154 -61.04 -32.89 -10.66
CA GLU E 154 -59.67 -32.47 -10.52
C GLU E 154 -59.61 -30.96 -10.27
N ARG E 155 -58.90 -30.54 -9.25
CA ARG E 155 -58.73 -29.13 -8.99
C ARG E 155 -57.34 -28.70 -9.53
N GLN E 156 -57.34 -28.06 -10.70
CA GLN E 156 -56.12 -27.77 -11.49
C GLN E 156 -55.25 -26.55 -11.06
N ASN E 157 -55.72 -25.70 -10.14
CA ASN E 157 -55.05 -24.43 -9.73
C ASN E 157 -55.21 -24.20 -8.21
N GLY E 158 -54.27 -23.47 -7.60
CA GLY E 158 -54.34 -23.16 -6.14
C GLY E 158 -53.74 -24.22 -5.20
N VAL E 159 -52.97 -25.11 -5.81
CA VAL E 159 -52.30 -26.19 -5.07
C VAL E 159 -50.84 -25.77 -4.94
N LEU E 160 -50.35 -25.71 -3.71
CA LEU E 160 -48.96 -25.35 -3.46
C LEU E 160 -48.21 -26.63 -3.15
N ASN E 161 -47.24 -26.97 -4.01
CA ASN E 161 -46.42 -28.15 -3.89
C ASN E 161 -45.00 -27.74 -3.49
N SER E 162 -44.37 -28.56 -2.66
CA SER E 162 -43.02 -28.31 -2.21
C SER E 162 -42.35 -29.66 -2.00
N TRP E 163 -41.09 -29.77 -2.41
CA TRP E 163 -40.32 -31.01 -2.31
C TRP E 163 -39.11 -30.79 -1.44
N THR E 164 -38.78 -31.76 -0.62
CA THR E 164 -37.49 -31.75 0.05
C THR E 164 -36.37 -32.16 -0.90
N ASP E 165 -35.15 -31.84 -0.50
CA ASP E 165 -33.95 -32.38 -1.16
C ASP E 165 -33.82 -33.82 -0.74
N GLN E 166 -32.97 -34.55 -1.45
CA GLN E 166 -32.73 -35.95 -1.15
C GLN E 166 -32.29 -36.12 0.30
N ASP E 167 -32.78 -37.17 0.95
CA ASP E 167 -32.51 -37.37 2.38
C ASP E 167 -31.10 -37.94 2.55
N SER E 168 -30.33 -37.41 3.52
CA SER E 168 -28.96 -37.90 3.74
C SER E 168 -28.85 -39.31 4.38
N LYS E 169 -29.91 -39.78 5.06
CA LYS E 169 -29.88 -41.10 5.69
C LYS E 169 -30.36 -42.18 4.73
N ASP E 170 -31.51 -41.96 4.05
CA ASP E 170 -32.14 -43.02 3.27
C ASP E 170 -32.26 -42.75 1.74
N SER E 171 -31.74 -41.62 1.29
CA SER E 171 -31.75 -41.21 -0.12
C SER E 171 -33.14 -41.12 -0.80
N THR E 172 -34.18 -40.87 0.00
CA THR E 172 -35.55 -40.70 -0.52
C THR E 172 -35.87 -39.22 -0.67
N TYR E 173 -37.05 -38.93 -1.20
CA TYR E 173 -37.58 -37.60 -1.35
C TYR E 173 -38.91 -37.56 -0.60
N SER E 174 -39.33 -36.37 -0.20
CA SER E 174 -40.65 -36.16 0.33
C SER E 174 -41.28 -34.95 -0.34
N MET E 175 -42.61 -34.86 -0.25
CA MET E 175 -43.37 -33.78 -0.85
C MET E 175 -44.55 -33.41 0.00
N SER E 176 -44.89 -32.13 -0.06
CA SER E 176 -46.05 -31.61 0.61
C SER E 176 -46.90 -30.95 -0.45
N SER E 177 -48.21 -31.16 -0.36
CA SER E 177 -49.16 -30.54 -1.29
C SER E 177 -50.28 -29.93 -0.47
N THR E 178 -50.55 -28.64 -0.67
CA THR E 178 -51.58 -27.95 0.10
C THR E 178 -52.61 -27.32 -0.83
N LEU E 179 -53.86 -27.65 -0.61
CA LEU E 179 -54.98 -27.06 -1.38
C LEU E 179 -55.65 -26.04 -0.48
N THR E 180 -55.66 -24.74 -0.82
CA THR E 180 -56.34 -23.76 0.05
C THR E 180 -57.65 -23.24 -0.57
N LEU E 181 -58.72 -23.39 0.21
CA LEU E 181 -60.07 -22.94 -0.12
C LEU E 181 -60.46 -21.92 0.93
N THR E 182 -61.53 -21.20 0.67
CA THR E 182 -62.19 -20.46 1.73
C THR E 182 -63.00 -21.45 2.54
N LYS E 183 -63.33 -21.06 3.77
CA LYS E 183 -64.19 -21.89 4.61
C LYS E 183 -65.54 -22.12 3.93
N ASP E 184 -66.10 -21.05 3.37
CA ASP E 184 -67.38 -21.18 2.64
C ASP E 184 -67.28 -22.26 1.53
N GLU E 185 -66.24 -22.18 0.71
CA GLU E 185 -65.98 -23.13 -0.37
C GLU E 185 -65.77 -24.55 0.16
N TYR E 186 -64.99 -24.70 1.23
CA TYR E 186 -64.74 -26.01 1.87
C TYR E 186 -66.04 -26.67 2.39
N GLU E 187 -66.88 -25.85 3.03
CA GLU E 187 -68.14 -26.30 3.60
C GLU E 187 -69.20 -26.69 2.55
N ARG E 188 -69.02 -26.30 1.29
CA ARG E 188 -69.98 -26.61 0.22
C ARG E 188 -69.58 -27.87 -0.56
N HIS E 189 -68.52 -28.55 -0.13
CA HIS E 189 -68.10 -29.76 -0.80
C HIS E 189 -67.88 -30.81 0.27
N ASN E 190 -67.93 -32.08 -0.15
CA ASN E 190 -68.04 -33.18 0.78
C ASN E 190 -66.84 -34.06 0.88
N SER E 191 -66.22 -34.37 -0.27
CA SER E 191 -65.19 -35.41 -0.40
C SER E 191 -63.89 -34.78 -0.90
N TYR E 192 -62.79 -35.03 -0.20
CA TYR E 192 -61.49 -34.44 -0.51
C TYR E 192 -60.46 -35.54 -0.69
N THR E 193 -59.81 -35.57 -1.85
CA THR E 193 -58.88 -36.63 -2.20
C THR E 193 -57.56 -36.09 -2.67
N CYS E 194 -56.51 -36.68 -2.08
CA CYS E 194 -55.14 -36.52 -2.50
C CYS E 194 -54.80 -37.79 -3.24
N GLU E 195 -54.42 -37.70 -4.51
CA GLU E 195 -54.12 -38.88 -5.29
C GLU E 195 -52.70 -38.80 -5.86
N ALA E 196 -51.89 -39.82 -5.61
CA ALA E 196 -50.50 -39.83 -5.98
C ALA E 196 -50.20 -40.93 -6.98
N THR E 197 -49.63 -40.55 -8.12
CA THR E 197 -49.18 -41.50 -9.12
C THR E 197 -47.66 -41.53 -9.14
N HIS E 198 -47.12 -42.75 -9.02
CA HIS E 198 -45.69 -42.96 -8.82
C HIS E 198 -45.38 -44.28 -9.50
N LYS E 199 -44.16 -44.40 -10.02
CA LYS E 199 -43.78 -45.58 -10.78
C LYS E 199 -43.79 -46.89 -10.00
N THR E 200 -43.87 -46.81 -8.68
CA THR E 200 -43.94 -47.99 -7.83
C THR E 200 -45.30 -48.70 -7.83
N SER E 201 -46.36 -48.01 -8.25
CA SER E 201 -47.69 -48.60 -8.26
C SER E 201 -48.34 -48.33 -9.57
N THR E 202 -49.00 -49.35 -10.11
CA THR E 202 -49.79 -49.16 -11.29
C THR E 202 -51.06 -48.30 -10.93
N SER E 203 -51.69 -48.63 -9.80
CA SER E 203 -52.81 -47.86 -9.24
C SER E 203 -52.26 -46.64 -8.47
N PRO E 204 -52.91 -45.47 -8.62
CA PRO E 204 -52.55 -44.35 -7.77
C PRO E 204 -52.81 -44.69 -6.30
N ILE E 205 -52.03 -44.09 -5.40
CA ILE E 205 -52.32 -44.14 -3.99
C ILE E 205 -53.34 -43.04 -3.71
N VAL E 206 -54.46 -43.43 -3.12
CA VAL E 206 -55.56 -42.52 -2.86
C VAL E 206 -55.74 -42.37 -1.35
N LYS E 207 -55.61 -41.14 -0.86
CA LYS E 207 -55.97 -40.83 0.52
C LYS E 207 -57.09 -39.80 0.47
N SER E 208 -58.15 -40.03 1.23
CA SER E 208 -59.27 -39.10 1.23
C SER E 208 -59.94 -39.01 2.58
N PHE E 209 -60.75 -37.96 2.74
CA PHE E 209 -61.66 -37.84 3.86
C PHE E 209 -62.98 -37.19 3.42
N ASN E 210 -64.00 -37.44 4.23
CA ASN E 210 -65.28 -36.80 4.12
C ASN E 210 -65.37 -35.77 5.24
N ARG E 211 -65.62 -34.52 4.86
CA ARG E 211 -65.83 -33.44 5.80
C ARG E 211 -66.93 -33.80 6.79
N ASN E 212 -66.62 -33.63 8.08
CA ASN E 212 -67.48 -34.06 9.17
C ASN E 212 -67.57 -32.95 10.23
N GLU E 213 -68.77 -32.40 10.39
CA GLU E 213 -69.15 -31.49 11.51
C GLU E 213 -69.55 -32.27 12.79
N LYS F 1 16.90 -24.03 -12.40
CA LYS F 1 16.72 -24.40 -13.83
C LYS F 1 16.70 -23.14 -14.67
N VAL F 2 17.55 -23.08 -15.69
CA VAL F 2 17.42 -22.06 -16.71
C VAL F 2 16.59 -22.70 -17.84
N TYR F 3 15.41 -22.19 -18.09
CA TYR F 3 14.59 -22.70 -19.19
C TYR F 3 15.11 -22.17 -20.53
N SER F 4 14.94 -22.93 -21.60
CA SER F 4 14.99 -22.35 -22.94
C SER F 4 13.66 -21.61 -23.15
N ARG F 5 13.68 -20.65 -24.07
CA ARG F 5 12.48 -19.88 -24.43
C ARG F 5 11.27 -20.78 -24.74
N CYS F 6 11.45 -21.74 -25.64
CA CYS F 6 10.33 -22.61 -26.05
C CYS F 6 9.89 -23.60 -24.97
N GLU F 7 10.84 -24.09 -24.17
CA GLU F 7 10.53 -25.00 -23.06
C GLU F 7 9.64 -24.26 -22.03
N LEU F 8 10.02 -22.99 -21.76
CA LEU F 8 9.22 -22.13 -20.87
C LEU F 8 7.86 -21.85 -21.46
N ALA F 9 7.81 -21.57 -22.76
CA ALA F 9 6.54 -21.29 -23.43
C ALA F 9 5.54 -22.43 -23.30
N ALA F 10 6.02 -23.65 -23.51
CA ALA F 10 5.19 -24.86 -23.39
C ALA F 10 4.69 -25.07 -21.96
N ALA F 11 5.57 -24.89 -20.98
CA ALA F 11 5.21 -24.99 -19.56
C ALA F 11 4.16 -23.97 -19.16
N MET F 12 4.38 -22.72 -19.53
CA MET F 12 3.41 -21.66 -19.25
C MET F 12 2.06 -21.91 -19.94
N LYS F 13 2.07 -22.45 -21.15
CA LYS F 13 0.81 -22.83 -21.81
C LYS F 13 0.08 -23.95 -21.08
N ARG F 14 0.82 -25.00 -20.68
CA ARG F 14 0.25 -26.11 -19.91
C ARG F 14 -0.37 -25.58 -18.61
N LEU F 15 0.24 -24.54 -18.03
CA LEU F 15 -0.23 -23.95 -16.78
C LEU F 15 -1.17 -22.72 -16.96
N GLY F 16 -1.74 -22.55 -18.14
CA GLY F 16 -2.89 -21.70 -18.35
C GLY F 16 -2.62 -20.22 -18.39
N LEU F 17 -1.42 -19.82 -18.79
CA LEU F 17 -1.10 -18.40 -18.90
C LEU F 17 -1.48 -17.81 -20.26
N ASP F 18 -1.73 -18.63 -21.28
CA ASP F 18 -2.06 -18.05 -22.60
C ASP F 18 -3.44 -17.39 -22.57
N ASN F 19 -3.45 -16.08 -22.64
CA ASN F 19 -4.67 -15.27 -22.57
C ASN F 19 -5.26 -15.22 -21.15
N TYR F 20 -4.42 -15.41 -20.13
CA TYR F 20 -4.89 -15.31 -18.77
C TYR F 20 -5.15 -13.82 -18.48
N ARG F 21 -6.40 -13.49 -18.12
CA ARG F 21 -6.85 -12.12 -17.92
C ARG F 21 -6.43 -11.17 -19.06
N GLY F 22 -6.56 -11.69 -20.27
CA GLY F 22 -6.32 -11.00 -21.49
C GLY F 22 -4.86 -10.89 -21.94
N TYR F 23 -3.90 -11.51 -21.25
CA TYR F 23 -2.50 -11.42 -21.63
C TYR F 23 -2.05 -12.67 -22.41
N SER F 24 -1.79 -12.51 -23.73
CA SER F 24 -1.30 -13.60 -24.55
C SER F 24 0.01 -14.20 -23.99
N LEU F 25 0.24 -15.47 -24.32
CA LEU F 25 1.41 -16.25 -23.87
C LEU F 25 2.76 -15.54 -23.99
N GLY F 26 2.97 -14.85 -25.12
CA GLY F 26 4.21 -14.12 -25.36
C GLY F 26 4.53 -13.07 -24.31
N ASN F 27 3.49 -12.48 -23.72
CA ASN F 27 3.68 -11.50 -22.64
C ASN F 27 4.44 -12.09 -21.45
N TRP F 28 4.09 -13.34 -21.11
CA TRP F 28 4.62 -14.02 -19.92
C TRP F 28 6.06 -14.46 -20.19
N VAL F 29 6.31 -14.94 -21.40
CA VAL F 29 7.66 -15.39 -21.81
C VAL F 29 8.58 -14.18 -21.86
N CYS F 30 8.10 -13.10 -22.48
CA CYS F 30 8.84 -11.83 -22.54
C CYS F 30 9.17 -11.33 -21.13
N ALA F 31 8.17 -11.29 -20.27
CA ALA F 31 8.36 -10.87 -18.87
C ALA F 31 9.46 -11.68 -18.21
N ALA F 32 9.34 -13.01 -18.23
CA ALA F 32 10.38 -13.90 -17.67
C ALA F 32 11.76 -13.67 -18.25
N ASN F 33 11.82 -13.41 -19.56
CA ASN F 33 13.08 -13.07 -20.17
C ASN F 33 13.76 -11.86 -19.50
N TYR F 34 13.07 -10.75 -19.47
CA TYR F 34 13.66 -9.51 -18.92
C TYR F 34 13.72 -9.51 -17.41
N GLU F 35 12.89 -10.29 -16.72
CA GLU F 35 12.99 -10.38 -15.26
C GLU F 35 14.14 -11.26 -14.78
N SER F 36 14.30 -12.45 -15.35
CA SER F 36 15.23 -13.45 -14.81
C SER F 36 16.17 -14.14 -15.79
N SER F 37 16.11 -13.78 -17.06
CA SER F 37 16.65 -14.58 -18.16
C SER F 37 16.23 -16.06 -18.10
N PHE F 38 14.96 -16.29 -17.77
CA PHE F 38 14.41 -17.66 -17.66
C PHE F 38 15.01 -18.54 -16.55
N ASN F 39 15.57 -17.90 -15.52
CA ASN F 39 16.25 -18.63 -14.44
C ASN F 39 15.37 -18.68 -13.21
N THR F 40 14.93 -19.87 -12.83
CA THR F 40 14.07 -20.03 -11.66
C THR F 40 14.77 -19.76 -10.34
N GLN F 41 16.10 -19.75 -10.32
CA GLN F 41 16.87 -19.46 -9.09
C GLN F 41 17.27 -18.00 -8.91
N ALA F 42 16.90 -17.12 -9.85
CA ALA F 42 17.28 -15.70 -9.76
C ALA F 42 16.69 -15.09 -8.50
N THR F 43 17.53 -14.39 -7.75
CA THR F 43 17.09 -13.69 -6.55
C THR F 43 17.83 -12.38 -6.47
N ASN F 44 17.09 -11.30 -6.25
CA ASN F 44 17.63 -9.95 -6.17
C ASN F 44 17.07 -9.21 -4.97
N ARG F 45 17.96 -8.76 -4.09
CA ARG F 45 17.56 -7.96 -2.93
C ARG F 45 17.27 -6.52 -3.40
N ASN F 46 16.30 -5.91 -2.76
CA ASN F 46 15.90 -4.54 -2.96
C ASN F 46 16.38 -3.67 -1.79
N THR F 47 16.49 -2.35 -2.05
CA THR F 47 16.97 -1.40 -1.03
C THR F 47 16.10 -1.36 0.22
N ASP F 48 14.82 -1.69 0.10
CA ASP F 48 13.94 -1.77 1.28
C ASP F 48 14.06 -3.07 2.13
N GLY F 49 14.96 -3.98 1.75
CA GLY F 49 15.12 -5.22 2.51
C GLY F 49 14.33 -6.39 1.97
N SER F 50 13.32 -6.15 1.12
CA SER F 50 12.64 -7.25 0.45
C SER F 50 13.51 -7.87 -0.67
N THR F 51 13.08 -9.02 -1.18
CA THR F 51 13.81 -9.76 -2.19
C THR F 51 12.85 -10.21 -3.29
N ASP F 52 13.33 -10.17 -4.52
CA ASP F 52 12.59 -10.61 -5.70
C ASP F 52 13.03 -12.04 -6.00
N TYR F 53 12.08 -12.93 -6.25
CA TYR F 53 12.39 -14.35 -6.32
C TYR F 53 11.91 -15.00 -7.62
N GLY F 54 12.81 -15.76 -8.24
CA GLY F 54 12.41 -16.69 -9.28
C GLY F 54 12.27 -16.11 -10.67
N ILE F 55 11.63 -16.91 -11.54
CA ILE F 55 11.59 -16.67 -12.97
C ILE F 55 10.82 -15.40 -13.30
N LEU F 56 9.84 -15.03 -12.46
CA LEU F 56 9.16 -13.76 -12.63
C LEU F 56 9.48 -12.70 -11.54
N GLN F 57 10.54 -12.92 -10.76
CA GLN F 57 11.02 -11.97 -9.77
C GLN F 57 9.91 -11.41 -8.86
N ILE F 58 9.18 -12.34 -8.26
CA ILE F 58 8.07 -12.02 -7.37
C ILE F 58 8.61 -11.44 -6.05
N ASN F 59 8.11 -10.27 -5.67
CA ASN F 59 8.68 -9.53 -4.55
C ASN F 59 8.10 -9.96 -3.19
N SER F 60 8.99 -10.20 -2.23
CA SER F 60 8.58 -10.70 -0.90
C SER F 60 7.88 -9.70 -0.01
N ARG F 61 7.86 -8.42 -0.35
CA ARG F 61 7.20 -7.47 0.51
C ARG F 61 5.70 -7.85 0.68
N TRP F 62 5.07 -8.15 -0.44
N TRP F 62 5.03 -8.13 -0.43
CA TRP F 62 3.63 -8.44 -0.47
CA TRP F 62 3.60 -8.51 -0.37
C TRP F 62 3.24 -9.92 -0.68
C TRP F 62 3.31 -10.00 -0.54
N TRP F 63 4.06 -10.67 -1.40
CA TRP F 63 3.59 -11.91 -2.04
C TRP F 63 3.98 -13.23 -1.42
N CYS F 64 5.13 -13.29 -0.77
CA CYS F 64 5.59 -14.55 -0.19
C CYS F 64 6.33 -14.26 1.13
N ASP F 65 6.51 -15.29 1.95
CA ASP F 65 7.18 -15.17 3.24
C ASP F 65 8.65 -15.52 3.08
N ASP F 66 9.53 -14.53 3.25
CA ASP F 66 10.98 -14.73 3.06
C ASP F 66 11.62 -15.34 4.31
N GLY F 67 10.84 -15.51 5.38
CA GLY F 67 11.32 -16.21 6.58
C GLY F 67 12.15 -15.39 7.54
N LYS F 68 12.43 -14.12 7.19
CA LYS F 68 13.20 -13.21 8.07
C LYS F 68 12.59 -11.82 8.33
N THR F 69 11.54 -11.45 7.61
CA THR F 69 10.92 -10.12 7.81
C THR F 69 9.61 -10.38 8.56
N PRO F 70 9.54 -9.93 9.83
CA PRO F 70 8.36 -10.23 10.66
C PRO F 70 7.11 -9.44 10.21
N GLY F 71 5.93 -10.03 10.45
CA GLY F 71 4.64 -9.49 10.03
C GLY F 71 4.24 -9.75 8.57
N SER F 72 5.05 -10.56 7.86
CA SER F 72 5.04 -10.64 6.38
C SER F 72 3.61 -10.83 5.79
N LYS F 73 3.27 -10.04 4.75
CA LYS F 73 1.91 -10.09 4.21
C LYS F 73 1.56 -11.49 3.62
N ASN F 74 2.47 -12.00 2.81
CA ASN F 74 2.44 -13.34 2.26
C ASN F 74 1.12 -13.64 1.55
N ALA F 75 0.77 -12.77 0.62
CA ALA F 75 -0.51 -12.86 -0.11
C ALA F 75 -0.66 -14.19 -0.88
N CYS F 76 0.43 -14.73 -1.46
CA CYS F 76 0.39 -16.03 -2.11
C CYS F 76 0.39 -17.22 -1.15
N GLY F 77 0.61 -16.98 0.15
CA GLY F 77 0.53 -18.04 1.13
C GLY F 77 1.60 -19.10 0.95
N ILE F 78 2.81 -18.66 0.63
CA ILE F 78 3.90 -19.57 0.40
C ILE F 78 5.22 -19.02 0.97
N PRO F 79 6.12 -19.93 1.39
CA PRO F 79 7.50 -19.47 1.63
C PRO F 79 8.15 -19.09 0.29
N CYS F 80 8.96 -18.05 0.28
CA CYS F 80 9.51 -17.53 -0.97
C CYS F 80 10.40 -18.55 -1.66
N SER F 81 10.96 -19.47 -0.89
CA SER F 81 11.74 -20.58 -1.45
C SER F 81 10.98 -21.42 -2.48
N VAL F 82 9.65 -21.50 -2.40
CA VAL F 82 8.94 -22.28 -3.42
C VAL F 82 9.03 -21.63 -4.80
N LEU F 83 9.29 -20.32 -4.84
CA LEU F 83 9.43 -19.59 -6.11
C LEU F 83 10.79 -19.80 -6.75
N LEU F 84 11.66 -20.56 -6.09
CA LEU F 84 12.97 -20.91 -6.64
C LEU F 84 13.03 -22.30 -7.30
N ARG F 85 11.90 -23.01 -7.29
CA ARG F 85 11.82 -24.38 -7.76
C ARG F 85 11.94 -24.46 -9.28
N SER F 86 12.47 -25.60 -9.74
CA SER F 86 12.62 -25.86 -11.17
C SER F 86 11.27 -25.99 -11.85
N ASP F 87 10.36 -26.68 -11.18
CA ASP F 87 8.96 -26.74 -11.58
C ASP F 87 8.31 -25.36 -11.31
N ILE F 88 7.75 -24.73 -12.35
CA ILE F 88 7.24 -23.35 -12.22
C ILE F 88 5.78 -23.28 -11.73
N THR F 89 5.19 -24.42 -11.41
CA THR F 89 3.77 -24.46 -11.04
C THR F 89 3.40 -23.43 -9.97
N GLU F 90 4.12 -23.40 -8.87
CA GLU F 90 3.81 -22.48 -7.77
C GLU F 90 4.03 -21.01 -8.13
N ALA F 91 5.09 -20.72 -8.86
CA ALA F 91 5.33 -19.39 -9.36
C ALA F 91 4.19 -18.93 -10.26
N VAL F 92 3.71 -19.81 -11.15
CA VAL F 92 2.59 -19.47 -12.00
C VAL F 92 1.32 -19.18 -11.19
N ARG F 93 1.05 -20.03 -10.22
CA ARG F 93 -0.15 -19.82 -9.38
C ARG F 93 -0.06 -18.49 -8.67
N CYS F 94 1.14 -18.16 -8.15
CA CYS F 94 1.33 -16.87 -7.49
C CYS F 94 1.21 -15.69 -8.48
N ALA F 95 1.84 -15.79 -9.65
CA ALA F 95 1.75 -14.72 -10.66
C ALA F 95 0.31 -14.43 -11.11
N LYS F 96 -0.51 -15.48 -11.14
CA LYS F 96 -1.93 -15.31 -11.49
C LYS F 96 -2.64 -14.47 -10.46
N ARG F 97 -2.35 -14.71 -9.17
CA ARG F 97 -2.86 -13.85 -8.13
C ARG F 97 -2.40 -12.40 -8.29
N ILE F 98 -1.12 -12.21 -8.59
CA ILE F 98 -0.55 -10.90 -8.75
C ILE F 98 -1.22 -10.16 -9.92
N VAL F 99 -1.30 -10.81 -11.07
CA VAL F 99 -1.91 -10.18 -12.23
C VAL F 99 -3.41 -9.94 -12.09
N SER F 100 -4.06 -10.64 -11.15
CA SER F 100 -5.47 -10.40 -10.81
C SER F 100 -5.69 -9.20 -9.87
N ASP F 101 -4.59 -8.55 -9.48
CA ASP F 101 -4.68 -7.29 -8.79
C ASP F 101 -4.95 -6.25 -9.87
N GLY F 102 -5.30 -5.02 -9.43
CA GLY F 102 -5.67 -3.94 -10.33
C GLY F 102 -4.61 -3.56 -11.34
N ASN F 103 -3.34 -3.69 -10.94
CA ASN F 103 -2.23 -3.33 -11.80
C ASN F 103 -1.95 -4.31 -12.94
N GLY F 104 -2.55 -5.50 -12.91
CA GLY F 104 -2.23 -6.52 -13.91
C GLY F 104 -0.73 -6.77 -14.10
N MET F 105 -0.30 -6.88 -15.36
CA MET F 105 1.11 -7.17 -15.66
C MET F 105 1.96 -5.92 -15.46
N ASN F 106 1.31 -4.77 -15.33
CA ASN F 106 1.99 -3.54 -14.96
C ASN F 106 2.66 -3.68 -13.57
N ALA F 107 2.40 -4.77 -12.83
CA ALA F 107 3.21 -5.19 -11.68
C ALA F 107 4.69 -5.46 -12.00
N TRP F 108 4.97 -5.84 -13.24
CA TRP F 108 6.32 -6.15 -13.69
C TRP F 108 6.90 -5.00 -14.47
N VAL F 109 7.78 -4.27 -13.81
CA VAL F 109 8.43 -3.10 -14.37
C VAL F 109 9.09 -3.44 -15.72
N ALA F 110 9.81 -4.54 -15.77
CA ALA F 110 10.46 -4.95 -17.02
C ALA F 110 9.42 -5.29 -18.13
N TRP F 111 8.26 -5.81 -17.74
CA TRP F 111 7.22 -6.10 -18.73
C TRP F 111 6.75 -4.79 -19.37
N ARG F 112 6.45 -3.82 -18.53
CA ARG F 112 6.01 -2.52 -19.00
C ARG F 112 7.05 -1.83 -19.94
N ASN F 113 8.32 -1.87 -19.57
CA ASN F 113 9.37 -1.23 -20.36
C ASN F 113 9.73 -1.96 -21.65
N ARG F 114 9.63 -3.27 -21.66
CA ARG F 114 10.16 -4.06 -22.79
C ARG F 114 9.14 -4.87 -23.59
N CYS F 115 7.95 -5.15 -23.06
CA CYS F 115 7.02 -6.07 -23.70
C CYS F 115 5.66 -5.40 -24.08
N ARG F 116 5.09 -4.67 -23.12
CA ARG F 116 3.80 -3.95 -23.31
C ARG F 116 3.77 -3.20 -24.63
N GLY F 117 2.71 -3.39 -25.41
CA GLY F 117 2.54 -2.70 -26.68
C GLY F 117 3.38 -3.22 -27.87
N THR F 118 4.25 -4.22 -27.66
CA THR F 118 5.17 -4.75 -28.71
C THR F 118 4.55 -6.00 -29.27
N ASP F 119 5.14 -6.54 -30.32
CA ASP F 119 4.64 -7.78 -30.90
C ASP F 119 5.23 -8.94 -30.11
N VAL F 120 4.49 -9.36 -29.08
CA VAL F 120 4.98 -10.40 -28.16
C VAL F 120 4.93 -11.80 -28.72
N SER F 121 4.22 -12.02 -29.81
CA SER F 121 4.18 -13.32 -30.47
C SER F 121 5.55 -13.80 -30.96
N LYS F 122 6.51 -12.89 -31.18
CA LYS F 122 7.89 -13.29 -31.46
C LYS F 122 8.52 -14.15 -30.36
N TRP F 123 8.05 -14.01 -29.13
CA TRP F 123 8.59 -14.81 -28.00
C TRP F 123 8.17 -16.27 -28.03
N ILE F 124 7.08 -16.59 -28.74
CA ILE F 124 6.64 -17.98 -28.92
C ILE F 124 6.81 -18.47 -30.37
N ARG F 125 7.37 -17.63 -31.23
CA ARG F 125 7.61 -17.99 -32.64
C ARG F 125 8.47 -19.24 -32.72
N GLY F 126 7.99 -20.25 -33.46
CA GLY F 126 8.76 -21.46 -33.73
C GLY F 126 8.84 -22.45 -32.59
N CYS F 127 7.96 -22.33 -31.60
CA CYS F 127 7.87 -23.29 -30.50
C CYS F 127 6.76 -24.29 -30.78
N ARG F 128 6.90 -25.53 -30.30
CA ARG F 128 5.91 -26.59 -30.57
C ARG F 128 4.58 -26.24 -29.89
N LEU F 129 4.56 -26.27 -28.56
CA LEU F 129 3.40 -25.86 -27.71
C LEU F 129 1.98 -26.07 -28.28
N ASP G 1 47.50 -14.73 19.81
CA ASP G 1 46.62 -14.29 18.70
C ASP G 1 45.30 -13.82 19.29
N VAL G 2 44.41 -13.35 18.41
CA VAL G 2 43.07 -13.00 18.83
C VAL G 2 42.14 -14.08 18.32
N GLN G 3 41.43 -14.72 19.25
CA GLN G 3 40.47 -15.75 18.91
C GLN G 3 39.18 -15.47 19.62
N LEU G 4 38.10 -15.77 18.92
CA LEU G 4 36.75 -15.42 19.34
C LEU G 4 35.97 -16.71 19.46
N GLN G 5 35.06 -16.76 20.42
CA GLN G 5 34.14 -17.88 20.52
C GLN G 5 32.80 -17.45 21.09
N GLU G 6 31.74 -17.78 20.38
CA GLU G 6 30.36 -17.46 20.77
C GLU G 6 29.90 -18.51 21.76
N SER G 7 29.09 -18.11 22.71
CA SER G 7 28.32 -19.07 23.51
C SER G 7 26.95 -18.49 23.80
N GLY G 8 26.05 -19.39 24.18
CA GLY G 8 24.67 -19.03 24.46
C GLY G 8 23.76 -20.19 24.10
N PRO G 9 22.44 -20.02 24.24
CA PRO G 9 21.49 -21.09 23.97
C PRO G 9 21.30 -21.36 22.48
N SER G 10 20.97 -22.59 22.15
CA SER G 10 20.69 -22.97 20.79
C SER G 10 19.17 -22.91 20.51
N LEU G 11 18.35 -22.91 21.57
CA LEU G 11 16.90 -22.79 21.41
C LEU G 11 16.32 -21.74 22.35
N VAL G 12 15.57 -20.80 21.77
CA VAL G 12 14.94 -19.71 22.50
C VAL G 12 13.48 -19.64 22.06
N LYS G 13 12.59 -19.36 22.99
CA LYS G 13 11.16 -19.23 22.71
C LYS G 13 10.77 -17.84 22.23
N PRO G 14 9.79 -17.76 21.30
CA PRO G 14 9.25 -16.47 20.87
C PRO G 14 8.88 -15.60 22.05
N SER G 15 9.15 -14.31 21.94
CA SER G 15 9.00 -13.31 23.00
C SER G 15 10.16 -13.20 24.03
N GLN G 16 10.96 -14.25 24.23
CA GLN G 16 12.13 -14.17 25.14
C GLN G 16 13.27 -13.32 24.55
N THR G 17 14.28 -13.12 25.38
CA THR G 17 15.51 -12.45 24.97
C THR G 17 16.59 -13.45 24.61
N LEU G 18 17.20 -13.26 23.44
CA LEU G 18 18.34 -14.04 23.00
C LEU G 18 19.56 -13.36 23.58
N SER G 19 20.36 -14.12 24.32
CA SER G 19 21.54 -13.61 24.99
C SER G 19 22.74 -14.44 24.61
N LEU G 20 23.63 -13.83 23.85
CA LEU G 20 24.85 -14.50 23.44
C LEU G 20 26.05 -13.81 24.01
N THR G 21 27.15 -14.54 24.07
CA THR G 21 28.40 -14.03 24.59
C THR G 21 29.49 -14.35 23.59
N CYS G 22 30.43 -13.43 23.42
CA CYS G 22 31.60 -13.67 22.63
C CYS G 22 32.83 -13.54 23.55
N SER G 23 33.64 -14.59 23.64
CA SER G 23 34.82 -14.56 24.49
C SER G 23 36.05 -14.41 23.62
N VAL G 24 36.92 -13.50 24.00
CA VAL G 24 38.03 -13.03 23.19
C VAL G 24 39.33 -13.31 23.92
N THR G 25 40.30 -13.89 23.22
CA THR G 25 41.63 -14.08 23.81
C THR G 25 42.53 -12.95 23.38
N GLY G 26 43.69 -12.87 24.04
CA GLY G 26 44.68 -11.86 23.70
C GLY G 26 44.45 -10.62 24.51
N ASP G 27 45.19 -9.57 24.15
CA ASP G 27 45.17 -8.30 24.90
C ASP G 27 44.69 -7.10 24.07
N SER G 28 44.06 -7.38 22.93
CA SER G 28 43.59 -6.40 21.99
C SER G 28 42.22 -5.82 22.37
N PHE G 29 41.56 -6.36 23.40
CA PHE G 29 40.09 -6.22 23.51
C PHE G 29 39.62 -4.76 23.64
N THR G 30 40.30 -3.98 24.49
CA THR G 30 39.91 -2.60 24.67
C THR G 30 40.46 -1.66 23.58
N SER G 31 41.11 -2.21 22.55
CA SER G 31 41.63 -1.45 21.43
C SER G 31 40.70 -1.47 20.20
N ASP G 32 39.87 -2.48 20.11
CA ASP G 32 39.12 -2.79 18.88
C ASP G 32 37.66 -2.36 18.99
N TYR G 33 36.98 -2.49 17.86
CA TYR G 33 35.51 -2.42 17.82
C TYR G 33 35.00 -3.84 17.56
N TRP G 34 33.86 -4.18 18.15
CA TRP G 34 33.41 -5.55 18.25
C TRP G 34 31.98 -5.69 17.70
N SER G 35 31.76 -6.66 16.83
CA SER G 35 30.54 -6.75 16.03
C SER G 35 29.78 -8.06 16.19
N TRP G 36 28.50 -8.05 15.80
CA TRP G 36 27.70 -9.26 15.63
C TRP G 36 27.11 -9.24 14.23
N ILE G 37 27.20 -10.39 13.57
CA ILE G 37 26.66 -10.61 12.24
C ILE G 37 25.80 -11.87 12.32
N ARG G 38 24.71 -11.94 11.57
CA ARG G 38 23.95 -13.18 11.53
C ARG G 38 23.67 -13.58 10.08
N LYS G 39 23.47 -14.88 9.90
CA LYS G 39 23.23 -15.47 8.60
C LYS G 39 21.97 -16.29 8.65
N PHE G 40 21.07 -15.96 7.75
CA PHE G 40 19.81 -16.69 7.56
C PHE G 40 19.98 -17.76 6.49
N PRO G 41 19.04 -18.72 6.44
CA PRO G 41 19.06 -19.63 5.30
C PRO G 41 18.97 -18.88 3.96
N GLY G 42 19.59 -19.44 2.94
CA GLY G 42 19.62 -18.84 1.61
C GLY G 42 20.75 -17.84 1.48
N ASN G 43 21.76 -17.98 2.33
CA ASN G 43 22.98 -17.16 2.28
C ASN G 43 22.73 -15.64 2.42
N ARG G 44 21.89 -15.28 3.37
CA ARG G 44 21.53 -13.90 3.60
C ARG G 44 22.25 -13.46 4.87
N LEU G 45 23.30 -12.66 4.73
CA LEU G 45 24.08 -12.13 5.87
C LEU G 45 23.56 -10.77 6.26
N GLU G 46 23.46 -10.50 7.57
CA GLU G 46 23.00 -9.23 8.06
C GLU G 46 23.95 -8.72 9.15
N TYR G 47 24.42 -7.51 8.97
CA TYR G 47 25.34 -6.90 9.92
C TYR G 47 24.49 -6.33 11.01
N MET G 48 24.62 -6.85 12.23
CA MET G 48 23.71 -6.45 13.32
C MET G 48 24.14 -5.15 14.00
N GLY G 49 25.43 -5.00 14.27
CA GLY G 49 25.90 -3.81 14.97
C GLY G 49 27.33 -3.96 15.42
N TYR G 50 27.89 -2.86 15.88
CA TYR G 50 29.16 -2.89 16.57
C TYR G 50 29.24 -1.89 17.70
N VAL G 51 30.16 -2.16 18.62
CA VAL G 51 30.41 -1.33 19.80
C VAL G 51 31.87 -0.92 19.77
N THR G 52 32.16 0.34 20.12
CA THR G 52 33.51 0.84 20.10
C THR G 52 34.08 0.86 21.52
N PHE G 53 35.37 1.10 21.63
CA PHE G 53 36.00 1.12 22.95
C PHE G 53 35.58 2.37 23.73
N SER G 54 35.15 3.44 23.04
CA SER G 54 34.59 4.63 23.70
C SER G 54 33.14 4.46 24.15
N GLY G 55 32.50 3.34 23.80
CA GLY G 55 31.09 3.09 24.16
C GLY G 55 30.06 3.44 23.09
N SER G 56 30.48 3.98 21.93
CA SER G 56 29.51 4.27 20.89
C SER G 56 29.01 2.91 20.36
N THR G 57 27.76 2.87 19.94
CA THR G 57 27.21 1.70 19.29
C THR G 57 26.59 2.15 17.99
N TYR G 58 26.60 1.25 17.01
CA TYR G 58 25.84 1.42 15.79
C TYR G 58 25.05 0.16 15.65
N TYR G 59 23.74 0.29 15.48
CA TYR G 59 22.83 -0.84 15.36
C TYR G 59 22.09 -0.80 14.02
N ASN G 60 21.89 -1.99 13.41
CA ASN G 60 21.14 -2.07 12.17
C ASN G 60 19.67 -1.63 12.45
N PRO G 61 19.18 -0.60 11.74
CA PRO G 61 17.76 -0.17 11.88
C PRO G 61 16.72 -1.28 11.76
N SER G 62 17.05 -2.35 11.06
CA SER G 62 16.11 -3.51 10.93
C SER G 62 15.77 -4.15 12.29
N LEU G 63 16.64 -3.93 13.26
CA LEU G 63 16.47 -4.46 14.60
C LEU G 63 15.71 -3.53 15.55
N LYS G 64 15.36 -2.32 15.08
CA LYS G 64 14.47 -1.43 15.79
C LYS G 64 15.13 -1.11 17.12
N SER G 65 14.43 -1.23 18.25
CA SER G 65 15.06 -1.01 19.53
C SER G 65 15.31 -2.30 20.29
N ARG G 66 15.43 -3.43 19.61
CA ARG G 66 15.52 -4.72 20.28
C ARG G 66 16.94 -5.15 20.61
N ILE G 67 17.93 -4.48 20.03
CA ILE G 67 19.32 -4.94 20.11
C ILE G 67 20.14 -4.10 21.12
N SER G 68 20.90 -4.79 21.95
CA SER G 68 21.94 -4.20 22.76
C SER G 68 23.25 -4.96 22.55
N ILE G 69 24.34 -4.22 22.36
CA ILE G 69 25.68 -4.81 22.29
C ILE G 69 26.50 -4.11 23.36
N THR G 70 27.01 -4.91 24.29
CA THR G 70 27.72 -4.39 25.47
C THR G 70 29.02 -5.13 25.66
N ARG G 71 29.85 -4.63 26.56
CA ARG G 71 31.19 -5.16 26.82
C ARG G 71 31.41 -5.32 28.29
N ASP G 72 32.18 -6.31 28.70
CA ASP G 72 32.87 -6.25 30.00
C ASP G 72 34.36 -6.32 29.79
N THR G 73 35.01 -5.16 29.83
CA THR G 73 36.46 -5.08 29.55
C THR G 73 37.34 -5.88 30.52
N SER G 74 36.91 -6.00 31.79
CA SER G 74 37.64 -6.78 32.78
C SER G 74 37.68 -8.28 32.43
N LYS G 75 36.71 -8.77 31.66
CA LYS G 75 36.58 -10.20 31.31
C LYS G 75 36.91 -10.53 29.84
N ASN G 76 37.27 -9.55 29.02
CA ASN G 76 37.54 -9.80 27.59
C ASN G 76 36.34 -10.53 26.90
N GLN G 77 35.13 -10.07 27.23
CA GLN G 77 33.88 -10.58 26.65
C GLN G 77 33.04 -9.42 26.17
N TYR G 78 32.28 -9.67 25.12
CA TYR G 78 31.17 -8.81 24.78
C TYR G 78 29.91 -9.60 24.50
N TYR G 79 28.79 -8.90 24.43
CA TYR G 79 27.48 -9.54 24.56
C TYR G 79 26.52 -9.04 23.48
N LEU G 80 25.63 -9.93 23.04
CA LEU G 80 24.49 -9.56 22.25
C LEU G 80 23.27 -9.89 23.06
N ASP G 81 22.35 -8.96 23.14
CA ASP G 81 21.04 -9.23 23.70
C ASP G 81 20.00 -8.71 22.73
N LEU G 82 19.18 -9.63 22.23
CA LEU G 82 18.14 -9.32 21.26
C LEU G 82 16.77 -9.63 21.89
N ASN G 83 16.01 -8.59 22.21
CA ASN G 83 14.73 -8.72 22.94
C ASN G 83 13.62 -9.17 22.00
N SER G 84 12.57 -9.76 22.59
CA SER G 84 11.32 -10.02 21.89
C SER G 84 11.51 -10.80 20.57
N VAL G 85 12.25 -11.89 20.63
CA VAL G 85 12.58 -12.60 19.40
C VAL G 85 11.31 -13.24 18.80
N THR G 86 11.37 -13.42 17.49
CA THR G 86 10.33 -14.15 16.77
C THR G 86 11.02 -15.21 15.97
N THR G 87 10.22 -16.09 15.35
CA THR G 87 10.76 -17.18 14.54
C THR G 87 11.77 -16.68 13.49
N GLU G 88 11.51 -15.48 12.97
CA GLU G 88 12.34 -14.83 11.98
C GLU G 88 13.75 -14.47 12.45
N ASP G 89 13.99 -14.51 13.76
CA ASP G 89 15.32 -14.34 14.34
C ASP G 89 16.14 -15.65 14.40
N THR G 90 15.55 -16.74 13.90
CA THR G 90 16.27 -17.97 13.68
C THR G 90 17.38 -17.72 12.67
N ALA G 91 18.62 -18.02 13.07
CA ALA G 91 19.82 -17.72 12.27
C ALA G 91 21.02 -18.29 12.94
N THR G 92 22.12 -18.26 12.21
CA THR G 92 23.45 -18.50 12.76
C THR G 92 24.06 -17.15 13.09
N TYR G 93 24.49 -16.98 14.33
CA TYR G 93 25.02 -15.74 14.88
C TYR G 93 26.52 -15.86 15.02
N TYR G 94 27.25 -14.83 14.58
CA TYR G 94 28.71 -14.81 14.60
C TYR G 94 29.16 -13.57 15.30
N CYS G 95 30.25 -13.66 16.08
CA CYS G 95 30.94 -12.48 16.54
C CYS G 95 32.20 -12.29 15.70
N ALA G 96 32.56 -11.03 15.49
CA ALA G 96 33.75 -10.69 14.72
C ALA G 96 34.27 -9.33 15.13
N ASN G 97 35.54 -9.06 14.90
CA ASN G 97 36.01 -7.67 15.10
C ASN G 97 35.56 -6.86 13.89
N TRP G 98 35.59 -5.54 14.07
CA TRP G 98 35.06 -4.61 13.09
C TRP G 98 35.71 -4.71 11.69
N ASP G 99 37.02 -4.87 11.64
CA ASP G 99 37.72 -4.97 10.35
C ASP G 99 37.65 -6.36 9.71
N GLY G 100 37.00 -7.32 10.40
CA GLY G 100 36.74 -8.65 9.86
C GLY G 100 37.90 -9.64 9.83
N ASP G 101 39.01 -9.31 10.53
CA ASP G 101 40.18 -10.22 10.68
C ASP G 101 39.83 -11.46 11.49
N TYR G 102 39.01 -11.30 12.53
CA TYR G 102 38.76 -12.35 13.51
C TYR G 102 37.28 -12.57 13.69
N TRP G 103 36.90 -13.85 13.57
CA TRP G 103 35.52 -14.30 13.61
C TRP G 103 35.43 -15.47 14.51
N GLY G 104 34.28 -15.58 15.18
CA GLY G 104 33.94 -16.76 15.94
C GLY G 104 33.52 -17.89 15.02
N GLN G 105 33.11 -19.00 15.62
CA GLN G 105 32.73 -20.18 14.85
C GLN G 105 31.30 -20.08 14.32
N GLY G 106 30.51 -19.22 14.93
CA GLY G 106 29.10 -19.16 14.58
C GLY G 106 28.34 -20.12 15.48
N THR G 107 27.17 -19.68 15.91
CA THR G 107 26.33 -20.55 16.71
C THR G 107 24.90 -20.49 16.20
N LEU G 108 24.30 -21.67 16.01
CA LEU G 108 22.98 -21.75 15.41
C LEU G 108 21.98 -21.50 16.51
N VAL G 109 21.11 -20.51 16.32
CA VAL G 109 20.07 -20.24 17.29
C VAL G 109 18.73 -20.46 16.59
N THR G 110 17.91 -21.36 17.15
CA THR G 110 16.56 -21.59 16.68
C THR G 110 15.57 -20.88 17.60
N VAL G 111 14.73 -20.02 17.04
CA VAL G 111 13.66 -19.41 17.78
C VAL G 111 12.36 -20.17 17.43
N SER G 112 11.76 -20.83 18.42
CA SER G 112 10.59 -21.67 18.14
C SER G 112 9.84 -21.98 19.44
N ALA G 113 8.52 -22.21 19.32
CA ALA G 113 7.70 -22.66 20.46
C ALA G 113 7.58 -24.20 20.56
N ALA G 114 8.13 -24.91 19.57
CA ALA G 114 8.08 -26.38 19.51
C ALA G 114 8.92 -27.01 20.61
N LYS G 115 8.51 -28.20 21.07
CA LYS G 115 9.10 -28.86 22.23
C LYS G 115 10.36 -29.61 21.84
N THR G 116 11.34 -29.55 22.72
CA THR G 116 12.55 -30.36 22.56
C THR G 116 12.13 -31.82 22.56
N THR G 117 12.59 -32.59 21.56
CA THR G 117 12.17 -33.99 21.36
C THR G 117 13.38 -34.83 20.94
N PRO G 118 13.61 -35.99 21.60
CA PRO G 118 14.76 -36.81 21.24
C PRO G 118 14.50 -37.58 19.94
N PRO G 119 15.56 -37.91 19.18
CA PRO G 119 15.40 -38.67 17.95
C PRO G 119 15.14 -40.13 18.23
N SER G 120 14.44 -40.83 17.33
CA SER G 120 14.55 -42.30 17.27
C SER G 120 15.58 -42.59 16.19
N VAL G 121 16.40 -43.62 16.42
CA VAL G 121 17.47 -43.96 15.51
C VAL G 121 17.25 -45.37 15.02
N TYR G 122 17.13 -45.54 13.70
CA TYR G 122 16.86 -46.83 13.07
C TYR G 122 18.01 -47.27 12.16
N PRO G 123 18.41 -48.55 12.25
CA PRO G 123 19.43 -49.07 11.36
C PRO G 123 18.90 -49.27 9.97
N LEU G 124 19.74 -49.01 8.98
CA LEU G 124 19.45 -49.28 7.59
C LEU G 124 20.43 -50.33 7.13
N ALA G 125 19.91 -51.55 6.95
CA ALA G 125 20.69 -52.67 6.45
C ALA G 125 20.11 -53.08 5.10
N PRO G 126 20.96 -53.57 4.19
CA PRO G 126 20.49 -54.04 2.89
C PRO G 126 19.85 -55.42 3.02
N ASN G 133 29.39 -56.85 -4.44
CA ASN G 133 30.54 -56.00 -4.75
C ASN G 133 31.52 -55.91 -3.58
N SER G 134 32.67 -55.28 -3.82
CA SER G 134 33.69 -55.18 -2.79
C SER G 134 33.32 -54.22 -1.65
N MET G 135 32.37 -53.30 -1.86
CA MET G 135 31.93 -52.40 -0.82
C MET G 135 30.44 -52.60 -0.58
N VAL G 136 30.00 -52.32 0.63
CA VAL G 136 28.57 -52.38 0.96
C VAL G 136 28.21 -51.08 1.67
N THR G 137 27.00 -50.60 1.41
CA THR G 137 26.51 -49.34 1.96
C THR G 137 25.47 -49.66 3.04
N LEU G 138 25.65 -49.07 4.21
CA LEU G 138 24.75 -49.21 5.35
C LEU G 138 24.36 -47.82 5.73
N GLY G 139 23.40 -47.67 6.62
CA GLY G 139 23.00 -46.34 7.03
C GLY G 139 22.27 -46.28 8.34
N CYS G 140 21.97 -45.07 8.76
CA CYS G 140 21.15 -44.84 9.96
C CYS G 140 20.16 -43.72 9.68
N LEU G 141 18.92 -43.94 10.08
CA LEU G 141 17.84 -43.01 9.95
C LEU G 141 17.63 -42.42 11.32
N VAL G 142 17.73 -41.10 11.40
CA VAL G 142 17.57 -40.35 12.66
C VAL G 142 16.34 -39.49 12.52
N LYS G 143 15.27 -39.88 13.18
CA LYS G 143 13.98 -39.35 12.82
C LYS G 143 13.30 -38.71 14.01
N GLY G 144 12.58 -37.61 13.79
CA GLY G 144 11.63 -37.08 14.78
C GLY G 144 12.23 -36.34 15.99
N TYR G 145 13.30 -35.59 15.76
CA TYR G 145 13.92 -34.78 16.83
C TYR G 145 13.71 -33.28 16.67
N PHE G 146 13.90 -32.55 17.77
CA PHE G 146 13.87 -31.09 17.75
C PHE G 146 14.57 -30.60 19.01
N PRO G 147 15.39 -29.54 18.94
CA PRO G 147 15.76 -28.79 17.74
C PRO G 147 17.04 -29.38 17.15
N GLU G 148 17.57 -28.76 16.12
CA GLU G 148 18.94 -29.06 15.69
C GLU G 148 19.96 -28.63 16.77
N PRO G 149 21.16 -29.23 16.82
CA PRO G 149 21.61 -30.28 15.88
C PRO G 149 21.60 -31.67 16.50
N VAL G 150 21.94 -32.67 15.67
CA VAL G 150 22.40 -33.98 16.15
C VAL G 150 23.81 -34.17 15.62
N THR G 151 24.54 -35.07 16.27
CA THR G 151 25.84 -35.51 15.75
C THR G 151 25.75 -36.99 15.51
N VAL G 152 26.30 -37.43 14.38
CA VAL G 152 26.30 -38.83 13.99
C VAL G 152 27.74 -39.24 13.73
N THR G 153 28.17 -40.34 14.30
CA THR G 153 29.44 -40.92 13.93
C THR G 153 29.21 -42.41 13.72
N TRP G 154 30.22 -43.06 13.14
CA TRP G 154 30.21 -44.50 12.95
C TRP G 154 31.40 -45.15 13.64
N ASN G 155 31.13 -46.23 14.38
CA ASN G 155 32.14 -46.94 15.20
C ASN G 155 32.96 -45.98 16.07
N SER G 156 32.22 -45.07 16.71
CA SER G 156 32.78 -44.05 17.60
C SER G 156 33.85 -43.20 16.93
N GLY G 157 33.66 -42.90 15.64
CA GLY G 157 34.64 -42.15 14.87
C GLY G 157 35.70 -42.97 14.14
N SER G 158 35.88 -44.24 14.49
CA SER G 158 36.78 -45.14 13.75
C SER G 158 36.47 -45.20 12.24
N LEU G 159 35.18 -45.26 11.87
CA LEU G 159 34.77 -45.18 10.47
C LEU G 159 34.47 -43.72 10.09
N SER G 160 35.46 -43.03 9.53
CA SER G 160 35.34 -41.63 9.13
C SER G 160 35.17 -41.48 7.61
N SER G 161 36.04 -42.16 6.87
CA SER G 161 35.95 -42.24 5.42
C SER G 161 34.72 -43.07 4.97
N GLY G 162 34.23 -42.78 3.78
CA GLY G 162 33.02 -43.39 3.24
C GLY G 162 31.71 -42.91 3.85
N VAL G 163 31.72 -41.81 4.62
CA VAL G 163 30.53 -41.35 5.34
C VAL G 163 29.84 -40.15 4.64
N HIS G 164 28.51 -40.22 4.54
CA HIS G 164 27.70 -39.07 4.11
C HIS G 164 26.58 -38.84 5.09
N THR G 165 26.61 -37.72 5.79
CA THR G 165 25.53 -37.41 6.69
C THR G 165 24.76 -36.28 6.06
N PHE G 166 23.47 -36.49 5.84
CA PHE G 166 22.69 -35.58 5.03
C PHE G 166 22.12 -34.43 5.86
N PRO G 167 21.93 -33.24 5.23
CA PRO G 167 21.28 -32.16 6.00
C PRO G 167 19.88 -32.57 6.44
N ALA G 168 19.52 -32.15 7.64
CA ALA G 168 18.21 -32.49 8.19
C ALA G 168 17.10 -31.75 7.46
N VAL G 169 15.93 -32.35 7.37
CA VAL G 169 14.74 -31.67 6.86
C VAL G 169 13.72 -31.55 7.98
N LEU G 170 13.02 -30.43 8.01
CA LEU G 170 12.08 -30.10 9.06
C LEU G 170 10.71 -30.38 8.54
N GLN G 171 9.95 -31.23 9.21
CA GLN G 171 8.53 -31.48 8.88
C GLN G 171 7.75 -31.49 10.18
N SER G 172 6.69 -30.67 10.24
CA SER G 172 5.78 -30.58 11.39
C SER G 172 6.53 -30.46 12.72
N ASP G 173 7.44 -29.50 12.77
CA ASP G 173 8.26 -29.24 13.96
C ASP G 173 9.14 -30.40 14.46
N LEU G 174 9.44 -31.36 13.58
CA LEU G 174 10.41 -32.42 13.85
C LEU G 174 11.40 -32.57 12.72
N TYR G 175 12.64 -32.87 13.05
CA TYR G 175 13.70 -33.01 12.03
C TYR G 175 13.93 -34.49 11.72
N THR G 176 14.26 -34.77 10.46
CA THR G 176 14.72 -36.11 10.05
C THR G 176 16.03 -36.05 9.27
N LEU G 177 16.94 -36.94 9.58
CA LEU G 177 18.24 -36.98 8.97
C LEU G 177 18.63 -38.43 8.71
N SER G 178 19.44 -38.65 7.68
CA SER G 178 20.08 -39.97 7.47
C SER G 178 21.57 -39.83 7.24
N SER G 179 22.29 -40.90 7.51
CA SER G 179 23.72 -40.97 7.27
C SER G 179 24.02 -42.33 6.63
N SER G 180 24.80 -42.34 5.58
CA SER G 180 25.28 -43.58 4.97
C SER G 180 26.75 -43.74 5.26
N VAL G 181 27.18 -44.99 5.33
CA VAL G 181 28.60 -45.35 5.42
C VAL G 181 28.80 -46.54 4.48
N THR G 182 29.97 -46.56 3.85
CA THR G 182 30.37 -47.64 3.00
C THR G 182 31.64 -48.30 3.52
N VAL G 183 31.59 -49.61 3.66
CA VAL G 183 32.69 -50.43 4.19
C VAL G 183 32.91 -51.63 3.29
N PRO G 184 34.10 -52.25 3.37
CA PRO G 184 34.36 -53.42 2.53
C PRO G 184 33.37 -54.50 2.84
N SER G 185 32.90 -55.20 1.81
CA SER G 185 31.85 -56.21 2.00
C SER G 185 32.34 -57.45 2.75
N SER G 186 33.64 -57.74 2.68
CA SER G 186 34.20 -58.84 3.47
C SER G 186 34.38 -58.47 4.98
N THR G 187 34.15 -57.20 5.33
CA THR G 187 34.16 -56.66 6.71
C THR G 187 32.79 -56.71 7.42
N TRP G 188 31.69 -56.68 6.66
CA TRP G 188 30.34 -56.68 7.25
C TRP G 188 29.52 -57.84 6.67
N PRO G 189 28.91 -58.70 7.48
CA PRO G 189 28.65 -58.52 8.93
C PRO G 189 29.71 -58.99 9.92
N SER G 190 30.85 -59.45 9.46
CA SER G 190 31.86 -60.05 10.33
C SER G 190 32.40 -59.13 11.44
N GLU G 191 32.66 -57.86 11.11
CA GLU G 191 32.86 -56.85 12.14
C GLU G 191 31.59 -56.05 12.24
N THR G 192 31.38 -55.47 13.41
CA THR G 192 30.16 -54.76 13.71
C THR G 192 30.33 -53.33 13.23
N VAL G 193 29.24 -52.76 12.74
CA VAL G 193 29.17 -51.34 12.38
C VAL G 193 28.01 -50.73 13.15
N THR G 194 28.27 -49.60 13.78
CA THR G 194 27.35 -49.00 14.72
C THR G 194 27.31 -47.51 14.47
N CYS G 195 26.13 -46.92 14.33
CA CYS G 195 26.06 -45.46 14.25
C CYS G 195 25.80 -44.92 15.66
N ASN G 196 26.50 -43.85 16.02
CA ASN G 196 26.39 -43.19 17.33
C ASN G 196 25.77 -41.83 17.13
N VAL G 197 24.63 -41.60 17.75
CA VAL G 197 23.86 -40.40 17.50
C VAL G 197 23.66 -39.66 18.81
N ALA G 198 24.09 -38.41 18.86
CA ALA G 198 23.88 -37.59 20.04
C ALA G 198 22.94 -36.46 19.70
N HIS G 199 21.99 -36.21 20.58
CA HIS G 199 21.12 -35.02 20.52
C HIS G 199 21.34 -34.23 21.82
N PRO G 200 22.22 -33.21 21.77
CA PRO G 200 22.55 -32.46 22.98
C PRO G 200 21.32 -31.90 23.69
N ALA G 201 20.37 -31.32 22.96
CA ALA G 201 19.22 -30.65 23.60
C ALA G 201 18.43 -31.57 24.55
N SER G 202 18.29 -32.85 24.19
CA SER G 202 17.59 -33.85 25.01
C SER G 202 18.55 -34.72 25.84
N SER G 203 19.85 -34.38 25.81
CA SER G 203 20.94 -35.20 26.40
C SER G 203 20.77 -36.70 26.10
N THR G 204 20.44 -37.05 24.86
CA THR G 204 20.31 -38.43 24.47
C THR G 204 21.55 -38.79 23.63
N LYS G 205 22.02 -40.01 23.84
CA LYS G 205 23.09 -40.61 23.05
C LYS G 205 22.58 -42.01 22.84
N VAL G 206 22.58 -42.49 21.60
CA VAL G 206 22.19 -43.86 21.30
C VAL G 206 23.12 -44.50 20.28
N ASP G 207 23.44 -45.78 20.48
CA ASP G 207 24.21 -46.55 19.55
C ASP G 207 23.28 -47.55 18.91
N LYS G 208 23.16 -47.54 17.58
CA LYS G 208 22.39 -48.54 16.83
C LYS G 208 23.34 -49.38 16.00
N LYS G 209 23.41 -50.67 16.31
CA LYS G 209 24.24 -51.61 15.56
C LYS G 209 23.50 -52.01 14.30
N ILE G 210 24.21 -52.08 13.18
CA ILE G 210 23.61 -52.47 11.93
C ILE G 210 23.72 -54.01 11.84
N VAL G 211 22.57 -54.68 11.93
CA VAL G 211 22.45 -56.14 11.91
C VAL G 211 21.81 -56.53 10.58
N PRO G 212 22.32 -57.61 9.91
CA PRO G 212 21.76 -58.07 8.63
C PRO G 212 20.26 -58.35 8.70
N ARG G 213 19.52 -57.97 7.65
CA ARG G 213 18.07 -58.20 7.58
C ARG G 213 17.82 -59.56 6.95
N ASP H 1 18.76 0.63 2.37
CA ASP H 1 20.17 0.20 2.55
C ASP H 1 20.82 0.06 1.19
N ILE H 2 22.15 0.02 1.17
CA ILE H 2 22.87 -0.13 -0.08
C ILE H 2 22.75 -1.61 -0.41
N VAL H 3 22.36 -1.87 -1.65
CA VAL H 3 22.30 -3.20 -2.17
C VAL H 3 23.57 -3.49 -2.95
N LEU H 4 24.16 -4.64 -2.67
CA LEU H 4 25.28 -5.16 -3.42
C LEU H 4 24.78 -6.37 -4.23
N THR H 5 24.79 -6.24 -5.54
CA THR H 5 24.34 -7.29 -6.41
C THR H 5 25.54 -8.07 -6.92
N GLN H 6 25.58 -9.35 -6.59
CA GLN H 6 26.67 -10.21 -7.00
C GLN H 6 26.28 -11.07 -8.16
N SER H 7 27.18 -11.15 -9.14
CA SER H 7 26.97 -12.01 -10.30
C SER H 7 28.29 -12.67 -10.72
N PRO H 8 28.21 -13.83 -11.41
CA PRO H 8 26.94 -14.59 -11.52
C PRO H 8 26.62 -15.13 -10.13
N ALA H 9 25.39 -15.60 -9.91
CA ALA H 9 25.03 -16.11 -8.59
C ALA H 9 25.71 -17.47 -8.34
N THR H 10 25.98 -18.20 -9.43
CA THR H 10 26.70 -19.47 -9.37
C THR H 10 27.73 -19.56 -10.51
N LEU H 11 28.80 -20.28 -10.24
CA LEU H 11 29.98 -20.41 -11.11
C LEU H 11 30.40 -21.85 -10.96
N SER H 12 30.73 -22.48 -12.09
CA SER H 12 31.24 -23.82 -12.11
C SER H 12 32.61 -23.73 -12.78
N VAL H 13 33.68 -24.11 -12.07
CA VAL H 13 35.04 -23.86 -12.57
C VAL H 13 35.89 -25.11 -12.57
N THR H 14 36.61 -25.33 -13.65
CA THR H 14 37.59 -26.39 -13.72
C THR H 14 38.86 -25.92 -13.01
N PRO H 15 39.39 -26.74 -12.09
CA PRO H 15 40.58 -26.30 -11.35
C PRO H 15 41.70 -25.94 -12.32
N GLY H 16 42.39 -24.83 -12.07
CA GLY H 16 43.45 -24.32 -12.94
C GLY H 16 42.99 -23.13 -13.77
N ASN H 17 41.68 -23.00 -14.02
CA ASN H 17 41.16 -21.85 -14.74
C ASN H 17 40.95 -20.65 -13.80
N SER H 18 40.99 -19.45 -14.39
N SER H 18 41.02 -19.44 -14.36
CA SER H 18 40.75 -18.22 -13.64
CA SER H 18 40.76 -18.23 -13.59
C SER H 18 39.28 -17.73 -13.78
C SER H 18 39.28 -17.77 -13.76
N VAL H 19 38.78 -17.07 -12.74
CA VAL H 19 37.40 -16.52 -12.73
C VAL H 19 37.43 -15.14 -12.12
N SER H 20 36.39 -14.35 -12.42
CA SER H 20 36.12 -13.06 -11.82
C SER H 20 34.68 -13.04 -11.32
N LEU H 21 34.48 -12.50 -10.13
CA LEU H 21 33.18 -12.42 -9.46
C LEU H 21 32.90 -10.96 -9.32
N SER H 22 31.70 -10.55 -9.67
CA SER H 22 31.34 -9.17 -9.76
C SER H 22 30.42 -8.75 -8.56
N CYS H 23 30.60 -7.52 -8.07
CA CYS H 23 29.78 -6.94 -7.04
C CYS H 23 29.48 -5.52 -7.44
N ARG H 24 28.20 -5.21 -7.61
CA ARG H 24 27.77 -3.91 -8.05
C ARG H 24 26.92 -3.26 -6.98
N ALA H 25 27.26 -2.03 -6.60
CA ALA H 25 26.57 -1.32 -5.53
C ALA H 25 25.48 -0.43 -6.09
N SER H 26 24.39 -0.29 -5.34
CA SER H 26 23.29 0.57 -5.74
C SER H 26 23.60 2.07 -5.63
N GLN H 27 24.68 2.41 -4.91
CA GLN H 27 25.23 3.76 -4.80
C GLN H 27 26.76 3.64 -4.85
N SER H 28 27.40 4.75 -5.18
CA SER H 28 28.86 4.80 -5.11
C SER H 28 29.33 4.59 -3.65
N ILE H 29 30.32 3.73 -3.48
CA ILE H 29 30.90 3.44 -2.16
C ILE H 29 32.43 3.58 -2.16
N GLY H 30 33.01 4.26 -3.15
CA GLY H 30 34.46 4.50 -3.15
C GLY H 30 35.28 3.25 -3.36
N ASN H 31 36.13 2.95 -2.40
CA ASN H 31 36.89 1.71 -2.32
C ASN H 31 36.44 0.90 -1.10
N ASN H 32 35.27 1.19 -0.53
CA ASN H 32 34.87 0.65 0.76
C ASN H 32 34.07 -0.65 0.60
N LEU H 33 34.73 -1.61 -0.03
CA LEU H 33 34.16 -2.87 -0.41
C LEU H 33 35.18 -3.95 -0.07
N HIS H 34 34.68 -4.98 0.62
CA HIS H 34 35.48 -6.03 1.23
C HIS H 34 34.92 -7.35 0.76
N TRP H 35 35.82 -8.31 0.56
CA TRP H 35 35.45 -9.60 0.04
C TRP H 35 35.72 -10.69 1.06
N TYR H 36 34.76 -11.58 1.18
CA TYR H 36 34.81 -12.73 2.10
C TYR H 36 34.60 -14.06 1.40
N GLN H 37 35.25 -15.08 1.93
CA GLN H 37 35.00 -16.45 1.52
C GLN H 37 34.30 -17.14 2.66
N GLN H 38 33.28 -17.93 2.39
CA GLN H 38 32.70 -18.78 3.44
C GLN H 38 32.52 -20.22 2.90
N LYS H 39 33.34 -21.12 3.43
CA LYS H 39 33.29 -22.55 3.05
C LYS H 39 32.25 -23.19 3.94
N SER H 40 31.75 -24.37 3.56
CA SER H 40 30.69 -25.04 4.33
C SER H 40 31.21 -25.33 5.76
N HIS H 41 30.34 -25.11 6.74
CA HIS H 41 30.65 -25.40 8.16
C HIS H 41 31.78 -24.51 8.76
N GLU H 42 31.99 -23.33 8.17
CA GLU H 42 33.07 -22.44 8.58
C GLU H 42 32.55 -21.01 8.63
N SER H 43 33.27 -20.16 9.34
CA SER H 43 32.89 -18.74 9.39
C SER H 43 33.46 -18.03 8.19
N PRO H 44 32.95 -16.81 7.88
CA PRO H 44 33.55 -16.02 6.82
C PRO H 44 35.02 -15.69 7.06
N ARG H 45 35.77 -15.67 5.99
CA ARG H 45 37.20 -15.37 6.01
C ARG H 45 37.40 -14.18 5.08
N LEU H 46 37.96 -13.09 5.62
CA LEU H 46 38.26 -11.92 4.82
C LEU H 46 39.37 -12.19 3.81
N LEU H 47 39.13 -11.91 2.53
CA LEU H 47 40.12 -12.12 1.45
C LEU H 47 40.83 -10.86 0.99
N ILE H 48 40.09 -9.75 0.91
CA ILE H 48 40.55 -8.51 0.34
C ILE H 48 39.79 -7.43 1.09
N LYS H 49 40.47 -6.35 1.43
CA LYS H 49 39.80 -5.21 2.01
C LYS H 49 39.99 -3.99 1.16
N TYR H 50 39.03 -3.07 1.30
CA TYR H 50 39.11 -1.75 0.65
C TYR H 50 39.41 -1.93 -0.84
N ALA H 51 38.63 -2.83 -1.42
CA ALA H 51 38.54 -3.09 -2.87
C ALA H 51 39.70 -3.90 -3.42
N SER H 52 40.90 -3.52 -3.04
CA SER H 52 42.07 -4.11 -3.60
C SER H 52 43.23 -4.41 -2.66
N GLN H 53 43.12 -4.12 -1.36
N GLN H 53 43.11 -4.13 -1.36
CA GLN H 53 44.26 -4.28 -0.45
CA GLN H 53 44.22 -4.29 -0.43
C GLN H 53 44.33 -5.74 -0.02
C GLN H 53 44.32 -5.76 -0.04
N SER H 54 45.52 -6.32 -0.16
CA SER H 54 45.72 -7.72 0.15
C SER H 54 45.74 -7.94 1.68
N ILE H 55 45.49 -9.18 2.09
CA ILE H 55 45.40 -9.60 3.47
C ILE H 55 46.47 -10.63 3.74
N SER H 56 47.19 -10.45 4.84
CA SER H 56 48.25 -11.38 5.20
C SER H 56 47.73 -12.81 5.33
N GLY H 57 48.42 -13.76 4.66
CA GLY H 57 48.06 -15.16 4.70
C GLY H 57 47.06 -15.66 3.66
N ILE H 58 46.48 -14.73 2.89
CA ILE H 58 45.50 -15.09 1.87
C ILE H 58 46.32 -15.39 0.60
N PRO H 59 46.06 -16.54 -0.07
CA PRO H 59 46.82 -16.83 -1.30
C PRO H 59 46.85 -15.68 -2.29
N SER H 60 47.99 -15.44 -2.93
CA SER H 60 48.08 -14.33 -3.88
C SER H 60 47.22 -14.51 -5.14
N ARG H 61 46.64 -15.68 -5.36
CA ARG H 61 45.74 -15.88 -6.50
C ARG H 61 44.41 -15.07 -6.34
N PHE H 62 44.11 -14.58 -5.11
CA PHE H 62 42.96 -13.69 -4.86
C PHE H 62 43.41 -12.23 -4.99
N SER H 63 42.69 -11.46 -5.80
CA SER H 63 42.94 -10.04 -5.92
C SER H 63 41.61 -9.32 -6.21
N GLY H 64 41.58 -8.04 -5.90
CA GLY H 64 40.37 -7.25 -6.02
C GLY H 64 40.67 -6.02 -6.83
N SER H 65 39.65 -5.53 -7.51
CA SER H 65 39.75 -4.26 -8.21
C SER H 65 38.38 -3.63 -8.31
N GLY H 66 38.35 -2.38 -8.76
CA GLY H 66 37.14 -1.63 -8.95
C GLY H 66 37.06 -0.43 -8.02
N SER H 67 36.05 0.39 -8.23
CA SER H 67 35.82 1.59 -7.43
C SER H 67 34.40 2.05 -7.72
N GLY H 68 33.90 3.01 -6.96
CA GLY H 68 32.58 3.59 -7.20
C GLY H 68 31.44 2.60 -6.97
N THR H 69 30.87 2.09 -8.05
CA THR H 69 29.78 1.13 -7.99
C THR H 69 30.18 -0.28 -8.42
N ASP H 70 31.34 -0.47 -9.08
CA ASP H 70 31.65 -1.74 -9.76
C ASP H 70 32.93 -2.36 -9.27
N PHE H 71 32.82 -3.58 -8.74
CA PHE H 71 33.91 -4.26 -8.07
C PHE H 71 34.00 -5.70 -8.54
N THR H 72 35.23 -6.18 -8.57
CA THR H 72 35.56 -7.50 -9.03
C THR H 72 36.55 -8.22 -8.09
N LEU H 73 36.24 -9.47 -7.73
CA LEU H 73 37.21 -10.39 -7.09
C LEU H 73 37.70 -11.32 -8.17
N SER H 74 39.00 -11.33 -8.39
CA SER H 74 39.63 -12.24 -9.37
C SER H 74 40.25 -13.39 -8.62
N ILE H 75 40.01 -14.59 -9.10
CA ILE H 75 40.66 -15.78 -8.53
C ILE H 75 41.43 -16.39 -9.66
N ASN H 76 42.76 -16.28 -9.61
CA ASN H 76 43.61 -16.89 -10.60
C ASN H 76 43.77 -18.37 -10.21
N SER H 77 43.94 -19.24 -11.18
CA SER H 77 44.17 -20.69 -10.93
C SER H 77 43.33 -21.21 -9.75
N VAL H 78 42.02 -21.22 -9.93
CA VAL H 78 41.10 -21.75 -8.96
C VAL H 78 41.57 -23.18 -8.60
N GLU H 79 41.50 -23.49 -7.31
CA GLU H 79 41.86 -24.79 -6.77
C GLU H 79 40.64 -25.44 -6.19
N THR H 80 40.69 -26.75 -6.02
CA THR H 80 39.58 -27.51 -5.46
C THR H 80 39.09 -26.98 -4.13
N GLU H 81 40.05 -26.58 -3.29
CA GLU H 81 39.75 -25.98 -1.99
C GLU H 81 39.01 -24.62 -2.01
N ASP H 82 38.89 -23.98 -3.17
CA ASP H 82 38.23 -22.68 -3.27
C ASP H 82 36.72 -22.73 -3.33
N PHE H 83 36.11 -23.91 -3.37
CA PHE H 83 34.64 -24.01 -3.43
C PHE H 83 34.01 -23.50 -2.15
N GLY H 84 32.86 -22.86 -2.29
CA GLY H 84 32.17 -22.21 -1.21
C GLY H 84 31.53 -20.94 -1.70
N MET H 85 31.07 -20.15 -0.73
CA MET H 85 30.36 -18.89 -0.99
C MET H 85 31.33 -17.74 -0.94
N TYR H 86 31.11 -16.76 -1.80
CA TYR H 86 31.90 -15.53 -1.80
C TYR H 86 30.95 -14.37 -1.66
N PHE H 87 31.18 -13.52 -0.66
CA PHE H 87 30.35 -12.36 -0.38
C PHE H 87 31.16 -11.09 -0.46
N CYS H 88 30.56 -10.03 -1.00
CA CYS H 88 31.13 -8.71 -0.82
C CYS H 88 30.39 -8.01 0.29
N GLN H 89 31.02 -7.00 0.87
CA GLN H 89 30.45 -6.24 1.96
C GLN H 89 30.92 -4.79 1.87
N GLN H 90 29.99 -3.87 2.04
CA GLN H 90 30.29 -2.45 2.05
C GLN H 90 30.34 -1.85 3.46
N SER H 91 31.31 -0.97 3.65
CA SER H 91 31.52 -0.23 4.89
C SER H 91 31.44 1.28 4.68
N ASN H 92 30.97 1.74 3.53
CA ASN H 92 30.78 3.17 3.26
C ASN H 92 29.71 3.84 4.13
N SER H 93 28.61 3.14 4.33
CA SER H 93 27.41 3.71 4.92
C SER H 93 26.80 2.75 5.90
N TRP H 94 26.30 3.29 7.02
CA TRP H 94 25.65 2.48 8.02
C TRP H 94 24.17 2.34 7.62
N PRO H 95 23.56 1.17 7.72
CA PRO H 95 24.20 -0.12 8.06
C PRO H 95 25.07 -0.75 6.96
N TYR H 96 26.17 -1.40 7.39
CA TYR H 96 26.96 -2.25 6.53
C TYR H 96 26.05 -3.32 5.97
N THR H 97 26.27 -3.65 4.71
CA THR H 97 25.49 -4.65 4.06
C THR H 97 26.40 -5.54 3.24
N PHE H 98 25.94 -6.78 3.06
CA PHE H 98 26.54 -7.84 2.28
C PHE H 98 25.74 -8.11 1.00
N GLY H 99 26.46 -8.47 -0.06
CA GLY H 99 25.86 -8.97 -1.24
C GLY H 99 25.24 -10.34 -1.02
N GLY H 100 24.51 -10.79 -2.03
CA GLY H 100 23.76 -12.05 -1.94
C GLY H 100 24.58 -13.30 -2.06
N GLY H 101 25.82 -13.15 -2.49
CA GLY H 101 26.76 -14.21 -2.59
C GLY H 101 26.84 -14.85 -3.97
N THR H 102 28.05 -15.29 -4.33
CA THR H 102 28.32 -16.12 -5.51
C THR H 102 28.81 -17.48 -4.96
N LYS H 103 28.16 -18.54 -5.39
CA LYS H 103 28.56 -19.91 -5.08
C LYS H 103 29.50 -20.44 -6.16
N LEU H 104 30.71 -20.78 -5.76
CA LEU H 104 31.71 -21.34 -6.65
C LEU H 104 31.69 -22.84 -6.42
N GLU H 105 31.37 -23.59 -7.46
CA GLU H 105 31.47 -25.06 -7.43
C GLU H 105 32.62 -25.46 -8.33
N ILE H 106 33.16 -26.65 -8.06
CA ILE H 106 34.26 -27.19 -8.80
C ILE H 106 33.73 -28.13 -9.86
N LYS H 107 34.19 -27.96 -11.07
CA LYS H 107 33.85 -28.86 -12.15
C LYS H 107 34.77 -30.06 -12.12
N ARG H 108 34.24 -31.21 -12.50
CA ARG H 108 34.98 -32.46 -12.58
C ARG H 108 34.26 -33.32 -13.58
N ALA H 109 34.77 -34.53 -13.83
CA ALA H 109 34.17 -35.40 -14.82
C ALA H 109 32.84 -35.95 -14.28
N ASP H 110 31.93 -36.23 -15.20
CA ASP H 110 30.64 -36.84 -14.86
C ASP H 110 30.83 -38.17 -14.11
N ALA H 111 30.00 -38.40 -13.10
CA ALA H 111 30.05 -39.64 -12.34
C ALA H 111 28.63 -40.11 -12.02
N ALA H 112 28.33 -41.36 -12.38
CA ALA H 112 27.02 -41.96 -12.08
C ALA H 112 26.86 -42.14 -10.55
N PRO H 113 25.61 -42.02 -10.03
CA PRO H 113 25.46 -42.23 -8.59
C PRO H 113 25.57 -43.70 -8.20
N THR H 114 26.01 -43.98 -6.99
CA THR H 114 25.91 -45.31 -6.42
C THR H 114 24.63 -45.36 -5.59
N VAL H 115 23.69 -46.15 -6.07
CA VAL H 115 22.35 -46.17 -5.52
C VAL H 115 22.16 -47.38 -4.63
N SER H 116 21.60 -47.13 -3.45
CA SER H 116 21.32 -48.15 -2.45
C SER H 116 19.93 -47.87 -1.86
N ILE H 117 19.11 -48.92 -1.74
CA ILE H 117 17.77 -48.84 -1.21
C ILE H 117 17.69 -49.67 0.07
N PHE H 118 16.91 -49.17 1.05
CA PHE H 118 16.77 -49.75 2.37
C PHE H 118 15.30 -49.77 2.85
N PRO H 119 14.81 -50.95 3.23
CA PRO H 119 13.47 -51.02 3.78
C PRO H 119 13.41 -50.41 5.15
N PRO H 120 12.20 -50.08 5.62
CA PRO H 120 12.03 -49.74 7.03
C PRO H 120 12.64 -50.82 7.91
N SER H 121 13.32 -50.44 8.98
CA SER H 121 13.73 -51.39 10.00
C SER H 121 12.51 -51.90 10.75
N SER H 122 12.68 -53.05 11.41
CA SER H 122 11.65 -53.61 12.25
C SER H 122 11.41 -52.72 13.45
N GLU H 123 12.45 -52.06 13.96
CA GLU H 123 12.28 -51.15 15.11
C GLU H 123 11.34 -50.00 14.76
N GLN H 124 11.47 -49.43 13.55
CA GLN H 124 10.55 -48.40 13.10
C GLN H 124 9.14 -48.98 12.91
N LEU H 125 9.04 -50.22 12.41
CA LEU H 125 7.73 -50.86 12.16
C LEU H 125 6.99 -51.13 13.48
N THR H 126 7.69 -51.69 14.47
CA THR H 126 7.17 -51.81 15.83
C THR H 126 6.57 -50.50 16.37
N SER H 127 7.20 -49.38 16.06
CA SER H 127 6.71 -48.03 16.43
C SER H 127 5.54 -47.49 15.58
N GLY H 128 5.13 -48.21 14.53
CA GLY H 128 4.02 -47.78 13.66
C GLY H 128 4.40 -46.90 12.47
N GLY H 129 5.70 -46.66 12.27
CA GLY H 129 6.18 -45.90 11.11
C GLY H 129 6.79 -46.80 10.04
N ALA H 130 6.94 -46.25 8.84
CA ALA H 130 7.71 -46.92 7.76
C ALA H 130 8.33 -45.92 6.77
N SER H 131 9.65 -45.73 6.87
CA SER H 131 10.38 -44.87 5.93
C SER H 131 11.27 -45.76 5.08
N VAL H 132 11.20 -45.56 3.76
CA VAL H 132 12.06 -46.23 2.80
C VAL H 132 13.11 -45.21 2.41
N VAL H 133 14.37 -45.63 2.48
CA VAL H 133 15.48 -44.70 2.21
C VAL H 133 16.24 -45.12 0.98
N CYS H 134 16.49 -44.16 0.11
CA CYS H 134 17.38 -44.37 -1.01
C CYS H 134 18.59 -43.40 -0.95
N PHE H 135 19.81 -43.93 -1.00
CA PHE H 135 21.02 -43.09 -1.13
C PHE H 135 21.49 -43.08 -2.57
N LEU H 136 21.78 -41.89 -3.08
CA LEU H 136 22.34 -41.71 -4.40
C LEU H 136 23.67 -41.01 -4.19
N ASN H 137 24.74 -41.79 -4.16
CA ASN H 137 26.01 -41.27 -3.63
C ASN H 137 27.09 -40.99 -4.68
N ASN H 138 27.84 -39.92 -4.46
CA ASN H 138 29.06 -39.58 -5.19
C ASN H 138 28.86 -39.48 -6.71
N PHE H 139 27.99 -38.56 -7.07
CA PHE H 139 27.66 -38.27 -8.48
C PHE H 139 28.02 -36.83 -8.86
N TYR H 140 28.13 -36.62 -10.15
CA TYR H 140 28.39 -35.30 -10.70
C TYR H 140 27.85 -35.28 -12.14
N PRO H 141 27.15 -34.22 -12.59
CA PRO H 141 26.84 -33.01 -11.83
C PRO H 141 25.67 -33.20 -10.87
N LYS H 142 25.35 -32.11 -10.19
CA LYS H 142 24.42 -32.09 -9.08
C LYS H 142 22.97 -32.49 -9.46
N ASP H 143 22.56 -32.20 -10.71
CA ASP H 143 21.17 -32.41 -11.15
C ASP H 143 20.89 -33.89 -11.17
N ILE H 144 19.82 -34.30 -10.50
CA ILE H 144 19.41 -35.71 -10.51
C ILE H 144 17.92 -35.84 -10.19
N ASN H 145 17.28 -36.86 -10.74
CA ASN H 145 15.86 -37.07 -10.49
C ASN H 145 15.71 -38.42 -9.86
N VAL H 146 14.90 -38.46 -8.83
CA VAL H 146 14.54 -39.68 -8.18
C VAL H 146 13.04 -39.85 -8.31
N LYS H 147 12.65 -41.06 -8.65
CA LYS H 147 11.26 -41.45 -8.71
C LYS H 147 11.09 -42.69 -7.84
N TRP H 148 9.99 -42.73 -7.10
CA TRP H 148 9.66 -43.90 -6.31
C TRP H 148 8.50 -44.66 -6.93
N LYS H 149 8.59 -45.99 -6.88
CA LYS H 149 7.47 -46.83 -7.30
C LYS H 149 7.08 -47.85 -6.23
N ILE H 150 5.77 -47.95 -6.01
CA ILE H 150 5.19 -48.91 -5.10
C ILE H 150 4.36 -49.83 -6.00
N ASP H 151 4.75 -51.11 -6.03
CA ASP H 151 4.14 -52.11 -6.92
C ASP H 151 3.96 -51.62 -8.35
N GLY H 152 4.94 -50.87 -8.85
CA GLY H 152 4.93 -50.36 -10.20
C GLY H 152 4.33 -48.99 -10.40
N SER H 153 3.58 -48.46 -9.42
CA SER H 153 2.94 -47.16 -9.58
C SER H 153 3.83 -46.07 -9.01
N GLU H 154 4.05 -45.01 -9.79
CA GLU H 154 4.78 -43.85 -9.34
C GLU H 154 4.17 -43.30 -8.05
N ARG H 155 5.02 -42.73 -7.21
CA ARG H 155 4.60 -42.18 -5.93
C ARG H 155 5.34 -40.86 -5.69
N GLN H 156 4.62 -39.75 -5.78
CA GLN H 156 5.20 -38.40 -5.55
C GLN H 156 5.06 -37.92 -4.11
N ASN H 157 3.94 -38.24 -3.48
CA ASN H 157 3.64 -37.78 -2.10
C ASN H 157 4.49 -38.45 -1.04
N GLY H 158 4.90 -37.69 -0.03
CA GLY H 158 5.66 -38.17 1.12
C GLY H 158 7.15 -38.39 0.90
N VAL H 159 7.68 -37.83 -0.21
CA VAL H 159 9.09 -37.93 -0.56
C VAL H 159 9.82 -36.66 -0.17
N LEU H 160 10.92 -36.81 0.57
CA LEU H 160 11.78 -35.69 0.98
C LEU H 160 13.22 -35.98 0.63
N ASN H 161 13.82 -35.05 -0.11
CA ASN H 161 15.18 -35.19 -0.58
C ASN H 161 16.08 -34.23 0.15
N SER H 162 17.35 -34.63 0.24
CA SER H 162 18.34 -33.82 0.90
C SER H 162 19.66 -34.06 0.19
N TRP H 163 20.32 -32.98 -0.21
CA TRP H 163 21.62 -33.03 -0.90
C TRP H 163 22.72 -32.65 0.09
N THR H 164 23.87 -33.27 -0.05
CA THR H 164 25.06 -32.78 0.63
C THR H 164 25.63 -31.59 -0.16
N ASP H 165 26.53 -30.87 0.47
CA ASP H 165 27.37 -29.93 -0.28
C ASP H 165 28.38 -30.72 -1.07
N GLN H 166 29.00 -30.02 -2.00
CA GLN H 166 30.04 -30.60 -2.81
C GLN H 166 31.15 -31.12 -1.90
N ASP H 167 31.65 -32.30 -2.22
CA ASP H 167 32.61 -33.01 -1.38
C ASP H 167 34.02 -32.44 -1.59
N SER H 168 34.69 -32.14 -0.48
CA SER H 168 36.05 -31.57 -0.54
C SER H 168 37.11 -32.50 -1.11
N LYS H 169 36.90 -33.81 -1.04
CA LYS H 169 37.89 -34.80 -1.53
C LYS H 169 37.72 -35.04 -3.04
N ASP H 170 36.48 -35.38 -3.45
CA ASP H 170 36.23 -35.81 -4.84
C ASP H 170 35.35 -34.89 -5.68
N SER H 171 34.86 -33.80 -5.10
CA SER H 171 34.00 -32.83 -5.83
C SER H 171 32.65 -33.37 -6.30
N THR H 172 32.22 -34.51 -5.78
CA THR H 172 30.91 -35.06 -6.10
C THR H 172 29.87 -34.50 -5.15
N TYR H 173 28.64 -34.83 -5.44
CA TYR H 173 27.50 -34.56 -4.62
C TYR H 173 26.87 -35.88 -4.21
N SER H 174 26.11 -35.84 -3.13
CA SER H 174 25.30 -36.98 -2.74
C SER H 174 23.91 -36.51 -2.34
N MET H 175 22.98 -37.44 -2.35
CA MET H 175 21.60 -37.11 -2.04
C MET H 175 20.91 -38.32 -1.40
N SER H 176 20.03 -38.02 -0.45
CA SER H 176 19.22 -39.00 0.23
C SER H 176 17.80 -38.72 -0.22
N SER H 177 17.03 -39.77 -0.49
CA SER H 177 15.60 -39.64 -0.84
C SER H 177 14.86 -40.57 0.10
N THR H 178 13.87 -40.02 0.81
CA THR H 178 13.19 -40.74 1.87
C THR H 178 11.69 -40.68 1.63
N LEU H 179 11.08 -41.85 1.51
CA LEU H 179 9.63 -42.03 1.29
C LEU H 179 9.01 -42.40 2.61
N THR H 180 8.21 -41.51 3.16
CA THR H 180 7.59 -41.78 4.45
C THR H 180 6.16 -42.21 4.21
N LEU H 181 5.79 -43.34 4.83
CA LEU H 181 4.49 -43.98 4.71
C LEU H 181 4.02 -44.29 6.10
N THR H 182 2.73 -44.56 6.22
CA THR H 182 2.25 -45.23 7.42
C THR H 182 2.73 -46.68 7.29
N LYS H 183 2.93 -47.32 8.44
CA LYS H 183 3.24 -48.75 8.47
C LYS H 183 2.14 -49.48 7.72
N ASP H 184 0.91 -49.03 7.93
CA ASP H 184 -0.24 -49.65 7.30
C ASP H 184 -0.15 -49.69 5.77
N GLU H 185 0.10 -48.54 5.15
CA GLU H 185 0.21 -48.48 3.68
C GLU H 185 1.44 -49.27 3.19
N TYR H 186 2.55 -49.20 3.94
CA TYR H 186 3.72 -50.00 3.60
C TYR H 186 3.39 -51.52 3.60
N GLU H 187 2.61 -51.96 4.58
CA GLU H 187 2.27 -53.38 4.72
C GLU H 187 1.32 -53.92 3.63
N ARG H 188 0.68 -53.01 2.87
CA ARG H 188 -0.28 -53.41 1.81
C ARG H 188 0.36 -53.66 0.43
N HIS H 189 1.65 -53.37 0.28
CA HIS H 189 2.33 -53.47 -1.00
C HIS H 189 3.61 -54.30 -0.83
N ASN H 190 4.08 -54.89 -1.92
CA ASN H 190 5.24 -55.80 -1.86
C ASN H 190 6.52 -55.13 -2.40
N SER H 191 6.47 -54.52 -3.58
CA SER H 191 7.69 -54.08 -4.25
C SER H 191 7.88 -52.56 -4.18
N TYR H 192 9.08 -52.17 -3.76
CA TYR H 192 9.43 -50.77 -3.54
C TYR H 192 10.65 -50.47 -4.37
N THR H 193 10.56 -49.41 -5.16
CA THR H 193 11.58 -49.08 -6.13
C THR H 193 11.98 -47.62 -6.04
N CYS H 194 13.30 -47.42 -6.02
CA CYS H 194 13.90 -46.12 -6.13
C CYS H 194 14.60 -46.11 -7.48
N GLU H 195 14.28 -45.13 -8.34
CA GLU H 195 14.83 -45.03 -9.69
C GLU H 195 15.57 -43.71 -9.83
N ALA H 196 16.85 -43.74 -10.17
CA ALA H 196 17.62 -42.51 -10.29
C ALA H 196 17.87 -42.17 -11.75
N THR H 197 17.50 -40.96 -12.18
CA THR H 197 17.82 -40.46 -13.51
C THR H 197 18.86 -39.33 -13.48
N HIS H 198 19.95 -39.56 -14.20
CA HIS H 198 21.11 -38.70 -14.23
C HIS H 198 21.67 -38.75 -15.65
N LYS H 199 22.36 -37.70 -16.09
CA LYS H 199 22.87 -37.64 -17.48
C LYS H 199 23.85 -38.76 -17.88
N THR H 200 24.57 -39.30 -16.92
CA THR H 200 25.54 -40.37 -17.17
C THR H 200 24.97 -41.64 -17.84
N SER H 201 23.71 -41.98 -17.52
CA SER H 201 23.01 -43.13 -18.11
C SER H 201 21.72 -42.68 -18.82
N THR H 202 21.45 -43.23 -20.00
CA THR H 202 20.16 -43.06 -20.68
C THR H 202 19.11 -43.86 -19.91
N SER H 203 19.51 -45.07 -19.48
CA SER H 203 18.71 -45.93 -18.61
C SER H 203 18.78 -45.51 -17.10
N PRO H 204 17.62 -45.25 -16.47
CA PRO H 204 17.53 -45.07 -15.00
C PRO H 204 18.21 -46.19 -14.19
N ILE H 205 18.92 -45.83 -13.11
CA ILE H 205 19.45 -46.82 -12.18
C ILE H 205 18.32 -47.17 -11.19
N VAL H 206 17.94 -48.45 -11.18
CA VAL H 206 16.77 -48.93 -10.46
C VAL H 206 17.23 -49.90 -9.38
N LYS H 207 16.82 -49.65 -8.14
CA LYS H 207 17.09 -50.56 -7.03
C LYS H 207 15.76 -50.86 -6.39
N SER H 208 15.54 -52.11 -6.00
CA SER H 208 14.25 -52.53 -5.46
C SER H 208 14.46 -53.51 -4.32
N PHE H 209 13.43 -53.62 -3.49
CA PHE H 209 13.29 -54.79 -2.63
C PHE H 209 11.81 -55.19 -2.63
N ASN H 210 11.57 -56.42 -2.20
CA ASN H 210 10.25 -56.94 -1.96
C ASN H 210 10.11 -57.15 -0.46
N ARG H 211 9.00 -56.71 0.12
CA ARG H 211 8.74 -56.94 1.54
C ARG H 211 8.64 -58.45 1.86
N ASN H 212 8.09 -59.24 0.94
CA ASN H 212 8.05 -60.71 1.05
C ASN H 212 9.28 -61.33 0.38
N LYS I 1 56.61 13.79 2.12
CA LYS I 1 55.98 14.47 0.93
C LYS I 1 54.95 15.51 1.37
N VAL I 2 55.07 16.72 0.82
CA VAL I 2 54.05 17.74 0.93
C VAL I 2 53.22 17.71 -0.36
N TYR I 3 51.96 17.28 -0.24
CA TYR I 3 51.08 17.21 -1.40
C TYR I 3 50.59 18.59 -1.83
N SER I 4 50.33 18.74 -3.14
CA SER I 4 49.54 19.87 -3.61
C SER I 4 48.06 19.50 -3.33
N ARG I 5 47.22 20.51 -3.23
CA ARG I 5 45.81 20.31 -2.85
C ARG I 5 45.12 19.30 -3.79
N CYS I 6 45.24 19.51 -5.09
CA CYS I 6 44.56 18.64 -6.07
C CYS I 6 45.19 17.27 -6.18
N GLU I 7 46.50 17.20 -5.98
CA GLU I 7 47.19 15.92 -5.92
C GLU I 7 46.62 15.10 -4.76
N LEU I 8 46.43 15.78 -3.62
CA LEU I 8 45.88 15.16 -2.43
C LEU I 8 44.46 14.72 -2.64
N ALA I 9 43.64 15.63 -3.17
CA ALA I 9 42.21 15.31 -3.47
C ALA I 9 42.08 14.05 -4.31
N ALA I 10 42.88 13.96 -5.39
CA ALA I 10 42.87 12.78 -6.28
C ALA I 10 43.26 11.50 -5.52
N ALA I 11 44.33 11.55 -4.73
CA ALA I 11 44.70 10.41 -3.86
C ALA I 11 43.59 10.02 -2.82
N MET I 12 43.02 11.00 -2.12
CA MET I 12 41.94 10.71 -1.15
C MET I 12 40.64 10.17 -1.74
N LYS I 13 40.32 10.63 -2.95
CA LYS I 13 39.18 10.07 -3.68
C LYS I 13 39.49 8.66 -4.13
N ARG I 14 40.70 8.42 -4.63
N ARG I 14 40.71 8.41 -4.62
CA ARG I 14 41.12 7.07 -5.02
CA ARG I 14 41.14 7.06 -4.99
C ARG I 14 41.03 6.12 -3.80
C ARG I 14 40.99 6.11 -3.79
N LEU I 15 41.24 6.65 -2.60
CA LEU I 15 41.19 5.89 -1.34
C LEU I 15 39.85 5.98 -0.59
N GLY I 16 38.79 6.38 -1.30
CA GLY I 16 37.43 6.17 -0.82
C GLY I 16 36.94 7.01 0.32
N LEU I 17 37.43 8.25 0.42
CA LEU I 17 36.94 9.17 1.43
C LEU I 17 35.77 10.04 0.96
N ASP I 18 35.54 10.17 -0.36
CA ASP I 18 34.44 11.01 -0.84
C ASP I 18 33.10 10.41 -0.40
N ASN I 19 32.53 11.01 0.63
CA ASN I 19 31.29 10.58 1.23
C ASN I 19 31.36 9.32 2.09
N TYR I 20 32.52 9.07 2.68
CA TYR I 20 32.65 7.98 3.63
C TYR I 20 31.87 8.33 4.91
N ARG I 21 30.92 7.49 5.29
CA ARG I 21 30.06 7.67 6.48
C ARG I 21 29.44 9.07 6.64
N GLY I 22 29.04 9.65 5.50
CA GLY I 22 28.48 11.01 5.44
C GLY I 22 29.39 12.14 4.94
N TYR I 23 30.71 12.02 5.00
CA TYR I 23 31.57 13.14 4.81
C TYR I 23 32.21 13.28 3.40
N SER I 24 31.90 14.40 2.72
CA SER I 24 32.40 14.66 1.37
C SER I 24 33.90 14.91 1.30
N LEU I 25 34.44 14.73 0.10
CA LEU I 25 35.88 14.78 -0.17
C LEU I 25 36.53 16.06 0.34
N GLY I 26 35.88 17.19 0.09
CA GLY I 26 36.39 18.49 0.57
C GLY I 26 36.71 18.56 2.07
N ASN I 27 35.89 17.92 2.92
CA ASN I 27 36.22 17.85 4.38
C ASN I 27 37.63 17.28 4.70
N TRP I 28 37.94 16.21 4.04
CA TRP I 28 39.19 15.52 4.29
C TRP I 28 40.37 16.35 3.74
N VAL I 29 40.18 17.00 2.57
CA VAL I 29 41.24 17.88 2.02
C VAL I 29 41.40 19.09 2.95
N CYS I 30 40.24 19.58 3.42
CA CYS I 30 40.21 20.66 4.40
C CYS I 30 40.98 20.29 5.66
N ALA I 31 40.68 19.13 6.23
CA ALA I 31 41.32 18.72 7.50
C ALA I 31 42.84 18.60 7.33
N ALA I 32 43.27 17.89 6.27
CA ALA I 32 44.72 17.77 5.92
C ALA I 32 45.45 19.15 5.77
N ASN I 33 44.77 20.12 5.13
CA ASN I 33 45.32 21.49 5.12
C ASN I 33 45.60 22.08 6.54
N TYR I 34 44.58 22.09 7.39
CA TYR I 34 44.71 22.68 8.72
C TYR I 34 45.51 21.81 9.69
N GLU I 35 45.41 20.50 9.60
CA GLU I 35 46.20 19.64 10.46
C GLU I 35 47.68 19.67 10.08
N SER I 36 47.99 19.66 8.78
CA SER I 36 49.40 19.41 8.33
C SER I 36 49.94 20.19 7.16
N SER I 37 49.13 21.07 6.57
CA SER I 37 49.44 21.67 5.27
C SER I 37 49.85 20.61 4.25
N PHE I 38 49.16 19.47 4.29
CA PHE I 38 49.37 18.40 3.33
C PHE I 38 50.71 17.69 3.46
N ASN I 39 51.40 17.83 4.60
CA ASN I 39 52.70 17.24 4.86
C ASN I 39 52.50 15.87 5.55
N THR I 40 52.95 14.81 4.86
CA THR I 40 52.93 13.45 5.39
C THR I 40 53.94 13.28 6.54
N GLN I 41 54.98 14.14 6.59
CA GLN I 41 56.00 14.06 7.67
C GLN I 41 55.69 14.95 8.87
N ALA I 42 54.54 15.64 8.91
CA ALA I 42 54.21 16.49 10.06
C ALA I 42 54.10 15.68 11.35
N THR I 43 54.69 16.20 12.42
CA THR I 43 54.55 15.64 13.77
C THR I 43 54.41 16.76 14.80
N ASN I 44 53.58 16.53 15.81
CA ASN I 44 53.34 17.51 16.87
C ASN I 44 53.34 16.83 18.26
N ARG I 45 54.26 17.23 19.14
CA ARG I 45 54.30 16.72 20.54
C ARG I 45 53.18 17.37 21.36
N ASN I 46 52.32 16.55 21.98
CA ASN I 46 51.06 17.01 22.61
C ASN I 46 51.22 17.22 24.12
N THR I 47 50.13 17.63 24.79
CA THR I 47 50.22 18.12 26.18
C THR I 47 50.42 17.06 27.30
N ASP I 48 50.33 15.78 26.93
CA ASP I 48 50.36 14.66 27.91
C ASP I 48 51.39 13.58 27.58
N GLY I 49 52.37 13.91 26.73
CA GLY I 49 53.35 12.96 26.22
C GLY I 49 52.97 12.17 24.96
N SER I 50 51.79 12.41 24.39
CA SER I 50 51.39 11.77 23.12
C SER I 50 51.93 12.58 21.94
N THR I 51 51.95 11.96 20.76
CA THR I 51 52.40 12.65 19.55
C THR I 51 51.34 12.46 18.43
N ASP I 52 51.13 13.51 17.64
CA ASP I 52 50.24 13.49 16.49
C ASP I 52 51.09 13.30 15.25
N TYR I 53 50.67 12.39 14.39
CA TYR I 53 51.47 11.96 13.27
C TYR I 53 50.77 12.12 11.92
N GLY I 54 51.49 12.74 10.98
CA GLY I 54 51.18 12.59 9.54
C GLY I 54 50.25 13.65 8.99
N ILE I 55 49.75 13.39 7.81
CA ILE I 55 48.90 14.32 7.09
C ILE I 55 47.59 14.69 7.83
N LEU I 56 47.03 13.78 8.64
CA LEU I 56 45.82 14.04 9.45
C LEU I 56 46.08 14.06 10.97
N GLN I 57 47.35 14.17 11.39
CA GLN I 57 47.67 14.35 12.83
C GLN I 57 46.90 13.42 13.82
N ILE I 58 47.04 12.13 13.56
CA ILE I 58 46.38 11.09 14.36
C ILE I 58 47.21 10.87 15.64
N ASN I 59 46.52 10.81 16.78
CA ASN I 59 47.16 10.81 18.09
C ASN I 59 47.61 9.42 18.58
N SER I 60 48.84 9.35 19.08
CA SER I 60 49.44 8.11 19.55
C SER I 60 48.88 7.57 20.87
N ARG I 61 48.04 8.31 21.57
CA ARG I 61 47.48 7.79 22.82
C ARG I 61 46.52 6.64 22.56
N TRP I 62 45.63 6.83 21.59
CA TRP I 62 44.61 5.81 21.25
C TRP I 62 44.92 4.97 20.01
N TRP I 63 45.47 5.61 18.99
CA TRP I 63 45.31 5.13 17.62
C TRP I 63 46.51 4.40 17.04
N CYS I 64 47.74 4.74 17.45
CA CYS I 64 48.92 4.08 16.92
C CYS I 64 49.97 3.87 18.01
N ASP I 65 50.91 2.96 17.74
CA ASP I 65 51.99 2.63 18.70
C ASP I 65 53.24 3.40 18.32
N ASP I 66 53.69 4.33 19.15
CA ASP I 66 54.99 4.94 18.87
C ASP I 66 56.10 4.51 19.83
N GLY I 67 55.82 3.55 20.72
CA GLY I 67 56.77 3.15 21.79
C GLY I 67 57.05 4.15 22.91
N LYS I 68 56.54 5.40 22.81
CA LYS I 68 56.89 6.52 23.73
C LYS I 68 55.71 7.04 24.58
N THR I 69 54.51 6.48 24.39
CA THR I 69 53.26 6.99 24.99
C THR I 69 52.62 5.95 25.90
N LYS I 73 47.38 1.99 23.45
CA LYS I 73 46.17 1.29 23.00
C LYS I 73 46.31 0.68 21.59
N ASN I 74 46.89 1.47 20.69
CA ASN I 74 47.12 1.12 19.27
C ASN I 74 45.86 0.57 18.61
N ALA I 75 44.81 1.38 18.57
CA ALA I 75 43.54 0.97 17.99
C ALA I 75 43.63 0.69 16.49
N CYS I 76 44.49 1.41 15.79
CA CYS I 76 44.69 1.18 14.35
C CYS I 76 45.64 0.04 14.05
N GLY I 77 46.25 -0.53 15.08
CA GLY I 77 47.17 -1.68 14.92
C GLY I 77 48.36 -1.37 14.05
N ILE I 78 48.92 -0.18 14.20
CA ILE I 78 50.09 0.22 13.41
C ILE I 78 51.13 0.95 14.24
N PRO I 79 52.42 0.84 13.83
CA PRO I 79 53.38 1.76 14.40
C PRO I 79 53.10 3.19 13.88
N CYS I 80 53.36 4.21 14.68
CA CYS I 80 53.06 5.59 14.23
C CYS I 80 53.95 6.04 13.06
N SER I 81 55.15 5.46 12.98
CA SER I 81 56.05 5.70 11.84
C SER I 81 55.33 5.53 10.47
N VAL I 82 54.38 4.60 10.36
CA VAL I 82 53.65 4.38 9.11
C VAL I 82 52.80 5.59 8.68
N LEU I 83 52.37 6.39 9.64
CA LEU I 83 51.60 7.60 9.38
C LEU I 83 52.45 8.78 8.82
N LEU I 84 53.74 8.56 8.62
CA LEU I 84 54.63 9.53 8.01
C LEU I 84 55.09 9.11 6.61
N ARG I 85 54.47 8.09 6.01
CA ARG I 85 54.83 7.67 4.67
C ARG I 85 54.25 8.67 3.65
N SER I 86 54.94 8.82 2.52
CA SER I 86 54.50 9.68 1.39
C SER I 86 53.17 9.13 0.84
N ASP I 87 53.11 7.80 0.68
CA ASP I 87 51.85 7.09 0.37
C ASP I 87 50.87 7.17 1.57
N ILE I 88 49.70 7.82 1.37
N ILE I 88 49.71 7.83 1.38
CA ILE I 88 48.73 8.06 2.45
CA ILE I 88 48.75 8.05 2.47
C ILE I 88 47.75 6.91 2.74
C ILE I 88 47.75 6.92 2.74
N THR I 89 47.92 5.76 2.08
CA THR I 89 46.99 4.62 2.25
C THR I 89 46.71 4.25 3.73
N GLU I 90 47.76 4.06 4.52
CA GLU I 90 47.57 3.71 5.95
C GLU I 90 46.94 4.80 6.81
N ALA I 91 47.30 6.05 6.53
CA ALA I 91 46.67 7.17 7.25
C ALA I 91 45.15 7.22 6.98
N VAL I 92 44.77 7.00 5.73
CA VAL I 92 43.35 6.95 5.39
C VAL I 92 42.66 5.76 6.11
N ARG I 93 43.29 4.59 6.11
CA ARG I 93 42.66 3.41 6.73
C ARG I 93 42.40 3.62 8.23
N CYS I 94 43.37 4.22 8.91
CA CYS I 94 43.21 4.57 10.31
C CYS I 94 42.15 5.67 10.53
N ALA I 95 42.17 6.69 9.68
CA ALA I 95 41.19 7.77 9.77
C ALA I 95 39.76 7.23 9.64
N LYS I 96 39.55 6.27 8.74
CA LYS I 96 38.23 5.64 8.59
C LYS I 96 37.76 4.93 9.88
N ARG I 97 38.69 4.26 10.56
CA ARG I 97 38.37 3.62 11.84
C ARG I 97 37.98 4.66 12.92
N ILE I 98 38.75 5.74 12.96
CA ILE I 98 38.51 6.84 13.88
C ILE I 98 37.13 7.39 13.61
N VAL I 99 36.89 7.76 12.36
CA VAL I 99 35.66 8.47 11.99
C VAL I 99 34.43 7.56 12.10
N SER I 100 34.66 6.23 12.14
CA SER I 100 33.61 5.23 12.40
C SER I 100 33.24 5.09 13.88
N ASP I 101 33.97 5.77 14.74
CA ASP I 101 33.51 5.93 16.12
C ASP I 101 32.33 6.93 16.11
N GLY I 102 31.55 6.93 17.19
CA GLY I 102 30.50 7.93 17.48
C GLY I 102 30.76 9.39 17.15
N ASN I 103 32.00 9.86 17.32
CA ASN I 103 32.31 11.28 17.16
C ASN I 103 32.60 11.81 15.75
N GLY I 104 32.74 10.92 14.77
CA GLY I 104 32.80 11.40 13.39
C GLY I 104 34.08 12.20 13.16
N MET I 105 34.03 13.20 12.29
CA MET I 105 35.20 14.00 12.01
C MET I 105 35.56 14.97 13.17
N ASN I 106 34.72 15.04 14.22
CA ASN I 106 35.05 15.83 15.45
C ASN I 106 36.35 15.40 16.15
N ALA I 107 36.76 14.16 15.91
CA ALA I 107 38.07 13.70 16.28
C ALA I 107 39.18 14.69 15.89
N TRP I 108 39.02 15.39 14.77
CA TRP I 108 39.97 16.41 14.37
C TRP I 108 39.50 17.82 14.78
N VAL I 109 40.11 18.35 15.85
CA VAL I 109 39.75 19.66 16.39
C VAL I 109 39.73 20.69 15.28
N ALA I 110 40.79 20.68 14.45
CA ALA I 110 40.97 21.65 13.36
C ALA I 110 39.89 21.57 12.26
N TRP I 111 39.47 20.35 11.89
CA TRP I 111 38.30 20.19 10.99
C TRP I 111 37.07 20.86 11.62
N ARG I 112 36.80 20.51 12.89
CA ARG I 112 35.65 21.04 13.62
C ARG I 112 35.69 22.61 13.68
N ASN I 113 36.86 23.19 13.89
CA ASN I 113 36.94 24.66 13.94
C ASN I 113 37.00 25.36 12.57
N ARG I 114 37.80 24.84 11.64
CA ARG I 114 38.11 25.53 10.36
C ARG I 114 37.25 25.05 9.21
N CYS I 115 36.87 23.76 9.24
CA CYS I 115 36.20 23.09 8.12
C CYS I 115 34.66 22.92 8.31
N ARG I 116 34.23 22.43 9.48
N ARG I 116 34.23 22.44 9.50
CA ARG I 116 32.80 22.10 9.71
CA ARG I 116 32.80 22.21 9.87
C ARG I 116 31.89 23.30 9.50
C ARG I 116 31.91 23.36 9.46
N GLY I 117 30.81 23.08 8.76
CA GLY I 117 29.81 24.13 8.42
C GLY I 117 30.11 24.93 7.17
N THR I 118 31.32 24.83 6.64
CA THR I 118 31.76 25.67 5.53
C THR I 118 31.49 25.00 4.17
N ASP I 119 31.60 25.78 3.12
CA ASP I 119 31.55 25.24 1.77
C ASP I 119 32.87 24.53 1.44
N VAL I 120 32.89 23.25 1.80
CA VAL I 120 34.09 22.44 1.69
C VAL I 120 34.48 22.14 0.23
N SER I 121 33.51 22.25 -0.69
CA SER I 121 33.77 22.07 -2.13
C SER I 121 34.94 22.91 -2.62
N LYS I 122 35.09 24.10 -2.01
CA LYS I 122 36.23 24.99 -2.27
C LYS I 122 37.55 24.20 -2.36
N TRP I 123 37.70 23.22 -1.48
CA TRP I 123 38.93 22.45 -1.38
C TRP I 123 39.25 21.53 -2.57
N ILE I 124 38.24 21.18 -3.38
CA ILE I 124 38.44 20.40 -4.62
C ILE I 124 38.23 21.25 -5.89
N ARG I 125 37.93 22.54 -5.74
CA ARG I 125 37.73 23.42 -6.89
C ARG I 125 39.00 23.45 -7.73
N GLY I 126 38.87 23.25 -9.03
CA GLY I 126 40.02 23.15 -9.92
C GLY I 126 40.57 21.76 -10.18
N CYS I 127 40.24 20.76 -9.35
CA CYS I 127 40.87 19.43 -9.43
C CYS I 127 40.17 18.41 -10.35
N ARG I 128 40.97 17.77 -11.22
CA ARG I 128 40.64 16.67 -12.17
C ARG I 128 40.58 17.19 -13.60
N ASP J 1 22.63 27.03 39.67
CA ASP J 1 21.54 26.24 39.13
C ASP J 1 21.99 25.66 37.81
N VAL J 2 21.41 24.55 37.43
CA VAL J 2 21.66 23.97 36.12
C VAL J 2 20.78 24.66 35.11
N GLN J 3 21.39 25.24 34.08
CA GLN J 3 20.65 25.84 32.98
C GLN J 3 21.17 25.33 31.66
N LEU J 4 20.23 25.16 30.74
CA LEU J 4 20.52 24.69 29.41
C LEU J 4 20.07 25.73 28.42
N GLN J 5 20.77 25.81 27.28
CA GLN J 5 20.27 26.59 26.16
C GLN J 5 20.79 26.09 24.80
N GLU J 6 19.85 25.98 23.87
CA GLU J 6 20.08 25.57 22.49
C GLU J 6 20.63 26.70 21.66
N SER J 7 21.48 26.37 20.70
CA SER J 7 21.90 27.34 19.69
C SER J 7 22.14 26.66 18.37
N GLY J 8 21.95 27.42 17.29
CA GLY J 8 22.17 26.92 15.94
C GLY J 8 21.30 27.60 14.95
N PRO J 9 21.43 27.26 13.65
CA PRO J 9 20.59 27.91 12.64
C PRO J 9 19.09 27.71 12.84
N SER J 10 18.32 28.75 12.51
CA SER J 10 16.87 28.64 12.52
C SER J 10 16.28 28.24 11.15
N LEU J 11 17.08 28.34 10.08
CA LEU J 11 16.65 27.97 8.75
C LEU J 11 17.68 27.03 8.12
N VAL J 12 17.28 25.80 7.80
CA VAL J 12 18.16 24.81 7.15
C VAL J 12 17.53 24.37 5.83
N LYS J 13 18.35 24.15 4.82
CA LYS J 13 17.82 23.71 3.53
C LYS J 13 17.64 22.18 3.49
N PRO J 14 16.64 21.69 2.74
CA PRO J 14 16.46 20.25 2.62
C PRO J 14 17.70 19.55 2.07
N SER J 15 17.94 18.33 2.55
CA SER J 15 19.14 17.51 2.30
C SER J 15 20.37 17.84 3.19
N GLN J 16 20.40 19.03 3.79
CA GLN J 16 21.51 19.48 4.66
C GLN J 16 21.44 18.75 6.02
N THR J 17 22.51 18.91 6.81
CA THR J 17 22.56 18.46 8.19
C THR J 17 22.09 19.62 9.10
N LEU J 18 21.13 19.32 9.97
CA LEU J 18 20.73 20.22 11.03
C LEU J 18 21.66 19.99 12.21
N SER J 19 22.29 21.06 12.69
CA SER J 19 23.30 20.95 13.73
C SER J 19 22.95 21.91 14.86
N LEU J 20 22.71 21.38 16.05
CA LEU J 20 22.43 22.22 17.22
C LEU J 20 23.40 21.94 18.32
N THR J 21 23.57 22.95 19.19
CA THR J 21 24.38 22.86 20.37
C THR J 21 23.51 23.13 21.57
N CYS J 22 23.78 22.40 22.64
CA CYS J 22 23.15 22.66 23.93
C CYS J 22 24.27 23.00 24.91
N SER J 23 24.20 24.22 25.47
CA SER J 23 25.19 24.72 26.40
C SER J 23 24.61 24.55 27.81
N VAL J 24 25.39 23.90 28.67
CA VAL J 24 24.98 23.56 30.00
C VAL J 24 25.83 24.37 30.99
N THR J 25 25.16 24.93 31.99
CA THR J 25 25.84 25.59 33.10
C THR J 25 25.81 24.72 34.35
N GLY J 26 26.77 24.97 35.25
CA GLY J 26 26.90 24.19 36.48
C GLY J 26 27.97 23.13 36.34
N ASP J 27 28.06 22.24 37.32
CA ASP J 27 29.10 21.23 37.37
C ASP J 27 28.51 19.84 37.20
N SER J 28 27.32 19.73 36.66
CA SER J 28 26.64 18.43 36.57
C SER J 28 27.00 17.63 35.32
N PHE J 29 27.81 18.18 34.39
CA PHE J 29 27.70 17.73 32.98
C PHE J 29 28.10 16.28 32.81
N THR J 30 29.16 15.87 33.50
CA THR J 30 29.66 14.49 33.40
C THR J 30 28.95 13.53 34.35
N SER J 31 27.93 13.97 35.08
CA SER J 31 27.15 13.12 35.96
C SER J 31 25.79 12.68 35.40
N ASP J 32 25.29 13.38 34.40
CA ASP J 32 23.93 13.18 33.92
C ASP J 32 23.86 12.50 32.55
N TYR J 33 22.64 12.19 32.14
CA TYR J 33 22.35 11.89 30.76
C TYR J 33 21.63 13.07 30.13
N TRP J 34 21.87 13.28 28.84
CA TRP J 34 21.51 14.51 28.17
C TRP J 34 20.74 14.19 26.90
N SER J 35 19.58 14.82 26.72
CA SER J 35 18.62 14.45 25.70
C SER J 35 18.29 15.57 24.73
N TRP J 36 17.72 15.15 23.61
CA TRP J 36 17.07 16.08 22.68
C TRP J 36 15.62 15.65 22.47
N ILE J 37 14.72 16.63 22.44
CA ILE J 37 13.29 16.43 22.23
C ILE J 37 12.87 17.51 21.26
N ARG J 38 11.95 17.20 20.34
CA ARG J 38 11.40 18.22 19.46
C ARG J 38 9.88 18.21 19.49
N LYS J 39 9.32 19.39 19.27
CA LYS J 39 7.90 19.61 19.15
C LYS J 39 7.59 20.04 17.71
N PHE J 40 6.85 19.19 17.01
CA PHE J 40 6.41 19.48 15.62
C PHE J 40 5.22 20.41 15.70
N PRO J 41 4.90 21.08 14.59
CA PRO J 41 3.63 21.77 14.55
C PRO J 41 2.50 20.84 14.98
N GLY J 42 1.55 21.36 15.74
CA GLY J 42 0.39 20.57 16.17
C GLY J 42 0.59 19.95 17.54
N ASN J 43 1.55 20.46 18.32
CA ASN J 43 1.83 19.96 19.69
C ASN J 43 2.10 18.45 19.73
N ARG J 44 2.97 18.02 18.83
CA ARG J 44 3.32 16.64 18.67
C ARG J 44 4.78 16.54 19.12
N LEU J 45 5.01 15.95 20.30
CA LEU J 45 6.33 15.80 20.89
C LEU J 45 6.96 14.48 20.52
N GLU J 46 8.23 14.53 20.11
CA GLU J 46 9.02 13.34 19.87
C GLU J 46 10.35 13.41 20.67
N TYR J 47 10.60 12.35 21.43
CA TYR J 47 11.84 12.16 22.16
C TYR J 47 12.85 11.64 21.12
N MET J 48 13.92 12.39 20.88
CA MET J 48 14.84 12.06 19.77
C MET J 48 15.90 11.10 20.24
N GLY J 49 16.41 11.34 21.44
CA GLY J 49 17.49 10.51 21.94
C GLY J 49 18.19 11.07 23.14
N TYR J 50 19.06 10.27 23.76
CA TYR J 50 19.93 10.79 24.81
C TYR J 50 21.29 10.18 24.75
N VAL J 51 22.26 10.84 25.38
CA VAL J 51 23.62 10.35 25.50
C VAL J 51 23.97 10.31 27.01
N THR J 52 24.71 9.30 27.42
CA THR J 52 25.03 9.10 28.82
C THR J 52 26.46 9.55 29.06
N PHE J 53 26.88 9.66 30.33
CA PHE J 53 28.26 10.06 30.64
C PHE J 53 29.32 9.04 30.26
N SER J 54 28.93 7.79 30.00
CA SER J 54 29.89 6.81 29.46
C SER J 54 29.98 6.81 27.93
N GLY J 55 29.24 7.70 27.23
CA GLY J 55 29.21 7.74 25.77
C GLY J 55 28.22 6.83 25.08
N SER J 56 27.31 6.21 25.82
CA SER J 56 26.29 5.39 25.21
C SER J 56 25.19 6.32 24.69
N THR J 57 24.57 5.93 23.58
CA THR J 57 23.45 6.65 23.01
C THR J 57 22.23 5.78 22.85
N TYR J 58 21.07 6.42 22.91
CA TYR J 58 19.81 5.80 22.51
C TYR J 58 19.17 6.78 21.58
N TYR J 59 18.76 6.28 20.41
CA TYR J 59 18.18 7.05 19.36
C TYR J 59 16.82 6.49 19.03
N ASN J 60 15.88 7.39 18.75
CA ASN J 60 14.53 6.99 18.37
C ASN J 60 14.65 6.40 16.94
N PRO J 61 14.22 5.14 16.76
CA PRO J 61 14.20 4.56 15.40
C PRO J 61 13.39 5.37 14.36
N SER J 62 12.42 6.16 14.77
CA SER J 62 11.78 7.13 13.86
C SER J 62 12.79 7.90 13.01
N LEU J 63 13.98 8.13 13.56
CA LEU J 63 15.04 8.89 12.91
C LEU J 63 15.98 8.05 12.04
N LYS J 64 15.80 6.73 12.05
CA LYS J 64 16.61 5.80 11.26
C LYS J 64 18.12 5.86 11.55
N SER J 65 18.98 6.06 10.57
CA SER J 65 20.37 6.18 10.88
C SER J 65 20.79 7.64 10.84
N ARG J 66 19.85 8.58 10.92
CA ARG J 66 20.16 9.99 10.61
C ARG J 66 20.67 10.85 11.78
N ILE J 67 20.51 10.37 13.00
CA ILE J 67 20.76 11.20 14.17
C ILE J 67 22.10 10.84 14.79
N SER J 68 22.85 11.85 15.18
CA SER J 68 23.99 11.69 16.06
C SER J 68 23.91 12.66 17.26
N ILE J 69 24.20 12.15 18.46
CA ILE J 69 24.26 12.96 19.67
C ILE J 69 25.64 12.77 20.30
N THR J 70 26.40 13.85 20.40
CA THR J 70 27.78 13.83 20.89
C THR J 70 27.97 14.91 21.94
N ARG J 71 29.12 14.86 22.62
CA ARG J 71 29.41 15.74 23.74
C ARG J 71 30.81 16.27 23.61
N ASP J 72 31.03 17.42 24.26
CA ASP J 72 32.39 17.90 24.50
C ASP J 72 32.43 18.27 25.98
N THR J 73 32.94 17.36 26.80
CA THR J 73 32.97 17.54 28.26
C THR J 73 33.79 18.77 28.68
N SER J 74 34.84 19.08 27.94
CA SER J 74 35.66 20.28 28.26
C SER J 74 34.92 21.61 28.06
N LYS J 75 33.87 21.62 27.25
CA LYS J 75 33.09 22.83 27.03
C LYS J 75 31.71 22.80 27.68
N ASN J 76 31.37 21.75 28.42
CA ASN J 76 30.03 21.58 28.95
C ASN J 76 28.93 21.78 27.88
N GLN J 77 29.16 21.15 26.72
CA GLN J 77 28.29 21.28 25.53
C GLN J 77 27.94 19.87 25.04
N TYR J 78 26.71 19.69 24.57
CA TYR J 78 26.41 18.55 23.73
C TYR J 78 25.70 18.95 22.45
N TYR J 79 25.63 18.03 21.50
CA TYR J 79 25.30 18.37 20.13
C TYR J 79 24.26 17.44 19.56
N LEU J 80 23.48 17.95 18.63
CA LEU J 80 22.59 17.16 17.86
C LEU J 80 23.02 17.37 16.41
N ASP J 81 23.24 16.27 15.71
CA ASP J 81 23.38 16.33 14.25
C ASP J 81 22.34 15.40 13.62
N LEU J 82 21.46 16.00 12.82
CA LEU J 82 20.41 15.30 12.11
C LEU J 82 20.66 15.47 10.59
N ASN J 83 21.03 14.38 9.93
CA ASN J 83 21.42 14.42 8.50
C ASN J 83 20.21 14.42 7.62
N SER J 84 20.41 14.85 6.36
CA SER J 84 19.43 14.69 5.28
C SER J 84 18.02 15.21 5.62
N VAL J 85 17.94 16.42 6.20
CA VAL J 85 16.64 16.88 6.68
C VAL J 85 15.68 17.11 5.53
N THR J 86 14.40 17.03 5.83
CA THR J 86 13.33 17.46 4.92
C THR J 86 12.41 18.42 5.66
N THR J 87 11.36 18.88 4.98
CA THR J 87 10.34 19.73 5.65
C THR J 87 9.69 19.08 6.87
N GLU J 88 9.66 17.75 6.94
CA GLU J 88 9.09 17.04 8.09
C GLU J 88 9.90 17.22 9.40
N ASP J 89 11.12 17.74 9.30
CA ASP J 89 12.00 18.00 10.42
C ASP J 89 11.87 19.43 10.98
N THR J 90 10.98 20.22 10.39
CA THR J 90 10.61 21.50 10.94
C THR J 90 9.94 21.28 12.33
N ALA J 91 10.47 21.94 13.34
CA ALA J 91 10.11 21.67 14.75
C ALA J 91 10.82 22.63 15.67
N THR J 92 10.32 22.71 16.89
CA THR J 92 10.99 23.40 17.96
C THR J 92 11.83 22.34 18.66
N TYR J 93 13.14 22.59 18.68
CA TYR J 93 14.10 21.67 19.25
C TYR J 93 14.46 22.04 20.68
N TYR J 94 14.38 21.07 21.59
CA TYR J 94 14.74 21.34 23.00
C TYR J 94 15.84 20.43 23.45
N CYS J 95 16.78 20.91 24.23
CA CYS J 95 17.59 20.03 25.04
C CYS J 95 17.08 19.96 26.49
N ALA J 96 17.30 18.83 27.13
CA ALA J 96 16.83 18.59 28.50
C ALA J 96 17.67 17.50 29.12
N ASN J 97 17.79 17.48 30.45
CA ASN J 97 18.41 16.33 31.05
C ASN J 97 17.41 15.18 31.07
N TRP J 98 17.95 14.00 31.27
CA TRP J 98 17.19 12.78 31.15
C TRP J 98 15.98 12.69 32.07
N ASP J 99 16.12 13.10 33.32
CA ASP J 99 14.99 13.04 34.25
C ASP J 99 13.99 14.19 34.09
N GLY J 100 14.30 15.12 33.18
CA GLY J 100 13.39 16.19 32.80
C GLY J 100 13.28 17.37 33.77
N ASP J 101 14.19 17.47 34.70
CA ASP J 101 14.23 18.63 35.64
C ASP J 101 14.62 19.93 34.95
N TYR J 102 15.48 19.84 33.92
CA TYR J 102 16.14 20.99 33.31
C TYR J 102 15.93 20.96 31.80
N TRP J 103 15.35 22.04 31.27
CA TRP J 103 15.09 22.13 29.84
C TRP J 103 15.66 23.43 29.33
N GLY J 104 16.12 23.42 28.08
CA GLY J 104 16.40 24.67 27.43
C GLY J 104 15.09 25.36 27.05
N GLN J 105 15.21 26.59 26.53
CA GLN J 105 14.04 27.39 26.10
C GLN J 105 13.45 26.89 24.79
N GLY J 106 14.25 26.19 24.00
CA GLY J 106 13.77 25.69 22.71
C GLY J 106 14.12 26.68 21.62
N THR J 107 14.35 26.14 20.44
CA THR J 107 14.72 26.92 19.28
C THR J 107 13.99 26.36 18.04
N LEU J 108 13.27 27.24 17.34
CA LEU J 108 12.51 26.88 16.17
C LEU J 108 13.48 26.70 15.00
N VAL J 109 13.43 25.54 14.35
CA VAL J 109 14.17 25.27 13.12
C VAL J 109 13.19 24.95 12.01
N THR J 110 13.28 25.74 10.93
CA THR J 110 12.47 25.57 9.75
C THR J 110 13.37 24.95 8.68
N VAL J 111 12.94 23.81 8.16
CA VAL J 111 13.61 23.20 7.05
C VAL J 111 12.78 23.54 5.81
N SER J 112 13.37 24.30 4.90
CA SER J 112 12.69 24.77 3.70
C SER J 112 13.71 25.24 2.68
N ALA J 113 13.36 25.10 1.39
CA ALA J 113 14.14 25.66 0.32
C ALA J 113 13.72 27.07 -0.03
N ALA J 114 12.68 27.60 0.60
CA ALA J 114 12.12 28.90 0.24
C ALA J 114 13.10 30.03 0.58
N LYS J 115 13.04 31.10 -0.20
CA LYS J 115 13.98 32.21 -0.13
C LYS J 115 13.70 33.11 1.04
N THR J 116 14.77 33.48 1.76
CA THR J 116 14.69 34.46 2.81
C THR J 116 14.27 35.80 2.18
N THR J 117 13.14 36.32 2.66
CA THR J 117 12.52 37.51 2.09
C THR J 117 12.11 38.45 3.21
N PRO J 118 12.49 39.74 3.11
CA PRO J 118 12.09 40.67 4.14
C PRO J 118 10.59 41.02 3.98
N PRO J 119 9.94 41.49 5.06
CA PRO J 119 8.54 41.84 5.02
C PRO J 119 8.32 43.23 4.45
N SER J 120 7.14 43.44 3.88
CA SER J 120 6.64 44.79 3.61
C SER J 120 5.74 45.15 4.81
N VAL J 121 5.94 46.34 5.38
CA VAL J 121 5.19 46.77 6.55
C VAL J 121 4.28 47.91 6.17
N TYR J 122 2.99 47.77 6.48
CA TYR J 122 1.98 48.76 6.14
C TYR J 122 1.20 49.29 7.36
N PRO J 123 1.03 50.61 7.45
CA PRO J 123 0.25 51.19 8.52
C PRO J 123 -1.22 50.94 8.28
N LEU J 124 -1.91 50.58 9.34
CA LEU J 124 -3.34 50.48 9.34
C LEU J 124 -3.85 51.63 10.20
N ALA J 125 -4.44 52.62 9.52
CA ALA J 125 -5.10 53.78 10.13
C ALA J 125 -6.61 53.62 9.93
N PRO J 126 -7.45 54.13 10.86
CA PRO J 126 -8.91 54.11 10.57
C PRO J 126 -9.28 55.08 9.46
N ASN J 133 -15.56 56.94 20.73
CA ASN J 133 -15.11 56.01 21.78
C ASN J 133 -13.84 56.51 22.49
N SER J 134 -13.64 56.08 23.73
CA SER J 134 -12.51 56.52 24.52
C SER J 134 -11.18 55.89 24.08
N MET J 135 -11.28 54.75 23.40
CA MET J 135 -10.14 54.02 22.87
C MET J 135 -10.23 53.93 21.35
N VAL J 136 -9.05 53.86 20.71
CA VAL J 136 -8.94 53.68 19.26
C VAL J 136 -7.98 52.55 18.95
N THR J 137 -8.31 51.74 17.94
CA THR J 137 -7.40 50.66 17.52
C THR J 137 -6.66 51.06 16.23
N LEU J 138 -5.34 50.88 16.25
CA LEU J 138 -4.48 50.98 15.08
C LEU J 138 -3.81 49.65 14.83
N GLY J 139 -3.16 49.52 13.70
CA GLY J 139 -2.40 48.31 13.42
C GLY J 139 -1.30 48.42 12.40
N CYS J 140 -0.60 47.31 12.24
CA CYS J 140 0.46 47.14 11.26
C CYS J 140 0.28 45.80 10.56
N LEU J 141 0.36 45.82 9.23
CA LEU J 141 0.27 44.59 8.46
C LEU J 141 1.68 44.22 8.07
N VAL J 142 2.07 42.98 8.35
CA VAL J 142 3.44 42.55 8.09
C VAL J 142 3.40 41.41 7.11
N LYS J 143 3.75 41.71 5.86
CA LYS J 143 3.37 40.92 4.73
C LYS J 143 4.54 40.45 3.87
N GLY J 144 4.52 39.17 3.51
CA GLY J 144 5.42 38.63 2.48
C GLY J 144 6.84 38.30 2.89
N TYR J 145 7.01 37.80 4.12
CA TYR J 145 8.36 37.50 4.63
C TYR J 145 8.59 36.01 4.79
N PHE J 146 9.87 35.63 4.86
CA PHE J 146 10.25 34.27 5.17
C PHE J 146 11.70 34.29 5.64
N PRO J 147 12.09 33.46 6.60
CA PRO J 147 11.25 32.59 7.39
C PRO J 147 10.76 33.31 8.66
N GLU J 148 10.07 32.60 9.54
CA GLU J 148 9.78 33.07 10.91
C GLU J 148 11.12 33.24 11.68
N PRO J 149 11.22 34.17 12.64
CA PRO J 149 10.12 34.96 13.17
C PRO J 149 10.25 36.43 12.80
N VAL J 150 9.24 37.22 13.15
CA VAL J 150 9.40 38.66 13.19
C VAL J 150 9.01 39.07 14.60
N THR J 151 9.50 40.24 15.01
CA THR J 151 9.04 40.87 16.21
C THR J 151 8.38 42.15 15.83
N VAL J 152 7.29 42.43 16.51
CA VAL J 152 6.59 43.69 16.37
C VAL J 152 6.51 44.31 17.73
N THR J 153 6.83 45.59 17.82
CA THR J 153 6.56 46.37 19.02
C THR J 153 5.93 47.66 18.59
N TRP J 154 5.37 48.37 19.56
CA TRP J 154 4.69 49.64 19.31
C TRP J 154 5.37 50.72 20.13
N ASN J 155 5.71 51.84 19.49
CA ASN J 155 6.44 52.94 20.15
C ASN J 155 7.67 52.46 20.91
N SER J 156 8.40 51.56 20.24
CA SER J 156 9.66 50.96 20.72
C SER J 156 9.54 50.15 22.02
N GLY J 157 8.33 49.74 22.36
CA GLY J 157 8.03 49.05 23.61
C GLY J 157 7.21 49.86 24.60
N SER J 158 7.13 51.19 24.40
CA SER J 158 6.37 52.07 25.33
C SER J 158 4.86 51.78 25.35
N LEU J 159 4.32 51.18 24.29
CA LEU J 159 2.94 50.68 24.28
C LEU J 159 2.98 49.16 24.26
N SER J 160 2.98 48.55 25.45
CA SER J 160 2.85 47.09 25.60
C SER J 160 1.43 46.68 26.04
N SER J 161 0.72 47.59 26.68
CA SER J 161 -0.67 47.36 27.04
C SER J 161 -1.54 47.49 25.78
N GLY J 162 -2.44 46.53 25.61
CA GLY J 162 -3.47 46.59 24.57
C GLY J 162 -2.96 46.27 23.18
N VAL J 163 -1.93 45.41 23.13
CA VAL J 163 -1.34 44.95 21.89
C VAL J 163 -1.78 43.51 21.64
N HIS J 164 -2.14 43.21 20.40
CA HIS J 164 -2.39 41.83 19.99
C HIS J 164 -1.62 41.65 18.73
N THR J 165 -0.59 40.81 18.76
CA THR J 165 0.19 40.45 17.58
C THR J 165 -0.23 39.06 17.19
N PHE J 166 -0.76 38.90 15.98
CA PHE J 166 -1.38 37.64 15.57
C PHE J 166 -0.37 36.63 15.03
N PRO J 167 -0.64 35.31 15.21
CA PRO J 167 0.16 34.28 14.55
C PRO J 167 0.20 34.43 13.04
N ALA J 168 1.39 34.31 12.48
CA ALA J 168 1.55 34.46 11.04
C ALA J 168 0.88 33.31 10.33
N VAL J 169 0.41 33.56 9.10
CA VAL J 169 -0.10 32.50 8.27
C VAL J 169 0.79 32.42 7.07
N LEU J 170 1.12 31.19 6.66
CA LEU J 170 1.95 30.91 5.49
C LEU J 170 1.06 30.66 4.27
N GLN J 171 1.32 31.36 3.18
CA GLN J 171 0.66 31.14 1.88
C GLN J 171 1.74 31.32 0.83
N SER J 172 1.85 30.36 -0.09
CA SER J 172 2.84 30.40 -1.19
C SER J 172 4.25 30.74 -0.71
N ASP J 173 4.70 30.03 0.33
CA ASP J 173 6.03 30.23 0.94
C ASP J 173 6.34 31.64 1.49
N LEU J 174 5.30 32.43 1.81
CA LEU J 174 5.49 33.72 2.48
C LEU J 174 4.52 33.85 3.64
N TYR J 175 5.02 34.41 4.73
CA TYR J 175 4.23 34.66 5.91
C TYR J 175 3.65 36.07 5.89
N THR J 176 2.45 36.17 6.47
CA THR J 176 1.80 37.44 6.74
C THR J 176 1.27 37.37 8.18
N LEU J 177 1.42 38.46 8.90
CA LEU J 177 0.79 38.62 10.18
C LEU J 177 0.40 40.07 10.31
N SER J 178 -0.44 40.35 11.31
CA SER J 178 -0.80 41.73 11.65
C SER J 178 -0.68 41.91 13.16
N SER J 179 -0.56 43.16 13.58
CA SER J 179 -0.52 43.52 14.97
C SER J 179 -1.45 44.70 15.16
N SER J 180 -2.29 44.63 16.19
CA SER J 180 -3.13 45.75 16.57
C SER J 180 -2.67 46.32 17.91
N VAL J 181 -2.85 47.63 18.06
CA VAL J 181 -2.64 48.32 19.31
C VAL J 181 -3.84 49.22 19.58
N THR J 182 -4.25 49.26 20.84
CA THR J 182 -5.39 50.05 21.23
C THR J 182 -4.88 51.09 22.21
N VAL J 183 -5.16 52.35 21.92
CA VAL J 183 -4.66 53.46 22.71
C VAL J 183 -5.77 54.46 22.97
N PRO J 184 -5.62 55.31 23.99
CA PRO J 184 -6.66 56.30 24.24
C PRO J 184 -6.88 57.21 23.04
N SER J 185 -8.13 57.53 22.75
CA SER J 185 -8.45 58.45 21.64
C SER J 185 -7.83 59.84 21.80
N SER J 186 -7.57 60.26 23.04
CA SER J 186 -6.86 61.52 23.26
C SER J 186 -5.36 61.42 22.89
N THR J 187 -4.78 60.21 22.92
CA THR J 187 -3.36 59.96 22.55
C THR J 187 -3.08 60.01 21.03
N TRP J 188 -4.03 59.62 20.20
CA TRP J 188 -3.81 59.57 18.75
C TRP J 188 -5.06 60.16 18.12
N PRO J 189 -4.95 61.07 17.16
CA PRO J 189 -3.71 61.40 16.40
C PRO J 189 -2.70 62.41 16.99
N SER J 190 -2.97 62.98 18.18
CA SER J 190 -2.13 64.07 18.72
C SER J 190 -0.69 63.64 19.07
N GLU J 191 -0.51 62.42 19.56
CA GLU J 191 0.84 61.81 19.74
C GLU J 191 1.03 60.82 18.60
N THR J 192 2.29 60.53 18.29
CA THR J 192 2.62 59.66 17.17
C THR J 192 2.76 58.20 17.62
N VAL J 193 2.04 57.31 16.97
CA VAL J 193 2.10 55.87 17.22
C VAL J 193 2.81 55.23 16.03
N THR J 194 3.79 54.36 16.34
CA THR J 194 4.66 53.74 15.36
C THR J 194 4.87 52.28 15.69
N CYS J 195 4.69 51.39 14.73
CA CYS J 195 5.05 49.99 14.92
C CYS J 195 6.46 49.74 14.45
N ASN J 196 7.20 48.96 15.22
CA ASN J 196 8.60 48.66 14.92
C ASN J 196 8.65 47.18 14.61
N VAL J 197 9.04 46.85 13.38
CA VAL J 197 9.05 45.48 12.91
C VAL J 197 10.49 45.15 12.65
N ALA J 198 10.93 43.99 13.12
CA ALA J 198 12.27 43.48 12.85
C ALA J 198 12.13 42.07 12.27
N HIS J 199 12.91 41.79 11.23
CA HIS J 199 13.00 40.44 10.65
C HIS J 199 14.49 40.05 10.65
N PRO J 200 14.92 39.30 11.68
CA PRO J 200 16.37 39.07 11.86
C PRO J 200 17.05 38.32 10.70
N ALA J 201 16.36 37.32 10.13
CA ALA J 201 16.89 36.54 9.00
C ALA J 201 17.31 37.38 7.78
N SER J 202 16.62 38.50 7.55
CA SER J 202 16.95 39.42 6.48
C SER J 202 17.54 40.73 7.01
N SER J 203 17.94 40.75 8.29
CA SER J 203 18.49 41.95 8.97
C SER J 203 17.72 43.24 8.67
N THR J 204 16.39 43.16 8.59
CA THR J 204 15.58 44.33 8.30
C THR J 204 14.90 44.81 9.57
N LYS J 205 14.89 46.12 9.72
CA LYS J 205 14.11 46.80 10.73
C LYS J 205 13.41 47.97 10.08
N VAL J 206 12.09 48.03 10.24
CA VAL J 206 11.27 49.09 9.68
C VAL J 206 10.44 49.70 10.80
N ASP J 207 10.41 51.03 10.82
CA ASP J 207 9.49 51.78 11.64
C ASP J 207 8.45 52.35 10.69
N LYS J 208 7.18 52.24 11.06
CA LYS J 208 6.07 52.72 10.26
C LYS J 208 5.13 53.52 11.16
N LYS J 209 5.10 54.82 10.92
CA LYS J 209 4.22 55.75 11.60
C LYS J 209 2.79 55.58 11.09
N ILE J 210 1.84 55.49 12.01
CA ILE J 210 0.43 55.37 11.65
C ILE J 210 -0.11 56.79 11.53
N VAL J 211 -0.22 57.28 10.30
CA VAL J 211 -0.78 58.60 9.98
C VAL J 211 -2.26 58.44 9.59
N PRO J 212 -3.15 59.37 10.00
CA PRO J 212 -4.52 59.33 9.48
C PRO J 212 -4.64 59.99 8.10
N ASP K 1 5.98 0.92 19.29
CA ASP K 1 6.20 1.93 20.33
C ASP K 1 4.98 1.94 21.19
N ILE K 2 5.14 2.38 22.44
CA ILE K 2 4.01 2.58 23.33
C ILE K 2 3.27 3.84 22.94
N VAL K 3 1.96 3.71 22.77
CA VAL K 3 1.08 4.81 22.44
C VAL K 3 0.41 5.25 23.74
N LEU K 4 0.51 6.53 24.04
CA LEU K 4 -0.21 7.15 25.16
C LEU K 4 -1.32 7.99 24.56
N THR K 5 -2.55 7.74 25.03
CA THR K 5 -3.73 8.44 24.56
C THR K 5 -4.25 9.29 25.72
N GLN K 6 -4.32 10.60 25.50
CA GLN K 6 -4.74 11.52 26.53
C GLN K 6 -6.15 11.95 26.26
N SER K 7 -6.93 12.08 27.33
CA SER K 7 -8.31 12.58 27.23
C SER K 7 -8.69 13.47 28.43
N PRO K 8 -9.61 14.40 28.25
CA PRO K 8 -10.14 14.83 26.96
C PRO K 8 -9.08 15.58 26.16
N ALA K 9 -9.37 15.89 24.90
CA ALA K 9 -8.42 16.66 24.09
C ALA K 9 -8.35 18.09 24.60
N THR K 10 -9.51 18.61 25.03
CA THR K 10 -9.62 19.96 25.54
C THR K 10 -10.44 20.00 26.81
N LEU K 11 -10.06 20.90 27.71
CA LEU K 11 -10.79 21.18 28.95
C LEU K 11 -11.03 22.66 29.02
N SER K 12 -12.21 23.06 29.42
CA SER K 12 -12.50 24.44 29.72
C SER K 12 -12.87 24.50 31.22
N VAL K 13 -12.11 25.27 32.00
CA VAL K 13 -12.24 25.22 33.47
C VAL K 13 -12.44 26.59 34.08
N THR K 14 -13.44 26.74 34.94
CA THR K 14 -13.59 27.95 35.74
C THR K 14 -12.56 27.96 36.89
N PRO K 15 -11.82 29.08 37.08
CA PRO K 15 -10.83 29.11 38.17
C PRO K 15 -11.45 28.81 39.52
N GLY K 16 -10.80 27.93 40.30
CA GLY K 16 -11.31 27.48 41.60
C GLY K 16 -11.85 26.06 41.56
N ASN K 17 -12.24 25.60 40.36
CA ASN K 17 -12.61 24.20 40.12
C ASN K 17 -11.41 23.26 39.94
N SER K 18 -11.66 21.97 40.15
CA SER K 18 -10.68 20.92 40.02
C SER K 18 -10.90 20.15 38.71
N VAL K 19 -9.82 19.64 38.12
CA VAL K 19 -9.92 18.78 36.90
C VAL K 19 -9.13 17.49 37.03
N SER K 20 -9.47 16.54 36.17
CA SER K 20 -8.75 15.25 36.04
C SER K 20 -8.39 15.08 34.57
N LEU K 21 -7.12 14.81 34.34
CA LEU K 21 -6.60 14.57 33.00
C LEU K 21 -6.15 13.12 32.94
N SER K 22 -6.56 12.43 31.88
CA SER K 22 -6.35 11.02 31.76
C SER K 22 -5.22 10.70 30.73
N CYS K 23 -4.42 9.69 31.04
CA CYS K 23 -3.42 9.19 30.10
C CYS K 23 -3.46 7.66 30.15
N ARG K 24 -3.78 7.04 29.02
CA ARG K 24 -3.86 5.58 28.89
C ARG K 24 -2.74 5.03 27.99
N ALA K 25 -2.03 4.03 28.47
CA ALA K 25 -0.96 3.42 27.70
C ALA K 25 -1.45 2.16 26.96
N SER K 26 -0.81 1.86 25.83
CA SER K 26 -1.19 0.72 24.98
C SER K 26 -0.63 -0.60 25.51
N GLN K 27 0.34 -0.51 26.41
CA GLN K 27 0.82 -1.65 27.20
C GLN K 27 1.02 -1.13 28.59
N SER K 28 1.16 -2.06 29.53
CA SER K 28 1.47 -1.72 30.92
C SER K 28 2.86 -1.09 31.02
N ILE K 29 2.93 0.03 31.72
CA ILE K 29 4.19 0.75 31.93
C ILE K 29 4.50 0.95 33.42
N GLY K 30 3.89 0.12 34.29
CA GLY K 30 4.10 0.20 35.73
C GLY K 30 3.73 1.57 36.30
N ASN K 31 4.74 2.24 36.88
CA ASN K 31 4.67 3.62 37.40
C ASN K 31 5.49 4.59 36.54
N ASN K 32 5.85 4.17 35.31
CA ASN K 32 6.86 4.87 34.54
C ASN K 32 6.26 5.92 33.58
N LEU K 33 5.54 6.87 34.17
CA LEU K 33 4.69 7.84 33.50
C LEU K 33 4.93 9.16 34.22
N HIS K 34 5.16 10.20 33.44
CA HIS K 34 5.58 11.51 33.91
C HIS K 34 4.68 12.52 33.27
N TRP K 35 4.45 13.61 33.98
CA TRP K 35 3.52 14.61 33.54
C TRP K 35 4.20 15.91 33.39
N TYR K 36 3.91 16.57 32.27
CA TYR K 36 4.46 17.87 31.93
C TYR K 36 3.42 18.91 31.67
N GLN K 37 3.75 20.13 32.07
CA GLN K 37 3.02 21.32 31.66
C GLN K 37 3.83 22.06 30.63
N GLN K 38 3.19 22.49 29.55
CA GLN K 38 3.84 23.40 28.61
C GLN K 38 2.96 24.61 28.29
N LYS K 39 3.38 25.79 28.74
CA LYS K 39 2.67 27.03 28.46
C LYS K 39 3.14 27.63 27.16
N SER K 40 2.31 28.53 26.60
CA SER K 40 2.55 29.17 25.32
C SER K 40 3.93 29.80 25.30
N HIS K 41 4.72 29.46 24.29
CA HIS K 41 6.07 30.04 24.11
C HIS K 41 7.13 29.61 25.14
N GLU K 42 6.84 28.62 25.99
CA GLU K 42 7.77 28.17 27.04
C GLU K 42 8.16 26.72 26.86
N SER K 43 9.14 26.30 27.64
CA SER K 43 9.55 24.91 27.63
C SER K 43 8.63 24.03 28.45
N PRO K 44 8.62 22.72 28.19
CA PRO K 44 7.87 21.84 29.11
C PRO K 44 8.44 21.89 30.54
N ARG K 45 7.55 21.75 31.51
N ARG K 45 7.55 21.83 31.52
CA ARG K 45 7.92 21.80 32.91
CA ARG K 45 7.93 21.83 32.94
C ARG K 45 7.37 20.56 33.59
C ARG K 45 7.38 20.56 33.58
N LEU K 46 8.25 19.80 34.21
CA LEU K 46 7.91 18.49 34.81
C LEU K 46 7.09 18.72 36.10
N LEU K 47 5.90 18.14 36.16
CA LEU K 47 4.96 18.28 37.32
C LEU K 47 4.95 17.15 38.33
N ILE K 48 4.97 15.93 37.80
CA ILE K 48 4.92 14.69 38.54
C ILE K 48 5.83 13.69 37.82
N LYS K 49 6.63 12.95 38.58
CA LYS K 49 7.40 11.86 38.02
C LYS K 49 6.94 10.55 38.64
N TYR K 50 7.17 9.48 37.89
CA TYR K 50 6.84 8.13 38.29
C TYR K 50 5.41 8.01 38.83
N ALA K 51 4.47 8.51 38.04
CA ALA K 51 3.01 8.43 38.25
C ALA K 51 2.47 9.33 39.36
N SER K 52 3.15 9.34 40.50
CA SER K 52 2.70 10.06 41.66
C SER K 52 3.74 10.77 42.55
N GLN K 53 5.03 10.74 42.20
N GLN K 53 5.03 10.72 42.20
CA GLN K 53 6.04 11.38 43.05
CA GLN K 53 6.06 11.33 43.07
C GLN K 53 6.01 12.88 42.78
C GLN K 53 6.08 12.85 42.78
N SER K 54 6.09 13.65 43.85
CA SER K 54 6.01 15.11 43.75
C SER K 54 7.36 15.69 43.39
N ILE K 55 7.35 16.87 42.79
CA ILE K 55 8.56 17.53 42.28
C ILE K 55 8.68 18.80 43.10
N SER K 56 9.89 19.04 43.58
CA SER K 56 10.13 20.20 44.42
C SER K 56 9.78 21.49 43.66
N GLY K 57 9.03 22.36 44.31
CA GLY K 57 8.63 23.63 43.72
C GLY K 57 7.30 23.63 42.96
N ILE K 58 6.76 22.47 42.68
CA ILE K 58 5.45 22.37 42.02
C ILE K 58 4.39 22.45 43.12
N PRO K 59 3.41 23.36 42.98
CA PRO K 59 2.30 23.43 43.99
C PRO K 59 1.66 22.06 44.29
N SER K 60 1.29 21.84 45.58
CA SER K 60 0.70 20.59 46.02
C SER K 60 -0.68 20.33 45.36
N ARG K 61 -1.31 21.36 44.81
CA ARG K 61 -2.54 21.16 44.09
C ARG K 61 -2.41 20.32 42.80
N PHE K 62 -1.19 20.16 42.27
CA PHE K 62 -0.92 19.12 41.24
C PHE K 62 -0.63 17.78 41.92
N SER K 63 -1.31 16.74 41.50
CA SER K 63 -0.99 15.38 41.93
C SER K 63 -1.28 14.36 40.84
N GLY K 64 -0.67 13.20 40.98
CA GLY K 64 -0.80 12.16 39.98
C GLY K 64 -1.13 10.85 40.64
N SER K 65 -1.90 10.02 39.94
CA SER K 65 -2.21 8.67 40.39
C SER K 65 -2.30 7.73 39.20
N GLY K 66 -2.30 6.45 39.52
CA GLY K 66 -2.44 5.41 38.55
C GLY K 66 -1.27 4.47 38.50
N SER K 67 -1.44 3.47 37.64
CA SER K 67 -0.48 2.40 37.46
C SER K 67 -0.88 1.59 36.23
N GLY K 68 0.07 0.83 35.70
CA GLY K 68 -0.22 -0.09 34.59
C GLY K 68 -0.52 0.60 33.28
N THR K 69 -1.79 0.66 32.92
CA THR K 69 -2.20 1.34 31.70
C THR K 69 -2.98 2.62 31.91
N ASP K 70 -3.36 2.95 33.13
CA ASP K 70 -4.31 4.03 33.37
C ASP K 70 -3.75 5.02 34.40
N PHE K 71 -3.61 6.27 34.00
CA PHE K 71 -2.98 7.32 34.81
C PHE K 71 -3.83 8.56 34.81
N THR K 72 -3.76 9.33 35.89
CA THR K 72 -4.51 10.56 36.02
C THR K 72 -3.70 11.66 36.64
N LEU K 73 -3.69 12.84 36.03
CA LEU K 73 -3.20 14.06 36.67
C LEU K 73 -4.40 14.81 37.19
N SER K 74 -4.36 15.14 38.49
CA SER K 74 -5.41 15.91 39.13
C SER K 74 -4.88 17.28 39.46
N ILE K 75 -5.62 18.30 39.04
CA ILE K 75 -5.32 19.67 39.41
C ILE K 75 -6.46 20.19 40.29
N ASN K 76 -6.18 20.46 41.57
CA ASN K 76 -7.16 21.08 42.43
C ASN K 76 -7.06 22.60 42.29
N SER K 77 -8.18 23.28 42.59
CA SER K 77 -8.35 24.73 42.50
C SER K 77 -7.48 25.38 41.41
N VAL K 78 -7.90 25.11 40.18
CA VAL K 78 -7.24 25.58 38.99
C VAL K 78 -7.19 27.10 39.08
N GLU K 79 -6.04 27.66 38.69
CA GLU K 79 -5.82 29.09 38.63
C GLU K 79 -5.62 29.46 37.17
N THR K 80 -5.81 30.73 36.81
N THR K 80 -5.79 30.73 36.86
CA THR K 80 -5.63 31.16 35.42
CA THR K 80 -5.65 31.24 35.50
C THR K 80 -4.24 30.85 34.92
C THR K 80 -4.26 30.94 34.94
N GLU K 81 -3.25 30.94 35.79
CA GLU K 81 -1.87 30.60 35.41
C GLU K 81 -1.66 29.16 34.91
N ASP K 82 -2.60 28.25 35.18
CA ASP K 82 -2.46 26.87 34.75
C ASP K 82 -2.82 26.59 33.28
N PHE K 83 -3.29 27.58 32.54
CA PHE K 83 -3.69 27.32 31.15
C PHE K 83 -2.49 26.99 30.28
N GLY K 84 -2.66 26.06 29.35
CA GLY K 84 -1.57 25.53 28.54
C GLY K 84 -1.80 24.06 28.22
N MET K 85 -0.75 23.40 27.76
CA MET K 85 -0.80 22.00 27.37
C MET K 85 -0.30 21.12 28.47
N TYR K 86 -0.89 19.93 28.59
CA TYR K 86 -0.48 18.94 29.56
C TYR K 86 -0.20 17.66 28.79
N PHE K 87 1.02 17.17 28.87
CA PHE K 87 1.44 15.93 28.24
C PHE K 87 1.85 14.92 29.26
N CYS K 88 1.58 13.66 28.95
CA CYS K 88 2.18 12.57 29.69
C CYS K 88 3.34 12.01 28.85
N GLN K 89 4.32 11.41 29.52
CA GLN K 89 5.46 10.76 28.86
C GLN K 89 5.79 9.47 29.58
N GLN K 90 5.97 8.39 28.81
CA GLN K 90 6.39 7.13 29.39
C GLN K 90 7.92 6.97 29.24
N SER K 91 8.54 6.40 30.27
CA SER K 91 9.95 6.01 30.27
C SER K 91 10.20 4.50 30.47
N ASN K 92 9.11 3.72 30.48
CA ASN K 92 9.20 2.26 30.54
C ASN K 92 10.01 1.62 29.41
N SER K 93 9.80 2.06 28.19
CA SER K 93 10.39 1.39 27.01
C SER K 93 10.96 2.41 26.04
N TRP K 94 12.10 2.07 25.43
CA TRP K 94 12.70 2.88 24.40
C TRP K 94 12.02 2.54 23.06
N PRO K 95 11.58 3.51 22.27
CA PRO K 95 11.73 4.96 22.49
C PRO K 95 10.72 5.49 23.46
N TYR K 96 11.12 6.48 24.27
CA TYR K 96 10.20 7.18 25.12
C TYR K 96 9.21 7.87 24.22
N THR K 97 7.98 7.94 24.68
CA THR K 97 6.92 8.51 23.92
C THR K 97 6.05 9.40 24.78
N PHE K 98 5.39 10.33 24.09
CA PHE K 98 4.52 11.29 24.70
C PHE K 98 3.11 11.07 24.23
N GLY K 99 2.14 11.40 25.11
CA GLY K 99 0.76 11.53 24.68
C GLY K 99 0.52 12.75 23.81
N GLY K 100 -0.67 12.85 23.22
CA GLY K 100 -0.98 13.91 22.28
C GLY K 100 -1.35 15.22 22.92
N GLY K 101 -1.44 15.24 24.25
CA GLY K 101 -1.66 16.47 25.00
C GLY K 101 -3.13 16.71 25.27
N THR K 102 -3.43 17.32 26.42
CA THR K 102 -4.74 17.87 26.72
C THR K 102 -4.51 19.38 26.82
N LYS K 103 -5.34 20.18 26.15
CA LYS K 103 -5.29 21.64 26.28
C LYS K 103 -6.23 22.07 27.43
N LEU K 104 -5.71 22.83 28.36
CA LEU K 104 -6.51 23.38 29.45
C LEU K 104 -6.72 24.86 29.18
N GLU K 105 -7.97 25.25 28.91
N GLU K 105 -7.97 25.25 29.00
CA GLU K 105 -8.37 26.69 28.75
CA GLU K 105 -8.35 26.64 28.74
C GLU K 105 -9.16 27.12 29.97
C GLU K 105 -9.20 27.12 29.93
N ILE K 106 -9.22 28.42 30.18
CA ILE K 106 -9.93 29.03 31.28
C ILE K 106 -11.31 29.47 30.81
N LYS K 107 -12.31 29.11 31.58
CA LYS K 107 -13.67 29.59 31.33
C LYS K 107 -13.86 30.93 32.02
N ARG K 108 -14.63 31.79 31.37
CA ARG K 108 -14.99 33.09 31.89
C ARG K 108 -16.34 33.49 31.28
N ALA K 109 -16.80 34.69 31.62
CA ALA K 109 -18.08 35.21 31.10
C ALA K 109 -17.95 35.59 29.62
N ASP K 110 -19.06 35.58 28.88
CA ASP K 110 -19.09 36.01 27.48
C ASP K 110 -18.61 37.44 27.28
N ALA K 111 -17.94 37.68 26.17
CA ALA K 111 -17.46 39.03 25.86
C ALA K 111 -17.58 39.26 24.38
N ALA K 112 -18.21 40.37 24.01
CA ALA K 112 -18.39 40.72 22.61
C ALA K 112 -17.07 41.20 22.06
N PRO K 113 -16.80 40.91 20.79
CA PRO K 113 -15.59 41.48 20.22
C PRO K 113 -15.67 42.99 19.99
N THR K 114 -14.51 43.63 20.10
CA THR K 114 -14.29 45.00 19.63
C THR K 114 -13.74 44.99 18.21
N VAL K 115 -14.54 45.45 17.25
CA VAL K 115 -14.25 45.29 15.83
C VAL K 115 -13.76 46.61 15.23
N SER K 116 -12.70 46.53 14.42
CA SER K 116 -12.14 47.68 13.73
C SER K 116 -11.78 47.28 12.30
N ILE K 117 -12.01 48.15 11.31
CA ILE K 117 -11.67 47.84 9.90
C ILE K 117 -10.64 48.83 9.36
N PHE K 118 -9.75 48.37 8.49
CA PHE K 118 -8.68 49.22 7.99
C PHE K 118 -8.49 49.09 6.49
N PRO K 119 -8.47 50.21 5.76
CA PRO K 119 -8.23 50.13 4.32
C PRO K 119 -6.76 49.94 4.00
N PRO K 120 -6.44 49.58 2.73
CA PRO K 120 -5.04 49.50 2.34
C PRO K 120 -4.29 50.85 2.49
N SER K 121 -3.03 50.80 2.86
CA SER K 121 -2.22 52.02 2.92
C SER K 121 -1.88 52.54 1.51
N SER K 122 -1.84 53.87 1.39
CA SER K 122 -1.23 54.54 0.25
C SER K 122 0.03 53.81 -0.21
N GLU K 123 0.93 53.48 0.75
CA GLU K 123 2.20 52.83 0.41
C GLU K 123 2.06 51.38 -0.13
N GLN K 124 1.00 50.64 0.26
CA GLN K 124 0.75 49.33 -0.34
C GLN K 124 0.26 49.47 -1.77
N LEU K 125 -0.66 50.40 -2.02
CA LEU K 125 -1.26 50.54 -3.35
C LEU K 125 -0.22 50.92 -4.38
N THR K 126 0.79 51.70 -3.99
CA THR K 126 1.94 52.00 -4.86
C THR K 126 2.60 50.72 -5.39
N SER K 127 2.78 49.73 -4.54
CA SER K 127 3.33 48.42 -4.93
C SER K 127 2.35 47.52 -5.72
N GLY K 128 1.11 47.98 -5.96
CA GLY K 128 0.13 47.23 -6.76
C GLY K 128 -0.72 46.21 -5.99
N GLY K 129 -0.72 46.32 -4.67
CA GLY K 129 -1.50 45.42 -3.81
C GLY K 129 -2.47 46.22 -2.94
N ALA K 130 -3.52 45.53 -2.47
CA ALA K 130 -4.56 46.13 -1.64
C ALA K 130 -5.08 45.12 -0.62
N SER K 131 -4.68 45.29 0.64
CA SER K 131 -5.09 44.44 1.73
C SER K 131 -6.00 45.25 2.65
N VAL K 132 -7.13 44.64 3.02
CA VAL K 132 -8.09 45.23 3.91
C VAL K 132 -8.14 44.35 5.16
N VAL K 133 -7.98 44.97 6.34
CA VAL K 133 -7.79 44.23 7.58
C VAL K 133 -8.91 44.50 8.57
N CYS K 134 -9.38 43.45 9.22
CA CYS K 134 -10.36 43.55 10.28
C CYS K 134 -9.85 42.89 11.55
N PHE K 135 -9.90 43.60 12.67
CA PHE K 135 -9.59 43.01 13.99
C PHE K 135 -10.84 42.80 14.81
N LEU K 136 -10.97 41.59 15.34
CA LEU K 136 -12.01 41.26 16.31
C LEU K 136 -11.30 40.93 17.62
N ASN K 137 -11.29 41.88 18.55
CA ASN K 137 -10.43 41.78 19.73
C ASN K 137 -11.18 41.55 21.02
N ASN K 138 -10.60 40.69 21.86
CA ASN K 138 -11.02 40.49 23.26
C ASN K 138 -12.44 39.94 23.44
N PHE K 139 -12.70 38.80 22.83
CA PHE K 139 -13.99 38.13 22.94
C PHE K 139 -13.87 36.76 23.63
N TYR K 140 -15.01 36.24 24.05
CA TYR K 140 -15.13 34.93 24.64
C TYR K 140 -16.58 34.51 24.45
N PRO K 141 -16.88 33.26 24.10
CA PRO K 141 -15.94 32.18 23.85
C PRO K 141 -15.20 32.30 22.49
N LYS K 142 -14.30 31.36 22.25
CA LYS K 142 -13.37 31.35 21.10
C LYS K 142 -14.05 31.31 19.71
N ASP K 143 -15.24 30.73 19.64
CA ASP K 143 -16.02 30.65 18.38
C ASP K 143 -16.43 32.01 17.79
N ILE K 144 -16.19 32.23 16.48
CA ILE K 144 -16.62 33.48 15.84
C ILE K 144 -16.65 33.38 14.31
N ASN K 145 -17.53 34.14 13.68
CA ASN K 145 -17.63 34.19 12.21
C ASN K 145 -17.33 35.59 11.74
N VAL K 146 -16.78 35.70 10.54
CA VAL K 146 -16.40 37.00 9.97
C VAL K 146 -16.68 36.97 8.48
N LYS K 147 -17.43 37.94 7.98
CA LYS K 147 -17.81 37.97 6.58
C LYS K 147 -17.36 39.29 5.99
N TRP K 148 -16.67 39.21 4.87
CA TRP K 148 -16.33 40.38 4.07
C TRP K 148 -17.39 40.64 3.02
N LYS K 149 -17.69 41.92 2.78
CA LYS K 149 -18.58 42.33 1.71
C LYS K 149 -17.96 43.45 0.88
N ILE K 150 -18.09 43.34 -0.43
CA ILE K 150 -17.58 44.32 -1.37
C ILE K 150 -18.79 44.85 -2.12
N ASP K 151 -19.15 46.11 -1.83
CA ASP K 151 -20.45 46.70 -2.26
C ASP K 151 -21.62 45.79 -1.91
N GLY K 152 -21.67 45.26 -0.68
CA GLY K 152 -22.77 44.36 -0.26
C GLY K 152 -22.65 42.87 -0.65
N SER K 153 -21.71 42.54 -1.55
CA SER K 153 -21.64 41.18 -2.13
C SER K 153 -20.58 40.43 -1.35
N GLU K 154 -20.99 39.34 -0.67
CA GLU K 154 -20.08 38.47 0.07
C GLU K 154 -18.82 38.08 -0.74
N ARG K 155 -17.68 38.09 -0.07
CA ARG K 155 -16.41 37.82 -0.74
C ARG K 155 -15.62 36.84 0.10
N GLN K 156 -15.40 35.63 -0.44
CA GLN K 156 -14.65 34.58 0.28
C GLN K 156 -13.26 34.34 -0.30
N ASN K 157 -13.06 34.41 -1.62
CA ASN K 157 -11.68 34.35 -2.18
C ASN K 157 -10.75 35.48 -1.61
N GLY K 158 -9.56 35.10 -1.08
CA GLY K 158 -8.51 36.06 -0.63
C GLY K 158 -8.53 36.46 0.86
N VAL K 159 -9.23 35.67 1.70
CA VAL K 159 -9.44 35.93 3.14
C VAL K 159 -8.78 34.89 4.10
N LEU K 160 -7.77 35.34 4.86
CA LEU K 160 -7.08 34.52 5.86
C LEU K 160 -7.31 35.00 7.30
N ASN K 161 -7.70 34.07 8.16
CA ASN K 161 -7.95 34.35 9.57
C ASN K 161 -6.74 33.87 10.47
N SER K 162 -6.71 34.34 11.71
CA SER K 162 -5.62 34.02 12.65
C SER K 162 -6.07 34.42 14.07
N TRP K 163 -6.08 33.47 15.00
CA TRP K 163 -6.51 33.67 16.39
C TRP K 163 -5.30 33.79 17.30
N THR K 164 -5.41 34.61 18.33
CA THR K 164 -4.40 34.57 19.39
C THR K 164 -4.68 33.36 20.26
N ASP K 165 -3.71 32.99 21.07
CA ASP K 165 -3.94 32.12 22.21
C ASP K 165 -4.75 32.88 23.23
N GLN K 166 -5.25 32.17 24.23
CA GLN K 166 -6.06 32.80 25.27
C GLN K 166 -5.17 33.80 26.01
N ASP K 167 -5.68 35.00 26.23
CA ASP K 167 -4.95 36.04 26.95
C ASP K 167 -4.70 35.67 28.42
N SER K 168 -3.47 35.89 28.89
CA SER K 168 -3.11 35.57 30.29
C SER K 168 -3.75 36.45 31.36
N LYS K 169 -4.08 37.69 31.03
CA LYS K 169 -4.67 38.62 31.99
C LYS K 169 -6.20 38.54 32.03
N ASP K 170 -6.84 38.52 30.85
CA ASP K 170 -8.33 38.53 30.80
C ASP K 170 -9.01 37.26 30.25
N SER K 171 -8.23 36.28 29.78
CA SER K 171 -8.74 35.00 29.29
C SER K 171 -9.63 35.10 28.02
N THR K 172 -9.52 36.21 27.29
CA THR K 172 -10.25 36.39 26.04
C THR K 172 -9.38 35.92 24.89
N TYR K 173 -10.01 35.80 23.74
CA TYR K 173 -9.36 35.53 22.47
C TYR K 173 -9.48 36.74 21.58
N SER K 174 -8.59 36.84 20.61
CA SER K 174 -8.76 37.82 19.53
C SER K 174 -8.49 37.18 18.19
N MET K 175 -8.98 37.82 17.13
CA MET K 175 -8.67 37.38 15.76
C MET K 175 -8.51 38.50 14.74
N SER K 176 -7.79 38.18 13.67
CA SER K 176 -7.58 39.09 12.58
C SER K 176 -8.10 38.40 11.34
N SER K 177 -8.72 39.18 10.46
CA SER K 177 -9.11 38.76 9.11
C SER K 177 -8.52 39.74 8.10
N THR K 178 -7.88 39.20 7.07
CA THR K 178 -7.19 40.03 6.07
C THR K 178 -7.70 39.66 4.68
N LEU K 179 -8.38 40.60 4.02
CA LEU K 179 -8.85 40.44 2.63
C LEU K 179 -7.81 41.01 1.72
N THR K 180 -7.20 40.19 0.87
CA THR K 180 -6.12 40.68 0.03
C THR K 180 -6.55 40.58 -1.45
N LEU K 181 -6.42 41.70 -2.16
CA LEU K 181 -6.80 41.86 -3.57
C LEU K 181 -5.70 42.66 -4.27
N THR K 182 -5.72 42.69 -5.61
CA THR K 182 -4.88 43.64 -6.34
C THR K 182 -5.46 45.08 -6.24
N LYS K 183 -4.57 46.05 -6.43
CA LYS K 183 -4.90 47.49 -6.43
C LYS K 183 -6.01 47.80 -7.40
N ASP K 184 -5.90 47.24 -8.60
CA ASP K 184 -6.90 47.47 -9.62
C ASP K 184 -8.28 46.92 -9.26
N GLU K 185 -8.32 45.70 -8.73
CA GLU K 185 -9.59 45.10 -8.29
C GLU K 185 -10.14 45.97 -7.19
N TYR K 186 -9.27 46.41 -6.29
CA TYR K 186 -9.67 47.29 -5.19
C TYR K 186 -10.30 48.62 -5.68
N GLU K 187 -9.65 49.27 -6.65
CA GLU K 187 -10.10 50.58 -7.15
C GLU K 187 -11.30 50.52 -8.08
N ARG K 188 -11.75 49.31 -8.37
CA ARG K 188 -12.95 49.04 -9.18
C ARG K 188 -14.17 48.66 -8.28
N HIS K 189 -14.07 48.81 -6.96
CA HIS K 189 -15.26 48.77 -6.08
C HIS K 189 -15.20 49.87 -5.02
N ASN K 190 -16.34 50.09 -4.38
CA ASN K 190 -16.52 51.28 -3.53
C ASN K 190 -16.53 50.97 -2.05
N SER K 191 -17.55 50.25 -1.59
CA SER K 191 -17.73 49.94 -0.15
C SER K 191 -16.99 48.64 0.27
N TYR K 192 -16.27 48.64 1.40
CA TYR K 192 -15.67 47.39 1.96
C TYR K 192 -16.15 47.23 3.39
N THR K 193 -16.80 46.10 3.66
CA THR K 193 -17.39 45.82 4.98
C THR K 193 -16.79 44.58 5.60
N CYS K 194 -16.44 44.67 6.88
CA CYS K 194 -16.14 43.51 7.71
C CYS K 194 -17.29 43.42 8.70
N GLU K 195 -17.91 42.25 8.78
CA GLU K 195 -18.98 42.05 9.75
C GLU K 195 -18.69 40.84 10.60
N ALA K 196 -18.77 41.03 11.90
CA ALA K 196 -18.44 40.01 12.88
C ALA K 196 -19.71 39.53 13.52
N THR K 197 -19.93 38.22 13.47
CA THR K 197 -21.07 37.61 14.15
C THR K 197 -20.54 36.73 15.26
N HIS K 198 -21.04 36.98 16.46
CA HIS K 198 -20.58 36.32 17.67
C HIS K 198 -21.83 36.06 18.51
N LYS K 199 -21.79 35.01 19.33
CA LYS K 199 -22.96 34.59 20.11
C LYS K 199 -23.50 35.66 21.09
N THR K 200 -22.66 36.66 21.41
CA THR K 200 -23.05 37.81 22.23
C THR K 200 -24.11 38.77 21.61
N SER K 201 -24.37 38.66 20.30
CA SER K 201 -25.42 39.47 19.64
C SER K 201 -25.92 38.79 18.35
N THR K 202 -27.25 38.73 18.20
CA THR K 202 -27.88 38.24 16.97
C THR K 202 -27.71 39.23 15.80
N SER K 203 -27.25 40.45 16.12
CA SER K 203 -26.87 41.46 15.14
C SER K 203 -25.37 41.36 14.84
N PRO K 204 -25.00 41.27 13.54
CA PRO K 204 -23.56 41.39 13.24
C PRO K 204 -23.03 42.79 13.65
N ILE K 205 -21.82 42.84 14.16
CA ILE K 205 -21.10 44.09 14.31
C ILE K 205 -20.45 44.44 12.96
N VAL K 206 -20.82 45.59 12.42
CA VAL K 206 -20.47 45.92 11.06
C VAL K 206 -19.55 47.12 11.03
N LYS K 207 -18.44 47.00 10.33
CA LYS K 207 -17.58 48.12 10.14
C LYS K 207 -17.28 48.24 8.67
N SER K 208 -17.41 49.46 8.15
CA SER K 208 -17.28 49.68 6.71
C SER K 208 -16.47 50.93 6.42
N PHE K 209 -15.84 50.99 5.26
CA PHE K 209 -15.42 52.27 4.71
C PHE K 209 -15.83 52.30 3.26
N ASN K 210 -16.02 53.49 2.70
CA ASN K 210 -16.07 53.68 1.26
C ASN K 210 -14.75 54.23 0.77
N ARG K 211 -14.30 53.78 -0.41
CA ARG K 211 -13.16 54.41 -1.06
C ARG K 211 -13.36 55.92 -1.39
N ASN K 212 -14.62 56.40 -1.42
CA ASN K 212 -14.98 57.85 -1.41
C ASN K 212 -13.80 58.85 -1.32
N LYS L 1 16.66 -3.92 56.16
CA LYS L 1 15.55 -4.92 56.04
C LYS L 1 15.95 -6.04 55.08
N VAL L 2 15.69 -7.29 55.47
CA VAL L 2 15.82 -8.43 54.58
C VAL L 2 14.42 -8.75 54.08
N TYR L 3 14.20 -8.58 52.80
CA TYR L 3 12.92 -8.95 52.19
C TYR L 3 12.85 -10.46 51.96
N SER L 4 11.65 -11.02 52.05
CA SER L 4 11.39 -12.33 51.46
C SER L 4 11.25 -12.14 49.94
N ARG L 5 11.34 -13.25 49.20
CA ARG L 5 11.35 -13.22 47.73
C ARG L 5 10.10 -12.56 47.15
N CYS L 6 8.92 -13.08 47.52
CA CYS L 6 7.64 -12.54 46.99
C CYS L 6 7.29 -11.14 47.50
N GLU L 7 7.72 -10.80 48.70
CA GLU L 7 7.59 -9.44 49.18
C GLU L 7 8.37 -8.45 48.30
N LEU L 8 9.63 -8.79 47.97
CA LEU L 8 10.44 -7.94 47.11
C LEU L 8 9.80 -7.86 45.74
N ALA L 9 9.43 -9.01 45.19
CA ALA L 9 8.74 -9.05 43.90
C ALA L 9 7.55 -8.09 43.86
N ALA L 10 6.73 -8.08 44.92
CA ALA L 10 5.52 -7.22 44.97
C ALA L 10 5.86 -5.72 45.06
N ALA L 11 6.86 -5.35 45.86
CA ALA L 11 7.29 -3.96 45.94
C ALA L 11 7.90 -3.49 44.58
N MET L 12 8.74 -4.35 43.97
CA MET L 12 9.39 -4.02 42.69
C MET L 12 8.36 -3.82 41.57
N LYS L 13 7.33 -4.64 41.59
CA LYS L 13 6.22 -4.52 40.69
C LYS L 13 5.50 -3.19 40.86
N ARG L 14 5.18 -2.85 42.10
CA ARG L 14 4.52 -1.58 42.44
C ARG L 14 5.37 -0.35 42.07
N LEU L 15 6.68 -0.49 42.12
CA LEU L 15 7.61 0.57 41.72
C LEU L 15 8.06 0.46 40.26
N GLY L 16 7.27 -0.24 39.45
CA GLY L 16 7.42 -0.28 38.01
C GLY L 16 8.64 -0.98 37.42
N LEU L 17 9.17 -2.02 38.06
CA LEU L 17 10.28 -2.75 37.45
C LEU L 17 9.90 -3.84 36.45
N ASP L 18 8.64 -4.29 36.46
CA ASP L 18 8.22 -5.37 35.56
C ASP L 18 8.28 -4.89 34.12
N ASN L 19 9.22 -5.43 33.37
CA ASN L 19 9.43 -5.07 31.98
C ASN L 19 9.91 -3.61 31.83
N TYR L 20 10.63 -3.12 32.84
CA TYR L 20 11.29 -1.84 32.71
C TYR L 20 12.46 -2.01 31.73
N ARG L 21 12.44 -1.28 30.63
CA ARG L 21 13.45 -1.37 29.55
C ARG L 21 13.74 -2.79 29.11
N GLY L 22 12.67 -3.57 28.98
CA GLY L 22 12.72 -4.93 28.44
C GLY L 22 13.06 -6.05 29.40
N TYR L 23 13.28 -5.72 30.67
CA TYR L 23 13.65 -6.68 31.69
C TYR L 23 12.47 -7.04 32.58
N SER L 24 12.04 -8.29 32.46
CA SER L 24 10.90 -8.78 33.22
C SER L 24 11.22 -8.79 34.74
N LEU L 25 10.18 -8.79 35.56
CA LEU L 25 10.32 -8.66 37.02
C LEU L 25 11.30 -9.64 37.66
N GLY L 26 11.29 -10.87 37.14
CA GLY L 26 12.17 -11.92 37.57
C GLY L 26 13.65 -11.58 37.54
N ASN L 27 14.07 -10.83 36.52
CA ASN L 27 15.46 -10.34 36.44
C ASN L 27 15.90 -9.48 37.65
N TRP L 28 15.00 -8.62 38.11
CA TRP L 28 15.28 -7.71 39.21
C TRP L 28 15.32 -8.45 40.54
N VAL L 29 14.40 -9.39 40.72
CA VAL L 29 14.38 -10.24 41.92
C VAL L 29 15.65 -11.11 41.94
N CYS L 30 15.93 -11.78 40.83
CA CYS L 30 17.15 -12.59 40.71
C CYS L 30 18.40 -11.77 41.04
N ALA L 31 18.52 -10.59 40.44
CA ALA L 31 19.67 -9.71 40.68
C ALA L 31 19.83 -9.41 42.16
N ALA L 32 18.73 -9.01 42.80
CA ALA L 32 18.75 -8.67 44.21
C ALA L 32 19.20 -9.87 45.06
N ASN L 33 18.73 -11.07 44.69
CA ASN L 33 19.13 -12.29 45.39
C ASN L 33 20.65 -12.46 45.38
N TYR L 34 21.26 -12.40 44.20
CA TYR L 34 22.71 -12.67 44.11
C TYR L 34 23.62 -11.51 44.51
N GLU L 35 23.12 -10.27 44.40
CA GLU L 35 23.86 -9.10 44.87
C GLU L 35 23.85 -8.96 46.38
N SER L 36 22.68 -9.10 47.00
CA SER L 36 22.50 -8.79 48.43
C SER L 36 21.76 -9.80 49.31
N SER L 37 21.32 -10.93 48.76
CA SER L 37 20.39 -11.87 49.44
C SER L 37 19.13 -11.17 50.00
N PHE L 38 18.64 -10.20 49.24
CA PHE L 38 17.45 -9.39 49.58
C PHE L 38 17.61 -8.50 50.83
N ASN L 39 18.85 -8.10 51.14
CA ASN L 39 19.14 -7.26 52.30
C ASN L 39 19.47 -5.81 51.90
N THR L 40 18.59 -4.89 52.27
CA THR L 40 18.81 -3.46 52.02
C THR L 40 20.01 -2.86 52.75
N GLN L 41 20.45 -3.46 53.87
CA GLN L 41 21.61 -2.94 54.62
C GLN L 41 22.97 -3.46 54.16
N ALA L 42 23.00 -4.28 53.11
CA ALA L 42 24.25 -4.89 52.66
C ALA L 42 25.22 -3.85 52.11
N THR L 43 26.48 -3.97 52.51
CA THR L 43 27.56 -3.15 51.98
C THR L 43 28.72 -4.05 51.62
N ASN L 44 29.45 -3.67 50.58
CA ASN L 44 30.68 -4.35 50.20
C ASN L 44 31.70 -3.32 49.72
N ARG L 45 32.81 -3.21 50.45
CA ARG L 45 33.97 -2.42 50.04
C ARG L 45 34.63 -3.10 48.84
N ASN L 46 34.90 -2.35 47.79
CA ASN L 46 35.62 -2.87 46.62
C ASN L 46 37.11 -2.63 46.76
N THR L 47 37.90 -3.38 45.99
CA THR L 47 39.36 -3.26 45.99
C THR L 47 39.86 -1.81 45.77
N ASP L 48 39.13 -1.03 44.96
CA ASP L 48 39.50 0.37 44.66
C ASP L 48 39.14 1.44 45.73
N GLY L 49 38.46 1.05 46.81
CA GLY L 49 38.13 1.99 47.90
C GLY L 49 36.67 2.44 47.89
N SER L 50 36.02 2.38 46.73
CA SER L 50 34.57 2.58 46.65
C SER L 50 33.81 1.47 47.37
N THR L 51 32.49 1.68 47.54
CA THR L 51 31.64 0.72 48.25
C THR L 51 30.32 0.53 47.49
N ASP L 52 29.81 -0.71 47.55
CA ASP L 52 28.52 -1.10 46.98
C ASP L 52 27.45 -1.09 48.06
N TYR L 53 26.29 -0.48 47.77
CA TYR L 53 25.26 -0.20 48.78
C TYR L 53 23.91 -0.80 48.44
N GLY L 54 23.32 -1.48 49.41
CA GLY L 54 21.91 -1.81 49.39
C GLY L 54 21.52 -3.10 48.69
N ILE L 55 20.22 -3.21 48.45
CA ILE L 55 19.63 -4.44 47.91
C ILE L 55 20.10 -4.74 46.47
N LEU L 56 20.43 -3.71 45.69
CA LEU L 56 21.04 -3.93 44.37
C LEU L 56 22.53 -3.55 44.28
N GLN L 57 23.16 -3.36 45.43
CA GLN L 57 24.61 -3.17 45.52
C GLN L 57 25.13 -2.15 44.51
N ILE L 58 24.57 -0.95 44.60
CA ILE L 58 24.89 0.18 43.73
C ILE L 58 26.20 0.81 44.18
N ASN L 59 27.13 0.98 43.25
CA ASN L 59 28.50 1.37 43.58
C ASN L 59 28.66 2.87 43.73
N SER L 60 29.39 3.30 44.75
CA SER L 60 29.57 4.73 45.05
C SER L 60 30.48 5.49 44.08
N ARG L 61 31.24 4.78 43.24
CA ARG L 61 32.15 5.47 42.31
C ARG L 61 31.39 6.39 41.35
N TRP L 62 30.31 5.87 40.81
CA TRP L 62 29.52 6.64 39.83
C TRP L 62 28.20 7.18 40.36
N TRP L 63 27.52 6.41 41.20
CA TRP L 63 26.09 6.56 41.34
C TRP L 63 25.57 7.38 42.54
N CYS L 64 26.29 7.37 43.64
CA CYS L 64 25.83 8.05 44.84
C CYS L 64 27.04 8.68 45.55
N ASP L 65 26.77 9.63 46.44
CA ASP L 65 27.79 10.36 47.21
C ASP L 65 27.93 9.73 48.60
N ASP L 66 29.08 9.11 48.87
CA ASP L 66 29.32 8.50 50.19
C ASP L 66 30.04 9.43 51.16
N GLY L 67 30.29 10.68 50.74
CA GLY L 67 30.91 11.70 51.60
C GLY L 67 32.42 11.66 51.78
N LYS L 68 33.11 10.75 51.09
CA LYS L 68 34.55 10.49 51.26
C LYS L 68 35.38 11.54 50.50
N SER L 72 32.76 11.59 43.67
CA SER L 72 31.92 12.78 43.62
C SER L 72 31.06 12.85 42.36
N LYS L 73 31.04 11.84 41.49
CA LYS L 73 30.14 11.85 40.33
C LYS L 73 28.65 11.96 40.75
N ASN L 74 28.23 11.04 41.63
CA ASN L 74 26.88 11.06 42.19
C ASN L 74 25.79 11.21 41.10
N ALA L 75 25.79 10.33 40.11
CA ALA L 75 24.84 10.39 39.01
C ALA L 75 23.36 10.26 39.45
N CYS L 76 23.10 9.52 40.52
CA CYS L 76 21.72 9.40 41.02
C CYS L 76 21.31 10.58 41.92
N GLY L 77 22.26 11.44 42.27
CA GLY L 77 21.97 12.65 43.01
C GLY L 77 21.45 12.37 44.42
N ILE L 78 22.09 11.44 45.11
CA ILE L 78 21.68 11.04 46.47
C ILE L 78 22.88 10.65 47.32
N PRO L 79 22.75 10.83 48.66
CA PRO L 79 23.77 10.24 49.53
C PRO L 79 23.65 8.72 49.44
N CYS L 80 24.77 8.00 49.55
CA CYS L 80 24.71 6.52 49.47
C CYS L 80 23.92 5.92 50.64
N SER L 81 23.84 6.66 51.76
CA SER L 81 23.03 6.22 52.89
C SER L 81 21.55 5.92 52.57
N VAL L 82 20.94 6.68 51.64
CA VAL L 82 19.51 6.42 51.31
C VAL L 82 19.31 5.05 50.64
N LEU L 83 20.38 4.51 50.06
CA LEU L 83 20.34 3.16 49.48
C LEU L 83 20.35 2.04 50.52
N LEU L 84 20.51 2.37 51.79
CA LEU L 84 20.41 1.40 52.86
C LEU L 84 19.04 1.39 53.52
N ARG L 85 18.11 2.21 53.04
CA ARG L 85 16.79 2.29 53.66
C ARG L 85 16.00 1.02 53.41
N SER L 86 15.03 0.76 54.30
CA SER L 86 14.13 -0.40 54.17
C SER L 86 13.17 -0.25 53.02
N ASP L 87 12.63 0.95 52.89
CA ASP L 87 11.89 1.33 51.70
C ASP L 87 12.85 1.36 50.50
N ILE L 88 12.58 0.52 49.49
CA ILE L 88 13.44 0.45 48.28
C ILE L 88 13.16 1.49 47.18
N THR L 89 12.25 2.45 47.41
CA THR L 89 11.82 3.45 46.38
C THR L 89 13.02 4.15 45.74
N GLU L 90 13.90 4.70 46.58
CA GLU L 90 15.06 5.43 46.09
C GLU L 90 16.09 4.54 45.40
N ALA L 91 16.25 3.30 45.90
CA ALA L 91 17.13 2.32 45.27
C ALA L 91 16.64 1.98 43.86
N VAL L 92 15.32 1.77 43.73
CA VAL L 92 14.71 1.50 42.44
C VAL L 92 14.90 2.65 41.49
N ARG L 93 14.64 3.87 41.98
CA ARG L 93 14.80 5.07 41.15
C ARG L 93 16.23 5.16 40.58
N CYS L 94 17.24 4.92 41.42
CA CYS L 94 18.63 4.95 41.01
C CYS L 94 18.93 3.78 40.04
N ALA L 95 18.41 2.59 40.35
CA ALA L 95 18.61 1.41 39.47
C ALA L 95 18.05 1.62 38.07
N LYS L 96 16.91 2.32 37.98
CA LYS L 96 16.34 2.67 36.67
C LYS L 96 17.28 3.56 35.84
N ARG L 97 17.93 4.51 36.51
CA ARG L 97 18.90 5.38 35.85
C ARG L 97 20.09 4.56 35.38
N ILE L 98 20.56 3.66 36.25
CA ILE L 98 21.69 2.75 35.92
C ILE L 98 21.35 1.90 34.70
N VAL L 99 20.19 1.28 34.72
CA VAL L 99 19.84 0.36 33.63
C VAL L 99 19.54 1.11 32.32
N SER L 100 19.22 2.40 32.42
CA SER L 100 19.02 3.25 31.27
C SER L 100 20.34 3.69 30.60
N ASP L 101 21.49 3.43 31.25
CA ASP L 101 22.80 3.56 30.59
C ASP L 101 22.85 2.55 29.47
N GLY L 102 23.87 2.65 28.62
CA GLY L 102 24.02 1.69 27.54
C GLY L 102 24.21 0.26 27.99
N ASN L 103 24.77 0.06 29.16
CA ASN L 103 25.07 -1.27 29.68
C ASN L 103 23.85 -2.09 30.11
N GLY L 104 22.68 -1.48 30.28
CA GLY L 104 21.50 -2.21 30.77
C GLY L 104 21.81 -2.96 32.08
N MET L 105 21.21 -4.13 32.28
CA MET L 105 21.43 -4.92 33.51
C MET L 105 22.82 -5.57 33.58
N ASN L 106 23.54 -5.59 32.46
CA ASN L 106 24.92 -6.03 32.41
C ASN L 106 25.87 -5.19 33.32
N ALA L 107 25.39 -4.05 33.82
CA ALA L 107 26.02 -3.33 34.90
C ALA L 107 26.08 -4.11 36.21
N TRP L 108 25.16 -5.04 36.44
CA TRP L 108 25.21 -5.96 37.59
C TRP L 108 25.85 -7.27 37.16
N VAL L 109 27.10 -7.50 37.58
CA VAL L 109 27.83 -8.69 37.12
C VAL L 109 27.19 -9.97 37.63
N ALA L 110 26.65 -9.96 38.85
CA ALA L 110 25.98 -11.14 39.40
C ALA L 110 24.72 -11.49 38.63
N TRP L 111 23.96 -10.48 38.21
CA TRP L 111 22.87 -10.72 37.26
C TRP L 111 23.40 -11.35 35.96
N ARG L 112 24.49 -10.84 35.44
CA ARG L 112 25.07 -11.42 34.22
C ARG L 112 25.47 -12.89 34.41
N ASN L 113 26.16 -13.16 35.51
CA ASN L 113 26.66 -14.52 35.80
C ASN L 113 25.56 -15.55 36.17
N ARG L 114 24.50 -15.09 36.85
CA ARG L 114 23.51 -15.99 37.41
C ARG L 114 22.11 -15.93 36.83
N CYS L 115 21.74 -14.81 36.22
CA CYS L 115 20.36 -14.56 35.84
C CYS L 115 20.15 -14.46 34.33
N ARG L 116 21.08 -13.78 33.64
CA ARG L 116 20.97 -13.54 32.21
C ARG L 116 20.78 -14.85 31.44
N GLY L 117 19.78 -14.85 30.55
CA GLY L 117 19.53 -16.00 29.67
C GLY L 117 18.98 -17.23 30.34
N THR L 118 18.63 -17.15 31.63
CA THR L 118 17.97 -18.23 32.36
C THR L 118 16.48 -17.94 32.44
N ASP L 119 15.70 -18.94 32.84
CA ASP L 119 14.28 -18.75 33.12
C ASP L 119 14.08 -18.03 34.47
N VAL L 120 14.11 -16.72 34.40
CA VAL L 120 13.94 -15.88 35.57
C VAL L 120 12.51 -15.85 36.13
N SER L 121 11.52 -16.36 35.40
CA SER L 121 10.14 -16.45 35.93
C SER L 121 10.01 -17.29 37.22
N LYS L 122 10.91 -18.25 37.41
CA LYS L 122 11.02 -19.01 38.67
C LYS L 122 11.18 -18.13 39.93
N TRP L 123 11.75 -16.92 39.80
CA TRP L 123 11.88 -15.98 40.92
C TRP L 123 10.59 -15.28 41.38
N ILE L 124 9.54 -15.23 40.55
CA ILE L 124 8.23 -14.70 40.98
C ILE L 124 7.12 -15.75 41.03
N ARG L 125 7.49 -17.02 40.90
CA ARG L 125 6.52 -18.12 40.92
C ARG L 125 5.97 -18.25 42.36
N GLY L 126 4.66 -18.42 42.49
CA GLY L 126 4.00 -18.51 43.80
C GLY L 126 3.78 -17.17 44.51
N CYS L 127 4.05 -16.04 43.84
CA CYS L 127 3.88 -14.71 44.43
C CYS L 127 2.51 -14.20 43.99
N ARG L 128 1.73 -13.65 44.91
CA ARG L 128 0.37 -13.20 44.62
C ARG L 128 0.37 -12.22 43.45
N LEU L 129 1.06 -11.09 43.63
CA LEU L 129 1.16 -10.04 42.59
C LEU L 129 -0.20 -9.56 42.08
CL CL M . -13.35 19.83 -7.98
C1 GOL N . -3.37 -17.06 0.42
O1 GOL N . -3.94 -18.37 0.44
C2 GOL N . -3.85 -16.34 1.68
O2 GOL N . -3.13 -16.90 2.78
C3 GOL N . -3.58 -14.84 1.69
O3 GOL N . -4.06 -14.19 0.51
C1 GOL O . -10.85 -18.62 -8.62
O1 GOL O . -11.69 -17.44 -8.53
C2 GOL O . -9.31 -18.43 -8.75
O2 GOL O . -9.02 -17.10 -9.05
C3 GOL O . -8.56 -18.76 -7.45
O3 GOL O . -7.49 -19.70 -7.54
C1 GOL P . -34.01 -33.34 4.50
O1 GOL P . -33.18 -33.58 3.36
C2 GOL P . -35.36 -33.94 4.19
O2 GOL P . -35.33 -35.37 4.42
C3 GOL P . -36.43 -33.23 5.00
O3 GOL P . -36.21 -33.55 6.37
CL CL Q . -4.79 -19.83 -5.89
C1 GOL R . 6.98 -7.69 -7.93
O1 GOL R . 6.52 -8.93 -7.39
C2 GOL R . 5.82 -6.94 -8.55
O2 GOL R . 5.54 -7.59 -9.80
C3 GOL R . 4.59 -7.03 -7.65
O3 GOL R . 3.66 -5.94 -7.72
C1 GOL S . 44.44 -4.70 16.80
O1 GOL S . 45.83 -4.56 16.49
C2 GOL S . 43.67 -3.58 16.10
O2 GOL S . 43.53 -3.88 14.71
C3 GOL S . 42.29 -3.45 16.72
O3 GOL S . 42.10 -2.22 17.41
CL CL T . 40.86 -1.64 8.66
CL CL U . 14.79 10.13 38.23
C1 GOL V . 12.50 9.18 32.09
O1 GOL V . 13.44 8.77 33.09
C2 GOL V . 12.66 10.63 31.70
O2 GOL V . 12.31 10.80 30.32
C3 GOL V . 11.87 11.58 32.64
O3 GOL V . 10.69 12.18 32.07
#